data_5L8Z
# 
_entry.id   5L8Z 
# 
_audit_conform.dict_name       mmcif_pdbx.dic 
_audit_conform.dict_version    5.383 
_audit_conform.dict_location   http://mmcif.pdb.org/dictionaries/ascii/mmcif_pdbx.dic 
# 
loop_
_database_2.database_id 
_database_2.database_code 
_database_2.pdbx_database_accession 
_database_2.pdbx_DOI 
PDB   5L8Z         pdb_00005l8z 10.2210/pdb5l8z/pdb 
WWPDB D_1200000352 ?            ?                   
# 
loop_
_pdbx_audit_revision_history.ordinal 
_pdbx_audit_revision_history.data_content_type 
_pdbx_audit_revision_history.major_revision 
_pdbx_audit_revision_history.minor_revision 
_pdbx_audit_revision_history.revision_date 
1 'Structure model' 1 0 2016-06-22 
2 'Structure model' 1 1 2017-04-12 
3 'Structure model' 1 2 2024-01-10 
# 
_pdbx_audit_revision_details.ordinal             1 
_pdbx_audit_revision_details.revision_ordinal    1 
_pdbx_audit_revision_details.data_content_type   'Structure model' 
_pdbx_audit_revision_details.provider            repository 
_pdbx_audit_revision_details.type                'Initial release' 
_pdbx_audit_revision_details.description         ? 
_pdbx_audit_revision_details.details             ? 
# 
loop_
_pdbx_audit_revision_group.ordinal 
_pdbx_audit_revision_group.revision_ordinal 
_pdbx_audit_revision_group.data_content_type 
_pdbx_audit_revision_group.group 
1 2 'Structure model' 'Database references'    
2 3 'Structure model' 'Data collection'        
3 3 'Structure model' 'Database references'    
4 3 'Structure model' 'Derived calculations'   
5 3 'Structure model' 'Refinement description' 
# 
loop_
_pdbx_audit_revision_category.ordinal 
_pdbx_audit_revision_category.revision_ordinal 
_pdbx_audit_revision_category.data_content_type 
_pdbx_audit_revision_category.category 
1 3 'Structure model' chem_comp_atom                
2 3 'Structure model' chem_comp_bond                
3 3 'Structure model' database_2                    
4 3 'Structure model' pdbx_initial_refinement_model 
5 3 'Structure model' pdbx_struct_special_symmetry  
# 
loop_
_pdbx_audit_revision_item.ordinal 
_pdbx_audit_revision_item.revision_ordinal 
_pdbx_audit_revision_item.data_content_type 
_pdbx_audit_revision_item.item 
1 3 'Structure model' '_database_2.pdbx_DOI'                
2 3 'Structure model' '_database_2.pdbx_database_accession' 
# 
_pdbx_database_PDB_obs_spr.id               SPRSDE 
_pdbx_database_PDB_obs_spr.date             2016-06-22 
_pdbx_database_PDB_obs_spr.pdb_id           5L8Z 
_pdbx_database_PDB_obs_spr.replace_pdb_id   5CVX 
_pdbx_database_PDB_obs_spr.details          ? 
# 
_pdbx_database_status.status_code                     REL 
_pdbx_database_status.status_code_sf                  REL 
_pdbx_database_status.status_code_mr                  ? 
_pdbx_database_status.entry_id                        5L8Z 
_pdbx_database_status.recvd_initial_deposition_date   2016-06-09 
_pdbx_database_status.SG_entry                        N 
_pdbx_database_status.deposit_site                    PDBE 
_pdbx_database_status.process_site                    PDBE 
_pdbx_database_status.status_code_cs                  ? 
_pdbx_database_status.methods_development_category    ? 
_pdbx_database_status.pdb_format_compatible           Y 
_pdbx_database_status.status_code_nmr_data            ? 
# 
loop_
_audit_author.name 
_audit_author.pdbx_ordinal 
'Boyko, K.M.'         1 
'Gorbacheva, M.A.'    2 
'Rakitina, T.V.'      3 
'Korzhenevskiy, D.A.' 4 
'Kamashev, D.E.'      5 
'Vanyushkina, A.A.'   6 
'Lipkin, A.V.'        7 
'Popov, V.O.'         8 
# 
_citation.abstract                  ? 
_citation.abstract_id_CAS           ? 
_citation.book_id_ISBN              ? 
_citation.book_publisher            ? 
_citation.book_publisher_city       ? 
_citation.book_title                ? 
_citation.coordinate_linkage        ? 
_citation.country                   UK 
_citation.database_id_Medline       ? 
_citation.details                   ? 
_citation.id                        primary 
_citation.journal_abbrev            'Sci Rep' 
_citation.journal_id_ASTM           ? 
_citation.journal_id_CSD            ? 
_citation.journal_id_ISSN           2045-2322 
_citation.journal_full              ? 
_citation.journal_issue             ? 
_citation.journal_volume            6 
_citation.language                  ? 
_citation.page_first                36366 
_citation.page_last                 36366 
_citation.title                     
'Structural basis of the high thermal stability of the histone-like HU protein from the mollicute Spiroplasma melliferum KC3.' 
_citation.year                      2016 
_citation.database_id_CSD           ? 
_citation.pdbx_database_id_DOI      10.1038/srep36366 
_citation.pdbx_database_id_PubMed   27808161 
_citation.unpublished_flag          ? 
# 
loop_
_citation_author.citation_id 
_citation_author.name 
_citation_author.ordinal 
_citation_author.identifier_ORCID 
primary 'Boyko, K.M.'         1 ? 
primary 'Rakitina, T.V.'      2 ? 
primary 'Korzhenevskiy, D.A.' 3 ? 
primary 'Vlaskina, A.V.'      4 ? 
primary 'Agapova, Y.K.'       5 ? 
primary 'Kamashev, D.E.'      6 ? 
primary 'Kleymenov, S.Y.'     7 ? 
primary 'Popov, V.O.'         8 ? 
# 
loop_
_entity.id 
_entity.type 
_entity.src_method 
_entity.pdbx_description 
_entity.formula_weight 
_entity.pdbx_number_of_molecules 
_entity.pdbx_ec 
_entity.pdbx_mutation 
_entity.pdbx_fragment 
_entity.details 
1 polymer     man 'DNA-binding protein' 10405.896 1   ? ? ? ? 
2 non-polymer syn 'SODIUM ION'          22.990    1   ? ? ? ? 
3 water       nat water                 18.015    124 ? ? ? ? 
# 
_entity_poly.entity_id                      1 
_entity_poly.type                           'polypeptide(L)' 
_entity_poly.nstd_linkage                   no 
_entity_poly.nstd_monomer                   no 
_entity_poly.pdbx_seq_one_letter_code       
;GHMSKKELAAQIAEKFTDVLSKTHAEEITNFVFDHIKKALVAGKEVSIAGFGKFAVTERAARDGRNPSTGETIKIPASKS
AKFKAGKQLKTDLNNN
;
_entity_poly.pdbx_seq_one_letter_code_can   
;GHMSKKELAAQIAEKFTDVLSKTHAEEITNFVFDHIKKALVAGKEVSIAGFGKFAVTERAARDGRNPSTGETIKIPASKS
AKFKAGKQLKTDLNNN
;
_entity_poly.pdbx_strand_id                 A 
_entity_poly.pdbx_target_identifier         ? 
# 
loop_
_pdbx_entity_nonpoly.entity_id 
_pdbx_entity_nonpoly.name 
_pdbx_entity_nonpoly.comp_id 
2 'SODIUM ION' NA  
3 water        HOH 
# 
loop_
_entity_poly_seq.entity_id 
_entity_poly_seq.num 
_entity_poly_seq.mon_id 
_entity_poly_seq.hetero 
1 1  GLY n 
1 2  HIS n 
1 3  MET n 
1 4  SER n 
1 5  LYS n 
1 6  LYS n 
1 7  GLU n 
1 8  LEU n 
1 9  ALA n 
1 10 ALA n 
1 11 GLN n 
1 12 ILE n 
1 13 ALA n 
1 14 GLU n 
1 15 LYS n 
1 16 PHE n 
1 17 THR n 
1 18 ASP n 
1 19 VAL n 
1 20 LEU n 
1 21 SER n 
1 22 LYS n 
1 23 THR n 
1 24 HIS n 
1 25 ALA n 
1 26 GLU n 
1 27 GLU n 
1 28 ILE n 
1 29 THR n 
1 30 ASN n 
1 31 PHE n 
1 32 VAL n 
1 33 PHE n 
1 34 ASP n 
1 35 HIS n 
1 36 ILE n 
1 37 LYS n 
1 38 LYS n 
1 39 ALA n 
1 40 LEU n 
1 41 VAL n 
1 42 ALA n 
1 43 GLY n 
1 44 LYS n 
1 45 GLU n 
1 46 VAL n 
1 47 SER n 
1 48 ILE n 
1 49 ALA n 
1 50 GLY n 
1 51 PHE n 
1 52 GLY n 
1 53 LYS n 
1 54 PHE n 
1 55 ALA n 
1 56 VAL n 
1 57 THR n 
1 58 GLU n 
1 59 ARG n 
1 60 ALA n 
1 61 ALA n 
1 62 ARG n 
1 63 ASP n 
1 64 GLY n 
1 65 ARG n 
1 66 ASN n 
1 67 PRO n 
1 68 SER n 
1 69 THR n 
1 70 GLY n 
1 71 GLU n 
1 72 THR n 
1 73 ILE n 
1 74 LYS n 
1 75 ILE n 
1 76 PRO n 
1 77 ALA n 
1 78 SER n 
1 79 LYS n 
1 80 SER n 
1 81 ALA n 
1 82 LYS n 
1 83 PHE n 
1 84 LYS n 
1 85 ALA n 
1 86 GLY n 
1 87 LYS n 
1 88 GLN n 
1 89 LEU n 
1 90 LYS n 
1 91 THR n 
1 92 ASP n 
1 93 LEU n 
1 94 ASN n 
1 95 ASN n 
1 96 ASN n 
# 
_entity_src_gen.entity_id                          1 
_entity_src_gen.pdbx_src_id                        1 
_entity_src_gen.pdbx_alt_source_flag               sample 
_entity_src_gen.pdbx_seq_type                      'Biological sequence' 
_entity_src_gen.pdbx_beg_seq_num                   1 
_entity_src_gen.pdbx_end_seq_num                   96 
_entity_src_gen.gene_src_common_name               ? 
_entity_src_gen.gene_src_genus                     ? 
_entity_src_gen.pdbx_gene_src_gene                 SPM_000560 
_entity_src_gen.gene_src_species                   ? 
_entity_src_gen.gene_src_strain                    ? 
_entity_src_gen.gene_src_tissue                    ? 
_entity_src_gen.gene_src_tissue_fraction           ? 
_entity_src_gen.gene_src_details                   ? 
_entity_src_gen.pdbx_gene_src_fragment             ? 
_entity_src_gen.pdbx_gene_src_scientific_name      'Spiroplasma melliferum KC3' 
_entity_src_gen.pdbx_gene_src_ncbi_taxonomy_id     570509 
_entity_src_gen.pdbx_gene_src_variant              ? 
_entity_src_gen.pdbx_gene_src_cell_line            ? 
_entity_src_gen.pdbx_gene_src_atcc                 ? 
_entity_src_gen.pdbx_gene_src_organ                ? 
_entity_src_gen.pdbx_gene_src_organelle            ? 
_entity_src_gen.pdbx_gene_src_cell                 ? 
_entity_src_gen.pdbx_gene_src_cellular_location    ? 
_entity_src_gen.host_org_common_name               ? 
_entity_src_gen.pdbx_host_org_scientific_name      'Escherichia coli BL21(DE3)' 
_entity_src_gen.pdbx_host_org_ncbi_taxonomy_id     469008 
_entity_src_gen.host_org_genus                     ? 
_entity_src_gen.pdbx_host_org_gene                 ? 
_entity_src_gen.pdbx_host_org_organ                ? 
_entity_src_gen.host_org_species                   ? 
_entity_src_gen.pdbx_host_org_tissue               ? 
_entity_src_gen.pdbx_host_org_tissue_fraction      ? 
_entity_src_gen.pdbx_host_org_strain               ? 
_entity_src_gen.pdbx_host_org_variant              ? 
_entity_src_gen.pdbx_host_org_cell_line            ? 
_entity_src_gen.pdbx_host_org_atcc                 ? 
_entity_src_gen.pdbx_host_org_culture_collection   ? 
_entity_src_gen.pdbx_host_org_cell                 ? 
_entity_src_gen.pdbx_host_org_organelle            ? 
_entity_src_gen.pdbx_host_org_cellular_location    ? 
_entity_src_gen.pdbx_host_org_vector_type          plasmid 
_entity_src_gen.pdbx_host_org_vector               ? 
_entity_src_gen.host_org_details                   ? 
_entity_src_gen.expression_system_id               ? 
_entity_src_gen.plasmid_name                       pET-21d 
_entity_src_gen.plasmid_details                    ? 
_entity_src_gen.pdbx_description                   ? 
# 
loop_
_chem_comp.id 
_chem_comp.type 
_chem_comp.mon_nstd_flag 
_chem_comp.name 
_chem_comp.pdbx_synonyms 
_chem_comp.formula 
_chem_comp.formula_weight 
ALA 'L-peptide linking' y ALANINE         ? 'C3 H7 N O2'     89.093  
ARG 'L-peptide linking' y ARGININE        ? 'C6 H15 N4 O2 1' 175.209 
ASN 'L-peptide linking' y ASPARAGINE      ? 'C4 H8 N2 O3'    132.118 
ASP 'L-peptide linking' y 'ASPARTIC ACID' ? 'C4 H7 N O4'     133.103 
GLN 'L-peptide linking' y GLUTAMINE       ? 'C5 H10 N2 O3'   146.144 
GLU 'L-peptide linking' y 'GLUTAMIC ACID' ? 'C5 H9 N O4'     147.129 
GLY 'peptide linking'   y GLYCINE         ? 'C2 H5 N O2'     75.067  
HIS 'L-peptide linking' y HISTIDINE       ? 'C6 H10 N3 O2 1' 156.162 
HOH non-polymer         . WATER           ? 'H2 O'           18.015  
ILE 'L-peptide linking' y ISOLEUCINE      ? 'C6 H13 N O2'    131.173 
LEU 'L-peptide linking' y LEUCINE         ? 'C6 H13 N O2'    131.173 
LYS 'L-peptide linking' y LYSINE          ? 'C6 H15 N2 O2 1' 147.195 
MET 'L-peptide linking' y METHIONINE      ? 'C5 H11 N O2 S'  149.211 
NA  non-polymer         . 'SODIUM ION'    ? 'Na 1'           22.990  
PHE 'L-peptide linking' y PHENYLALANINE   ? 'C9 H11 N O2'    165.189 
PRO 'L-peptide linking' y PROLINE         ? 'C5 H9 N O2'     115.130 
SER 'L-peptide linking' y SERINE          ? 'C3 H7 N O3'     105.093 
THR 'L-peptide linking' y THREONINE       ? 'C4 H9 N O3'     119.119 
VAL 'L-peptide linking' y VALINE          ? 'C5 H11 N O2'    117.146 
# 
loop_
_pdbx_poly_seq_scheme.asym_id 
_pdbx_poly_seq_scheme.entity_id 
_pdbx_poly_seq_scheme.seq_id 
_pdbx_poly_seq_scheme.mon_id 
_pdbx_poly_seq_scheme.ndb_seq_num 
_pdbx_poly_seq_scheme.pdb_seq_num 
_pdbx_poly_seq_scheme.auth_seq_num 
_pdbx_poly_seq_scheme.pdb_mon_id 
_pdbx_poly_seq_scheme.auth_mon_id 
_pdbx_poly_seq_scheme.pdb_strand_id 
_pdbx_poly_seq_scheme.pdb_ins_code 
_pdbx_poly_seq_scheme.hetero 
A 1 1  GLY 1  -1 -1 GLY GLY A . n 
A 1 2  HIS 2  0  0  HIS HIS A . n 
A 1 3  MET 3  1  1  MET MET A . n 
A 1 4  SER 4  2  2  SER SER A . n 
A 1 5  LYS 5  3  3  LYS LYS A . n 
A 1 6  LYS 6  4  4  LYS LYS A . n 
A 1 7  GLU 7  5  5  GLU GLU A . n 
A 1 8  LEU 8  6  6  LEU LEU A . n 
A 1 9  ALA 9  7  7  ALA ALA A . n 
A 1 10 ALA 10 8  8  ALA ALA A . n 
A 1 11 GLN 11 9  9  GLN GLN A . n 
A 1 12 ILE 12 10 10 ILE ILE A . n 
A 1 13 ALA 13 11 11 ALA ALA A . n 
A 1 14 GLU 14 12 12 GLU GLU A . n 
A 1 15 LYS 15 13 13 LYS LYS A . n 
A 1 16 PHE 16 14 14 PHE PHE A . n 
A 1 17 THR 17 15 15 THR THR A . n 
A 1 18 ASP 18 16 16 ASP ASP A . n 
A 1 19 VAL 19 17 17 VAL VAL A . n 
A 1 20 LEU 20 18 18 LEU LEU A . n 
A 1 21 SER 21 19 19 SER SER A . n 
A 1 22 LYS 22 20 20 LYS LYS A . n 
A 1 23 THR 23 21 21 THR THR A . n 
A 1 24 HIS 24 22 22 HIS HIS A . n 
A 1 25 ALA 25 23 23 ALA ALA A . n 
A 1 26 GLU 26 24 24 GLU GLU A . n 
A 1 27 GLU 27 25 25 GLU GLU A . n 
A 1 28 ILE 28 26 26 ILE ILE A . n 
A 1 29 THR 29 27 27 THR THR A . n 
A 1 30 ASN 30 28 28 ASN ASN A . n 
A 1 31 PHE 31 29 29 PHE PHE A . n 
A 1 32 VAL 32 30 30 VAL VAL A . n 
A 1 33 PHE 33 31 31 PHE PHE A . n 
A 1 34 ASP 34 32 32 ASP ASP A . n 
A 1 35 HIS 35 33 33 HIS HIS A . n 
A 1 36 ILE 36 34 34 ILE ILE A . n 
A 1 37 LYS 37 35 35 LYS LYS A . n 
A 1 38 LYS 38 36 36 LYS LYS A . n 
A 1 39 ALA 39 37 37 ALA ALA A . n 
A 1 40 LEU 40 38 38 LEU LEU A . n 
A 1 41 VAL 41 39 39 VAL VAL A . n 
A 1 42 ALA 42 40 40 ALA ALA A . n 
A 1 43 GLY 43 41 41 GLY GLY A . n 
A 1 44 LYS 44 42 42 LYS LYS A . n 
A 1 45 GLU 45 43 43 GLU GLU A . n 
A 1 46 VAL 46 44 44 VAL VAL A . n 
A 1 47 SER 47 45 45 SER SER A . n 
A 1 48 ILE 48 46 46 ILE ILE A . n 
A 1 49 ALA 49 47 47 ALA ALA A . n 
A 1 50 GLY 50 48 48 GLY GLY A . n 
A 1 51 PHE 51 49 49 PHE PHE A . n 
A 1 52 GLY 52 50 50 GLY GLY A . n 
A 1 53 LYS 53 51 51 LYS LYS A . n 
A 1 54 PHE 54 52 52 PHE PHE A . n 
A 1 55 ALA 55 53 53 ALA ALA A . n 
A 1 56 VAL 56 54 54 VAL VAL A . n 
A 1 57 THR 57 55 55 THR THR A . n 
A 1 58 GLU 58 56 56 GLU GLU A . n 
A 1 59 ARG 59 57 57 ARG ARG A . n 
A 1 60 ALA 60 58 58 ALA ALA A . n 
A 1 61 ALA 61 59 59 ALA ALA A . n 
A 1 62 ARG 62 60 60 ARG ARG A . n 
A 1 63 ASP 63 61 61 ASP ASP A . n 
A 1 64 GLY 64 62 62 GLY GLY A . n 
A 1 65 ARG 65 63 63 ARG ARG A . n 
A 1 66 ASN 66 64 64 ASN ASN A . n 
A 1 67 PRO 67 65 65 PRO PRO A . n 
A 1 68 SER 68 66 66 SER SER A . n 
A 1 69 THR 69 67 67 THR THR A . n 
A 1 70 GLY 70 68 68 GLY GLY A . n 
A 1 71 GLU 71 69 69 GLU GLU A . n 
A 1 72 THR 72 70 70 THR THR A . n 
A 1 73 ILE 73 71 71 ILE ILE A . n 
A 1 74 LYS 74 72 72 LYS LYS A . n 
A 1 75 ILE 75 73 73 ILE ILE A . n 
A 1 76 PRO 76 74 74 PRO PRO A . n 
A 1 77 ALA 77 75 75 ALA ALA A . n 
A 1 78 SER 78 76 76 SER SER A . n 
A 1 79 LYS 79 77 77 LYS LYS A . n 
A 1 80 SER 80 78 78 SER SER A . n 
A 1 81 ALA 81 79 79 ALA ALA A . n 
A 1 82 LYS 82 80 80 LYS LYS A . n 
A 1 83 PHE 83 81 81 PHE PHE A . n 
A 1 84 LYS 84 82 82 LYS LYS A . n 
A 1 85 ALA 85 83 83 ALA ALA A . n 
A 1 86 GLY 86 84 84 GLY GLY A . n 
A 1 87 LYS 87 85 85 LYS LYS A . n 
A 1 88 GLN 88 86 86 GLN GLN A . n 
A 1 89 LEU 89 87 87 LEU LEU A . n 
A 1 90 LYS 90 88 88 LYS LYS A . n 
A 1 91 THR 91 89 89 THR THR A . n 
A 1 92 ASP 92 90 90 ASP ASP A . n 
A 1 93 LEU 93 91 91 LEU LEU A . n 
A 1 94 ASN 94 92 92 ASN ASN A . n 
A 1 95 ASN 95 93 93 ASN ASN A . n 
A 1 96 ASN 96 94 ?  ?   ?   A . n 
# 
loop_
_pdbx_nonpoly_scheme.asym_id 
_pdbx_nonpoly_scheme.entity_id 
_pdbx_nonpoly_scheme.mon_id 
_pdbx_nonpoly_scheme.ndb_seq_num 
_pdbx_nonpoly_scheme.pdb_seq_num 
_pdbx_nonpoly_scheme.auth_seq_num 
_pdbx_nonpoly_scheme.pdb_mon_id 
_pdbx_nonpoly_scheme.auth_mon_id 
_pdbx_nonpoly_scheme.pdb_strand_id 
_pdbx_nonpoly_scheme.pdb_ins_code 
B 2 NA  1   101 1   NA  NA  A . 
C 3 HOH 1   201 81  HOH HOH A . 
C 3 HOH 2   202 101 HOH HOH A . 
C 3 HOH 3   203 12  HOH HOH A . 
C 3 HOH 4   204 59  HOH HOH A . 
C 3 HOH 5   205 64  HOH HOH A . 
C 3 HOH 6   206 85  HOH HOH A . 
C 3 HOH 7   207 55  HOH HOH A . 
C 3 HOH 8   208 102 HOH HOH A . 
C 3 HOH 9   209 43  HOH HOH A . 
C 3 HOH 10  210 98  HOH HOH A . 
C 3 HOH 11  211 44  HOH HOH A . 
C 3 HOH 12  212 18  HOH HOH A . 
C 3 HOH 13  213 129 HOH HOH A . 
C 3 HOH 14  214 70  HOH HOH A . 
C 3 HOH 15  215 41  HOH HOH A . 
C 3 HOH 16  216 30  HOH HOH A . 
C 3 HOH 17  217 11  HOH HOH A . 
C 3 HOH 18  218 87  HOH HOH A . 
C 3 HOH 19  219 117 HOH HOH A . 
C 3 HOH 20  220 82  HOH HOH A . 
C 3 HOH 21  221 120 HOH HOH A . 
C 3 HOH 22  222 95  HOH HOH A . 
C 3 HOH 23  223 7   HOH HOH A . 
C 3 HOH 24  224 48  HOH HOH A . 
C 3 HOH 25  225 78  HOH HOH A . 
C 3 HOH 26  226 62  HOH HOH A . 
C 3 HOH 27  227 27  HOH HOH A . 
C 3 HOH 28  228 88  HOH HOH A . 
C 3 HOH 29  229 121 HOH HOH A . 
C 3 HOH 30  230 29  HOH HOH A . 
C 3 HOH 31  231 69  HOH HOH A . 
C 3 HOH 32  232 127 HOH HOH A . 
C 3 HOH 33  233 14  HOH HOH A . 
C 3 HOH 34  234 91  HOH HOH A . 
C 3 HOH 35  235 6   HOH HOH A . 
C 3 HOH 36  236 2   HOH HOH A . 
C 3 HOH 37  237 86  HOH HOH A . 
C 3 HOH 38  238 36  HOH HOH A . 
C 3 HOH 39  239 92  HOH HOH A . 
C 3 HOH 40  240 4   HOH HOH A . 
C 3 HOH 41  241 21  HOH HOH A . 
C 3 HOH 42  242 9   HOH HOH A . 
C 3 HOH 43  243 105 HOH HOH A . 
C 3 HOH 44  244 99  HOH HOH A . 
C 3 HOH 45  245 66  HOH HOH A . 
C 3 HOH 46  246 10  HOH HOH A . 
C 3 HOH 47  247 103 HOH HOH A . 
C 3 HOH 48  248 15  HOH HOH A . 
C 3 HOH 49  249 67  HOH HOH A . 
C 3 HOH 50  250 26  HOH HOH A . 
C 3 HOH 51  251 76  HOH HOH A . 
C 3 HOH 52  252 89  HOH HOH A . 
C 3 HOH 53  253 24  HOH HOH A . 
C 3 HOH 54  254 3   HOH HOH A . 
C 3 HOH 55  255 61  HOH HOH A . 
C 3 HOH 56  256 34  HOH HOH A . 
C 3 HOH 57  257 77  HOH HOH A . 
C 3 HOH 58  258 46  HOH HOH A . 
C 3 HOH 59  259 113 HOH HOH A . 
C 3 HOH 60  260 32  HOH HOH A . 
C 3 HOH 61  261 8   HOH HOH A . 
C 3 HOH 62  262 42  HOH HOH A . 
C 3 HOH 63  263 20  HOH HOH A . 
C 3 HOH 64  264 13  HOH HOH A . 
C 3 HOH 65  265 111 HOH HOH A . 
C 3 HOH 66  266 71  HOH HOH A . 
C 3 HOH 67  267 83  HOH HOH A . 
C 3 HOH 68  268 37  HOH HOH A . 
C 3 HOH 69  269 23  HOH HOH A . 
C 3 HOH 70  270 63  HOH HOH A . 
C 3 HOH 71  271 45  HOH HOH A . 
C 3 HOH 72  272 19  HOH HOH A . 
C 3 HOH 73  273 104 HOH HOH A . 
C 3 HOH 74  274 28  HOH HOH A . 
C 3 HOH 75  275 25  HOH HOH A . 
C 3 HOH 76  276 40  HOH HOH A . 
C 3 HOH 77  277 56  HOH HOH A . 
C 3 HOH 78  278 126 HOH HOH A . 
C 3 HOH 79  279 110 HOH HOH A . 
C 3 HOH 80  280 90  HOH HOH A . 
C 3 HOH 81  281 75  HOH HOH A . 
C 3 HOH 82  282 93  HOH HOH A . 
C 3 HOH 83  283 57  HOH HOH A . 
C 3 HOH 84  284 52  HOH HOH A . 
C 3 HOH 85  285 39  HOH HOH A . 
C 3 HOH 86  286 16  HOH HOH A . 
C 3 HOH 87  287 38  HOH HOH A . 
C 3 HOH 88  288 49  HOH HOH A . 
C 3 HOH 89  289 47  HOH HOH A . 
C 3 HOH 90  290 5   HOH HOH A . 
C 3 HOH 91  291 96  HOH HOH A . 
C 3 HOH 92  292 31  HOH HOH A . 
C 3 HOH 93  293 17  HOH HOH A . 
C 3 HOH 94  294 22  HOH HOH A . 
C 3 HOH 95  295 33  HOH HOH A . 
C 3 HOH 96  296 60  HOH HOH A . 
C 3 HOH 97  297 54  HOH HOH A . 
C 3 HOH 98  298 122 HOH HOH A . 
C 3 HOH 99  299 116 HOH HOH A . 
C 3 HOH 100 300 123 HOH HOH A . 
C 3 HOH 101 301 109 HOH HOH A . 
C 3 HOH 102 302 80  HOH HOH A . 
C 3 HOH 103 303 35  HOH HOH A . 
C 3 HOH 104 304 53  HOH HOH A . 
C 3 HOH 105 305 112 HOH HOH A . 
C 3 HOH 106 306 107 HOH HOH A . 
C 3 HOH 107 307 108 HOH HOH A . 
C 3 HOH 108 308 124 HOH HOH A . 
C 3 HOH 109 309 100 HOH HOH A . 
C 3 HOH 110 310 97  HOH HOH A . 
C 3 HOH 111 311 94  HOH HOH A . 
C 3 HOH 112 312 125 HOH HOH A . 
C 3 HOH 113 313 58  HOH HOH A . 
C 3 HOH 114 314 72  HOH HOH A . 
C 3 HOH 115 315 128 HOH HOH A . 
C 3 HOH 116 316 84  HOH HOH A . 
C 3 HOH 117 317 118 HOH HOH A . 
C 3 HOH 118 318 50  HOH HOH A . 
C 3 HOH 119 319 74  HOH HOH A . 
C 3 HOH 120 320 119 HOH HOH A . 
C 3 HOH 121 321 51  HOH HOH A . 
C 3 HOH 122 322 106 HOH HOH A . 
C 3 HOH 123 323 65  HOH HOH A . 
C 3 HOH 124 324 114 HOH HOH A . 
# 
loop_
_pdbx_unobs_or_zero_occ_atoms.id 
_pdbx_unobs_or_zero_occ_atoms.PDB_model_num 
_pdbx_unobs_or_zero_occ_atoms.polymer_flag 
_pdbx_unobs_or_zero_occ_atoms.occupancy_flag 
_pdbx_unobs_or_zero_occ_atoms.auth_asym_id 
_pdbx_unobs_or_zero_occ_atoms.auth_comp_id 
_pdbx_unobs_or_zero_occ_atoms.auth_seq_id 
_pdbx_unobs_or_zero_occ_atoms.PDB_ins_code 
_pdbx_unobs_or_zero_occ_atoms.auth_atom_id 
_pdbx_unobs_or_zero_occ_atoms.label_alt_id 
_pdbx_unobs_or_zero_occ_atoms.label_asym_id 
_pdbx_unobs_or_zero_occ_atoms.label_comp_id 
_pdbx_unobs_or_zero_occ_atoms.label_seq_id 
_pdbx_unobs_or_zero_occ_atoms.label_atom_id 
1  1 Y 0 A LYS 36 ? CE  A A LYS 38 CE  
2  1 Y 0 A LYS 36 ? NZ  A A LYS 38 NZ  
3  1 Y 1 A ARG 63 ? CG  ? A ARG 65 CG  
4  1 Y 1 A ARG 63 ? CD  ? A ARG 65 CD  
5  1 Y 1 A ARG 63 ? NE  ? A ARG 65 NE  
6  1 Y 1 A ARG 63 ? CZ  ? A ARG 65 CZ  
7  1 Y 1 A ARG 63 ? NH1 ? A ARG 65 NH1 
8  1 Y 1 A ARG 63 ? NH2 ? A ARG 65 NH2 
9  1 Y 1 A SER 66 ? OG  ? A SER 68 OG  
10 1 Y 0 A SER 66 ? N   ? A SER 68 N   
11 1 Y 0 A SER 66 ? CB  ? A SER 68 CB  
12 1 Y 1 A THR 70 ? OG1 ? A THR 72 OG1 
13 1 Y 1 A THR 70 ? CG2 ? A THR 72 CG2 
14 1 Y 1 A ILE 71 ? CG1 ? A ILE 73 CG1 
15 1 Y 1 A ILE 71 ? CG2 ? A ILE 73 CG2 
16 1 Y 1 A ILE 71 ? CD1 ? A ILE 73 CD1 
17 1 Y 1 A LYS 85 ? CG  ? A LYS 87 CG  
18 1 Y 1 A LYS 85 ? CD  ? A LYS 87 CD  
19 1 Y 1 A LYS 85 ? CE  ? A LYS 87 CE  
20 1 Y 1 A LYS 85 ? NZ  ? A LYS 87 NZ  
21 1 Y 1 A ASN 93 ? CG  ? A ASN 95 CG  
22 1 Y 1 A ASN 93 ? OD1 ? A ASN 95 OD1 
23 1 Y 1 A ASN 93 ? ND2 ? A ASN 95 ND2 
# 
loop_
_software.citation_id 
_software.classification 
_software.compiler_name 
_software.compiler_version 
_software.contact_author 
_software.contact_author_email 
_software.date 
_software.description 
_software.dependencies 
_software.hardware 
_software.language 
_software.location 
_software.mods 
_software.name 
_software.os 
_software.os_version 
_software.type 
_software.version 
_software.pdbx_ordinal 
? 'data scaling'    ? ? ? ? ? ? ? ? ? ? ? Aimless     ? ? ? 0.5.26   1 
? refinement        ? ? ? ? ? ? ? ? ? ? ? REFMAC      ? ? ? 5.8.0151 2 
? 'data extraction' ? ? ? ? ? ? ? ? ? ? ? PDB_EXTRACT ? ? ? 3.20     3 
? 'data reduction'  ? ? ? ? ? ? ? ? ? ? ? iMOSFLM     ? ? ? .        4 
? phasing           ? ? ? ? ? ? ? ? ? ? ? BALBES      ? ? ? .        5 
# 
_cell.angle_alpha                  90.000 
_cell.angle_alpha_esd              ? 
_cell.angle_beta                   108.360 
_cell.angle_beta_esd               ? 
_cell.angle_gamma                  90.000 
_cell.angle_gamma_esd              ? 
_cell.entry_id                     5L8Z 
_cell.details                      ? 
_cell.formula_units_Z              ? 
_cell.length_a                     57.000 
_cell.length_a_esd                 ? 
_cell.length_b                     39.010 
_cell.length_b_esd                 ? 
_cell.length_c                     38.780 
_cell.length_c_esd                 ? 
_cell.volume                       ? 
_cell.volume_esd                   ? 
_cell.Z_PDB                        4 
_cell.reciprocal_angle_alpha       ? 
_cell.reciprocal_angle_beta        ? 
_cell.reciprocal_angle_gamma       ? 
_cell.reciprocal_angle_alpha_esd   ? 
_cell.reciprocal_angle_beta_esd    ? 
_cell.reciprocal_angle_gamma_esd   ? 
_cell.reciprocal_length_a          ? 
_cell.reciprocal_length_b          ? 
_cell.reciprocal_length_c          ? 
_cell.reciprocal_length_a_esd      ? 
_cell.reciprocal_length_b_esd      ? 
_cell.reciprocal_length_c_esd      ? 
_cell.pdbx_unique_axis             ? 
# 
_symmetry.entry_id                         5L8Z 
_symmetry.cell_setting                     ? 
_symmetry.Int_Tables_number                5 
_symmetry.space_group_name_Hall            ? 
_symmetry.space_group_name_H-M             'C 1 2 1' 
_symmetry.pdbx_full_space_group_name_H-M   ? 
# 
_exptl.absorpt_coefficient_mu     ? 
_exptl.absorpt_correction_T_max   ? 
_exptl.absorpt_correction_T_min   ? 
_exptl.absorpt_correction_type    ? 
_exptl.absorpt_process_details    ? 
_exptl.entry_id                   5L8Z 
_exptl.crystals_number            1 
_exptl.details                    ? 
_exptl.method                     'X-RAY DIFFRACTION' 
_exptl.method_details             ? 
# 
_exptl_crystal.colour                      ? 
_exptl_crystal.density_diffrn              ? 
_exptl_crystal.density_Matthews            1.99 
_exptl_crystal.density_method              ? 
_exptl_crystal.density_percent_sol         38.13 
_exptl_crystal.description                 ? 
_exptl_crystal.F_000                       ? 
_exptl_crystal.id                          1 
_exptl_crystal.preparation                 ? 
_exptl_crystal.size_max                    ? 
_exptl_crystal.size_mid                    ? 
_exptl_crystal.size_min                    ? 
_exptl_crystal.size_rad                    ? 
_exptl_crystal.colour_lustre               ? 
_exptl_crystal.colour_modifier             ? 
_exptl_crystal.colour_primary              ? 
_exptl_crystal.density_meas                ? 
_exptl_crystal.density_meas_esd            ? 
_exptl_crystal.density_meas_gt             ? 
_exptl_crystal.density_meas_lt             ? 
_exptl_crystal.density_meas_temp           ? 
_exptl_crystal.density_meas_temp_esd       ? 
_exptl_crystal.density_meas_temp_gt        ? 
_exptl_crystal.density_meas_temp_lt        ? 
_exptl_crystal.pdbx_crystal_image_url      ? 
_exptl_crystal.pdbx_crystal_image_format   ? 
_exptl_crystal.pdbx_mosaicity              ? 
_exptl_crystal.pdbx_mosaicity_esd          ? 
# 
_exptl_crystal_grow.apparatus       ? 
_exptl_crystal_grow.atmosphere      ? 
_exptl_crystal_grow.crystal_id      1 
_exptl_crystal_grow.details         ? 
_exptl_crystal_grow.method          'VAPOR DIFFUSION, HANGING DROP' 
_exptl_crystal_grow.method_ref      ? 
_exptl_crystal_grow.pH              8 
_exptl_crystal_grow.pressure        ? 
_exptl_crystal_grow.pressure_esd    ? 
_exptl_crystal_grow.seeding         ? 
_exptl_crystal_grow.seeding_ref     ? 
_exptl_crystal_grow.temp            277 
_exptl_crystal_grow.temp_details    ? 
_exptl_crystal_grow.temp_esd        ? 
_exptl_crystal_grow.time            ? 
_exptl_crystal_grow.pdbx_details    '0.1M TRIS, 35% PEG400, 5% glycerol' 
_exptl_crystal_grow.pdbx_pH_range   ? 
# 
_diffrn.ambient_environment    ? 
_diffrn.ambient_temp           100 
_diffrn.ambient_temp_details   ? 
_diffrn.ambient_temp_esd       ? 
_diffrn.crystal_id             1 
_diffrn.crystal_support        ? 
_diffrn.crystal_treatment      ? 
_diffrn.details                ? 
_diffrn.id                     1 
_diffrn.ambient_pressure       ? 
_diffrn.ambient_pressure_esd   ? 
_diffrn.ambient_pressure_gt    ? 
_diffrn.ambient_pressure_lt    ? 
_diffrn.ambient_temp_gt        ? 
_diffrn.ambient_temp_lt        ? 
# 
_diffrn_detector.details                      ? 
_diffrn_detector.detector                     CCD 
_diffrn_detector.diffrn_id                    1 
_diffrn_detector.type                         'MAR CCD 165 mm' 
_diffrn_detector.area_resol_mean              ? 
_diffrn_detector.dtime                        ? 
_diffrn_detector.pdbx_frames_total            ? 
_diffrn_detector.pdbx_collection_time_total   ? 
_diffrn_detector.pdbx_collection_date         2012-11-22 
# 
_diffrn_radiation.collimation                      ? 
_diffrn_radiation.diffrn_id                        1 
_diffrn_radiation.filter_edge                      ? 
_diffrn_radiation.inhomogeneity                    ? 
_diffrn_radiation.monochromator                    GRAPHITE 
_diffrn_radiation.polarisn_norm                    ? 
_diffrn_radiation.polarisn_ratio                   ? 
_diffrn_radiation.probe                            ? 
_diffrn_radiation.type                             ? 
_diffrn_radiation.xray_symbol                      ? 
_diffrn_radiation.wavelength_id                    1 
_diffrn_radiation.pdbx_monochromatic_or_laue_m_l   M 
_diffrn_radiation.pdbx_wavelength_list             ? 
_diffrn_radiation.pdbx_wavelength                  ? 
_diffrn_radiation.pdbx_diffrn_protocol             'SINGLE WAVELENGTH' 
_diffrn_radiation.pdbx_analyzer                    ? 
_diffrn_radiation.pdbx_scattering_type             x-ray 
# 
_diffrn_radiation_wavelength.id           1 
_diffrn_radiation_wavelength.wavelength   0.984 
_diffrn_radiation_wavelength.wt           1.0 
# 
_diffrn_source.current                     ? 
_diffrn_source.details                     ? 
_diffrn_source.diffrn_id                   1 
_diffrn_source.power                       ? 
_diffrn_source.size                        ? 
_diffrn_source.source                      SYNCHROTRON 
_diffrn_source.target                      ? 
_diffrn_source.type                        'KURCHATOV SNC BEAMLINE K4.4' 
_diffrn_source.voltage                     ? 
_diffrn_source.take-off_angle              ? 
_diffrn_source.pdbx_wavelength_list        0.984 
_diffrn_source.pdbx_wavelength             ? 
_diffrn_source.pdbx_synchrotron_beamline   K4.4 
_diffrn_source.pdbx_synchrotron_site       'KURCHATOV SNC' 
# 
_reflns.B_iso_Wilson_estimate            ? 
_reflns.entry_id                         5L8Z 
_reflns.data_reduction_details           ? 
_reflns.data_reduction_method            ? 
_reflns.d_resolution_high                1.400 
_reflns.d_resolution_low                 31.640 
_reflns.details                          ? 
_reflns.limit_h_max                      ? 
_reflns.limit_h_min                      ? 
_reflns.limit_k_max                      ? 
_reflns.limit_k_min                      ? 
_reflns.limit_l_max                      ? 
_reflns.limit_l_min                      ? 
_reflns.number_all                       ? 
_reflns.number_obs                       15292 
_reflns.observed_criterion               ? 
_reflns.observed_criterion_F_max         ? 
_reflns.observed_criterion_F_min         ? 
_reflns.observed_criterion_I_max         ? 
_reflns.observed_criterion_I_min         ? 
_reflns.observed_criterion_sigma_F       ? 
_reflns.observed_criterion_sigma_I       ? 
_reflns.percent_possible_obs             95.400 
_reflns.R_free_details                   ? 
_reflns.Rmerge_F_all                     ? 
_reflns.Rmerge_F_obs                     ? 
_reflns.Friedel_coverage                 ? 
_reflns.number_gt                        ? 
_reflns.threshold_expression             ? 
_reflns.pdbx_redundancy                  3.600 
_reflns.pdbx_Rmerge_I_obs                0.049 
_reflns.pdbx_Rmerge_I_all                ? 
_reflns.pdbx_Rsym_value                  ? 
_reflns.pdbx_netI_over_av_sigmaI         ? 
_reflns.pdbx_netI_over_sigmaI            13.500 
_reflns.pdbx_res_netI_over_av_sigmaI_2   ? 
_reflns.pdbx_res_netI_over_sigmaI_2      ? 
_reflns.pdbx_chi_squared                 ? 
_reflns.pdbx_scaling_rejects             47 
_reflns.pdbx_d_res_high_opt              ? 
_reflns.pdbx_d_res_low_opt               ? 
_reflns.pdbx_d_res_opt_method            ? 
_reflns.phase_calculation_details        ? 
_reflns.pdbx_Rrim_I_all                  0.058 
_reflns.pdbx_Rpim_I_all                  0.030 
_reflns.pdbx_d_opt                       ? 
_reflns.pdbx_number_measured_all         54665 
_reflns.pdbx_diffrn_id                   1 
_reflns.pdbx_ordinal                     1 
_reflns.pdbx_CC_half                     0.997 
_reflns.pdbx_R_split                     ? 
# 
_reflns_shell.d_res_high                  1.400 
_reflns_shell.d_res_low                   1.420 
_reflns_shell.meanI_over_sigI_all         ? 
_reflns_shell.meanI_over_sigI_obs         ? 
_reflns_shell.number_measured_all         ? 
_reflns_shell.number_measured_obs         ? 
_reflns_shell.number_possible             ? 
_reflns_shell.number_unique_all           ? 
_reflns_shell.number_unique_obs           ? 
_reflns_shell.percent_possible_all        96.800 
_reflns_shell.percent_possible_obs        ? 
_reflns_shell.Rmerge_F_all                ? 
_reflns_shell.Rmerge_F_obs                ? 
_reflns_shell.Rmerge_I_all                ? 
_reflns_shell.Rmerge_I_obs                0.279 
_reflns_shell.meanI_over_sigI_gt          ? 
_reflns_shell.meanI_over_uI_all           ? 
_reflns_shell.meanI_over_uI_gt            ? 
_reflns_shell.number_measured_gt          ? 
_reflns_shell.number_unique_gt            ? 
_reflns_shell.percent_possible_gt         ? 
_reflns_shell.Rmerge_F_gt                 ? 
_reflns_shell.Rmerge_I_gt                 ? 
_reflns_shell.pdbx_redundancy             3.500 
_reflns_shell.pdbx_Rsym_value             ? 
_reflns_shell.pdbx_chi_squared            ? 
_reflns_shell.pdbx_netI_over_sigmaI_all   ? 
_reflns_shell.pdbx_netI_over_sigmaI_obs   ? 
_reflns_shell.pdbx_Rrim_I_all             ? 
_reflns_shell.pdbx_Rpim_I_all             ? 
_reflns_shell.pdbx_rejects                ? 
_reflns_shell.pdbx_ordinal                1 
_reflns_shell.pdbx_diffrn_id              1 
_reflns_shell.pdbx_CC_half                ? 
_reflns_shell.pdbx_R_split                ? 
# 
_refine.aniso_B[1][1]                            0.7700 
_refine.aniso_B[1][2]                            -0.0000 
_refine.aniso_B[1][3]                            -0.1900 
_refine.aniso_B[2][2]                            -0.0200 
_refine.aniso_B[2][3]                            -0.0000 
_refine.aniso_B[3][3]                            -0.5100 
_refine.B_iso_max                                48.780 
_refine.B_iso_mean                               17.7070 
_refine.B_iso_min                                8.450 
_refine.correlation_coeff_Fo_to_Fc               0.9530 
_refine.correlation_coeff_Fo_to_Fc_free          0.9390 
_refine.details                                  'U VALUES      : REFINED INDIVIDUALLY' 
_refine.diff_density_max                         ? 
_refine.diff_density_max_esd                     ? 
_refine.diff_density_min                         ? 
_refine.diff_density_min_esd                     ? 
_refine.diff_density_rms                         ? 
_refine.diff_density_rms_esd                     ? 
_refine.entry_id                                 5L8Z 
_refine.pdbx_refine_id                           'X-RAY DIFFRACTION' 
_refine.ls_abs_structure_details                 ? 
_refine.ls_abs_structure_Flack                   ? 
_refine.ls_abs_structure_Flack_esd               ? 
_refine.ls_abs_structure_Rogers                  ? 
_refine.ls_abs_structure_Rogers_esd              ? 
_refine.ls_d_res_high                            1.4000 
_refine.ls_d_res_low                             31.640 
_refine.ls_extinction_coef                       ? 
_refine.ls_extinction_coef_esd                   ? 
_refine.ls_extinction_expression                 ? 
_refine.ls_extinction_method                     ? 
_refine.ls_goodness_of_fit_all                   ? 
_refine.ls_goodness_of_fit_all_esd               ? 
_refine.ls_goodness_of_fit_obs                   ? 
_refine.ls_goodness_of_fit_obs_esd               ? 
_refine.ls_hydrogen_treatment                    ? 
_refine.ls_matrix_type                           ? 
_refine.ls_number_constraints                    ? 
_refine.ls_number_parameters                     ? 
_refine.ls_number_reflns_all                     ? 
_refine.ls_number_reflns_obs                     14567 
_refine.ls_number_reflns_R_free                  724 
_refine.ls_number_reflns_R_work                  ? 
_refine.ls_number_restraints                     ? 
_refine.ls_percent_reflns_obs                    95.2900 
_refine.ls_percent_reflns_R_free                 4.7000 
_refine.ls_R_factor_all                          ? 
_refine.ls_R_factor_obs                          0.1815 
_refine.ls_R_factor_R_free                       0.2113 
_refine.ls_R_factor_R_free_error                 ? 
_refine.ls_R_factor_R_free_error_details         ? 
_refine.ls_R_factor_R_work                       0.1800 
_refine.ls_R_Fsqd_factor_obs                     ? 
_refine.ls_R_I_factor_obs                        ? 
_refine.ls_redundancy_reflns_all                 ? 
_refine.ls_redundancy_reflns_obs                 ? 
_refine.ls_restrained_S_all                      ? 
_refine.ls_restrained_S_obs                      ? 
_refine.ls_shift_over_esd_max                    ? 
_refine.ls_shift_over_esd_mean                   ? 
_refine.ls_structure_factor_coef                 ? 
_refine.ls_weighting_details                     ? 
_refine.ls_weighting_scheme                      ? 
_refine.ls_wR_factor_all                         ? 
_refine.ls_wR_factor_obs                         ? 
_refine.ls_wR_factor_R_free                      ? 
_refine.ls_wR_factor_R_work                      ? 
_refine.occupancy_max                            ? 
_refine.occupancy_min                            ? 
_refine.solvent_model_details                    ? 
_refine.solvent_model_param_bsol                 ? 
_refine.solvent_model_param_ksol                 ? 
_refine.ls_R_factor_gt                           ? 
_refine.ls_goodness_of_fit_gt                    ? 
_refine.ls_goodness_of_fit_ref                   ? 
_refine.ls_shift_over_su_max                     ? 
_refine.ls_shift_over_su_max_lt                  ? 
_refine.ls_shift_over_su_mean                    ? 
_refine.ls_shift_over_su_mean_lt                 ? 
_refine.pdbx_ls_sigma_I                          ? 
_refine.pdbx_ls_sigma_F                          0.000 
_refine.pdbx_ls_sigma_Fsqd                       ? 
_refine.pdbx_data_cutoff_high_absF               ? 
_refine.pdbx_data_cutoff_high_rms_absF           ? 
_refine.pdbx_data_cutoff_low_absF                ? 
_refine.pdbx_isotropic_thermal_model             ? 
_refine.pdbx_ls_cross_valid_method               THROUGHOUT 
_refine.pdbx_method_to_determine_struct          'MOLECULAR REPLACEMENT' 
_refine.pdbx_starting_model                      1HUU 
_refine.pdbx_stereochemistry_target_values       ? 
_refine.pdbx_R_Free_selection_details            RANDOM 
_refine.pdbx_stereochem_target_val_spec_case     ? 
_refine.pdbx_overall_ESU_R                       0.0720 
_refine.pdbx_overall_ESU_R_Free                  0.0740 
_refine.pdbx_solvent_vdw_probe_radii             1.2000 
_refine.pdbx_solvent_ion_probe_radii             0.8000 
_refine.pdbx_solvent_shrinkage_radii             0.8000 
_refine.pdbx_real_space_R                        ? 
_refine.pdbx_density_correlation                 ? 
_refine.pdbx_pd_number_of_powder_patterns        ? 
_refine.pdbx_pd_number_of_points                 ? 
_refine.pdbx_pd_meas_number_of_points            ? 
_refine.pdbx_pd_proc_ls_prof_R_factor            ? 
_refine.pdbx_pd_proc_ls_prof_wR_factor           ? 
_refine.pdbx_pd_Marquardt_correlation_coeff      ? 
_refine.pdbx_pd_Fsqrd_R_factor                   ? 
_refine.pdbx_pd_ls_matrix_band_width             ? 
_refine.pdbx_overall_phase_error                 ? 
_refine.pdbx_overall_SU_R_free_Cruickshank_DPI   ? 
_refine.pdbx_overall_SU_R_free_Blow_DPI          ? 
_refine.pdbx_overall_SU_R_Blow_DPI               ? 
_refine.pdbx_TLS_residual_ADP_flag               ? 
_refine.pdbx_diffrn_id                           1 
_refine.overall_SU_B                             1.1530 
_refine.overall_SU_ML                            0.0460 
_refine.overall_SU_R_Cruickshank_DPI             0.0722 
_refine.overall_SU_R_free                        ? 
_refine.overall_FOM_free_R_set                   ? 
_refine.overall_FOM_work_R_set                   ? 
_refine.pdbx_average_fsc_overall                 ? 
_refine.pdbx_average_fsc_work                    ? 
_refine.pdbx_average_fsc_free                    ? 
# 
_refine_hist.cycle_id                         final 
_refine_hist.pdbx_refine_id                   'X-RAY DIFFRACTION' 
_refine_hist.d_res_high                       1.4000 
_refine_hist.d_res_low                        31.640 
_refine_hist.pdbx_number_atoms_ligand         1 
_refine_hist.number_atoms_solvent             124 
_refine_hist.number_atoms_total               829 
_refine_hist.pdbx_number_residues_total       93 
_refine_hist.pdbx_B_iso_mean_ligand           17.06 
_refine_hist.pdbx_B_iso_mean_solvent          27.26 
_refine_hist.pdbx_number_atoms_protein        704 
_refine_hist.pdbx_number_atoms_nucleic_acid   0 
# 
loop_
_refine_ls_restr.pdbx_refine_id 
_refine_ls_restr.criterion 
_refine_ls_restr.dev_ideal 
_refine_ls_restr.dev_ideal_target 
_refine_ls_restr.number 
_refine_ls_restr.rejects 
_refine_ls_restr.type 
_refine_ls_restr.weight 
_refine_ls_restr.pdbx_restraint_function 
'X-RAY DIFFRACTION' ? 0.019  0.019  741 ? r_bond_refined_d       ? ? 
'X-RAY DIFFRACTION' ? 2.229  1.956  985 ? r_angle_refined_deg    ? ? 
'X-RAY DIFFRACTION' ? 6.840  5.000  93  ? r_dihedral_angle_1_deg ? ? 
'X-RAY DIFFRACTION' ? 38.801 25.455 33  ? r_dihedral_angle_2_deg ? ? 
'X-RAY DIFFRACTION' ? 16.053 15.000 153 ? r_dihedral_angle_3_deg ? ? 
'X-RAY DIFFRACTION' ? 14.564 15.000 3   ? r_dihedral_angle_4_deg ? ? 
'X-RAY DIFFRACTION' ? 0.123  0.200  108 ? r_chiral_restr         ? ? 
'X-RAY DIFFRACTION' ? 0.012  0.020  535 ? r_gen_planes_refined   ? ? 
'X-RAY DIFFRACTION' ? 1.708  1.559  376 ? r_mcbond_it            ? ? 
'X-RAY DIFFRACTION' ? 2.409  2.324  467 ? r_mcangle_it           ? ? 
'X-RAY DIFFRACTION' ? 2.418  1.713  365 ? r_scbond_it            ? ? 
# 
_refine_ls_shell.pdbx_refine_id                   'X-RAY DIFFRACTION' 
_refine_ls_shell.d_res_high                       1.4000 
_refine_ls_shell.d_res_low                        1.4360 
_refine_ls_shell.number_reflns_all                1154 
_refine_ls_shell.number_reflns_obs                ? 
_refine_ls_shell.number_reflns_R_free             50 
_refine_ls_shell.number_reflns_R_work             1104 
_refine_ls_shell.percent_reflns_obs               96.2500 
_refine_ls_shell.percent_reflns_R_free            ? 
_refine_ls_shell.R_factor_all                     ? 
_refine_ls_shell.R_factor_obs                     ? 
_refine_ls_shell.R_factor_R_free                  0.2300 
_refine_ls_shell.R_factor_R_free_error            ? 
_refine_ls_shell.R_factor_R_work                  0.2310 
_refine_ls_shell.redundancy_reflns_all            ? 
_refine_ls_shell.redundancy_reflns_obs            ? 
_refine_ls_shell.wR_factor_all                    ? 
_refine_ls_shell.wR_factor_obs                    ? 
_refine_ls_shell.wR_factor_R_free                 ? 
_refine_ls_shell.wR_factor_R_work                 ? 
_refine_ls_shell.pdbx_total_number_of_bins_used   20 
_refine_ls_shell.pdbx_phase_error                 ? 
_refine_ls_shell.pdbx_fsc_work                    ? 
_refine_ls_shell.pdbx_fsc_free                    ? 
# 
_struct.entry_id                     5L8Z 
_struct.title                        'Structure of thermostable DNA-binding HU protein from micoplasma Spiroplasma melliferum' 
_struct.pdbx_model_details           ? 
_struct.pdbx_formula_weight          ? 
_struct.pdbx_formula_weight_method   ? 
_struct.pdbx_model_type_details      ? 
_struct.pdbx_CASP_flag               N 
# 
_struct_keywords.entry_id        5L8Z 
_struct_keywords.text            
'thermostable, DNA-binding, HU-protein, Spiroplasma melliferum, histone-like, NAP, DNA binding protein' 
_struct_keywords.pdbx_keywords   'DNA BINDING PROTEIN' 
# 
loop_
_struct_asym.id 
_struct_asym.pdbx_blank_PDB_chainid_flag 
_struct_asym.pdbx_modified 
_struct_asym.entity_id 
_struct_asym.details 
A N N 1 ? 
B N N 2 ? 
C N N 3 ? 
# 
_struct_ref.id                         1 
_struct_ref.db_name                    UNP 
_struct_ref.db_code                    A0A037USE5_SPIME 
_struct_ref.pdbx_db_accession          A0A037USE5 
_struct_ref.pdbx_db_isoform            ? 
_struct_ref.entity_id                  1 
_struct_ref.pdbx_seq_one_letter_code   
;MSKKELAAQIAEKFTDVLSKTHAEEITNFVFDHIKKALVAGKEVSIAGFGKFAVTERAARDGRNPSTGETIKIPASKSAK
FKAGKQLKTDLNNN
;
_struct_ref.pdbx_align_begin           1 
# 
_struct_ref_seq.align_id                      1 
_struct_ref_seq.ref_id                        1 
_struct_ref_seq.pdbx_PDB_id_code              5L8Z 
_struct_ref_seq.pdbx_strand_id                A 
_struct_ref_seq.seq_align_beg                 3 
_struct_ref_seq.pdbx_seq_align_beg_ins_code   ? 
_struct_ref_seq.seq_align_end                 96 
_struct_ref_seq.pdbx_seq_align_end_ins_code   ? 
_struct_ref_seq.pdbx_db_accession             A0A037USE5 
_struct_ref_seq.db_align_beg                  1 
_struct_ref_seq.pdbx_db_align_beg_ins_code    ? 
_struct_ref_seq.db_align_end                  94 
_struct_ref_seq.pdbx_db_align_end_ins_code    ? 
_struct_ref_seq.pdbx_auth_seq_align_beg       1 
_struct_ref_seq.pdbx_auth_seq_align_end       94 
# 
loop_
_struct_ref_seq_dif.align_id 
_struct_ref_seq_dif.pdbx_pdb_id_code 
_struct_ref_seq_dif.mon_id 
_struct_ref_seq_dif.pdbx_pdb_strand_id 
_struct_ref_seq_dif.seq_num 
_struct_ref_seq_dif.pdbx_pdb_ins_code 
_struct_ref_seq_dif.pdbx_seq_db_name 
_struct_ref_seq_dif.pdbx_seq_db_accession_code 
_struct_ref_seq_dif.db_mon_id 
_struct_ref_seq_dif.pdbx_seq_db_seq_num 
_struct_ref_seq_dif.details 
_struct_ref_seq_dif.pdbx_auth_seq_num 
_struct_ref_seq_dif.pdbx_ordinal 
1 5L8Z GLY A 1 ? UNP A0A037USE5 ? ? 'expression tag' -1 1 
1 5L8Z HIS A 2 ? UNP A0A037USE5 ? ? 'expression tag' 0  2 
# 
_pdbx_struct_assembly.id                   1 
_pdbx_struct_assembly.details              author_and_software_defined_assembly 
_pdbx_struct_assembly.method_details       PISA 
_pdbx_struct_assembly.oligomeric_details   dimeric 
_pdbx_struct_assembly.oligomeric_count     2 
# 
loop_
_pdbx_struct_assembly_prop.biol_id 
_pdbx_struct_assembly_prop.type 
_pdbx_struct_assembly_prop.value 
_pdbx_struct_assembly_prop.details 
1 'ABSA (A^2)' 4650  ? 
1 MORE         -58   ? 
1 'SSA (A^2)'  10940 ? 
# 
_pdbx_struct_assembly_gen.assembly_id       1 
_pdbx_struct_assembly_gen.oper_expression   1,2 
_pdbx_struct_assembly_gen.asym_id_list      A,B,C 
# 
loop_
_pdbx_struct_oper_list.id 
_pdbx_struct_oper_list.type 
_pdbx_struct_oper_list.name 
_pdbx_struct_oper_list.symmetry_operation 
_pdbx_struct_oper_list.matrix[1][1] 
_pdbx_struct_oper_list.matrix[1][2] 
_pdbx_struct_oper_list.matrix[1][3] 
_pdbx_struct_oper_list.vector[1] 
_pdbx_struct_oper_list.matrix[2][1] 
_pdbx_struct_oper_list.matrix[2][2] 
_pdbx_struct_oper_list.matrix[2][3] 
_pdbx_struct_oper_list.vector[2] 
_pdbx_struct_oper_list.matrix[3][1] 
_pdbx_struct_oper_list.matrix[3][2] 
_pdbx_struct_oper_list.matrix[3][3] 
_pdbx_struct_oper_list.vector[3] 
1 'identity operation'         1_555 x,y,z   1.0000000000  0.0000000000  0.0000000000 0.0000000000  0.0000000000  1.0000000000  0.0000000000  0.0000000000  0.0000000000 0.0000000000  1.0000000000 0.0000000000  
2 'crystal symmetry operation' 2_555 -x,y,-z -0.9600085807 -0.0917853290 0.2644975960 -0.0611786552 -0.0917853290 -0.7893411443 -0.6070551963 -7.2640638493 0.2644975960 -0.6070551963 0.7493497250 -2.5115081539 
# 
loop_
_struct_conf.conf_type_id 
_struct_conf.id 
_struct_conf.pdbx_PDB_helix_id 
_struct_conf.beg_label_comp_id 
_struct_conf.beg_label_asym_id 
_struct_conf.beg_label_seq_id 
_struct_conf.pdbx_beg_PDB_ins_code 
_struct_conf.end_label_comp_id 
_struct_conf.end_label_asym_id 
_struct_conf.end_label_seq_id 
_struct_conf.pdbx_end_PDB_ins_code 
_struct_conf.beg_auth_comp_id 
_struct_conf.beg_auth_asym_id 
_struct_conf.beg_auth_seq_id 
_struct_conf.end_auth_comp_id 
_struct_conf.end_auth_asym_id 
_struct_conf.end_auth_seq_id 
_struct_conf.pdbx_PDB_helix_class 
_struct_conf.details 
_struct_conf.pdbx_PDB_helix_length 
HELX_P HELX_P1 AA1 SER A 4  ? PHE A 16 ? SER A 2  PHE A 14 1 ? 13 
HELX_P HELX_P2 AA2 SER A 21 ? ALA A 42 ? SER A 19 ALA A 40 1 ? 22 
HELX_P HELX_P3 AA3 GLY A 86 ? ASN A 94 ? GLY A 84 ASN A 92 1 ? 9  
# 
_struct_conf_type.id          HELX_P 
_struct_conf_type.criteria    ? 
_struct_conf_type.reference   ? 
# 
loop_
_struct_conn.id 
_struct_conn.conn_type_id 
_struct_conn.pdbx_leaving_atom_flag 
_struct_conn.pdbx_PDB_id 
_struct_conn.ptnr1_label_asym_id 
_struct_conn.ptnr1_label_comp_id 
_struct_conn.ptnr1_label_seq_id 
_struct_conn.ptnr1_label_atom_id 
_struct_conn.pdbx_ptnr1_label_alt_id 
_struct_conn.pdbx_ptnr1_PDB_ins_code 
_struct_conn.pdbx_ptnr1_standard_comp_id 
_struct_conn.ptnr1_symmetry 
_struct_conn.ptnr2_label_asym_id 
_struct_conn.ptnr2_label_comp_id 
_struct_conn.ptnr2_label_seq_id 
_struct_conn.ptnr2_label_atom_id 
_struct_conn.pdbx_ptnr2_label_alt_id 
_struct_conn.pdbx_ptnr2_PDB_ins_code 
_struct_conn.ptnr1_auth_asym_id 
_struct_conn.ptnr1_auth_comp_id 
_struct_conn.ptnr1_auth_seq_id 
_struct_conn.ptnr2_auth_asym_id 
_struct_conn.ptnr2_auth_comp_id 
_struct_conn.ptnr2_auth_seq_id 
_struct_conn.ptnr2_symmetry 
_struct_conn.pdbx_ptnr3_label_atom_id 
_struct_conn.pdbx_ptnr3_label_seq_id 
_struct_conn.pdbx_ptnr3_label_comp_id 
_struct_conn.pdbx_ptnr3_label_asym_id 
_struct_conn.pdbx_ptnr3_label_alt_id 
_struct_conn.pdbx_ptnr3_PDB_ins_code 
_struct_conn.details 
_struct_conn.pdbx_dist_value 
_struct_conn.pdbx_value_order 
_struct_conn.pdbx_role 
metalc1 metalc ? ? A THR 23 OG1 ? ? ? 1_555 B NA  . NA ? ? A THR 21  A NA  101 1_555 ? ? ? ? ? ? ? 2.818 ? ? 
metalc2 metalc ? ? B NA  .  NA  ? ? ? 1_555 C HOH . O  ? ? A NA  101 A HOH 225 4_545 ? ? ? ? ? ? ? 2.716 ? ? 
metalc3 metalc ? ? B NA  .  NA  ? ? ? 1_555 C HOH . O  ? ? A NA  101 A HOH 235 4_545 ? ? ? ? ? ? ? 2.985 ? ? 
# 
_struct_conn_type.id          metalc 
_struct_conn_type.criteria    ? 
_struct_conn_type.reference   ? 
# 
loop_
_pdbx_struct_conn_angle.id 
_pdbx_struct_conn_angle.ptnr1_label_atom_id 
_pdbx_struct_conn_angle.ptnr1_label_alt_id 
_pdbx_struct_conn_angle.ptnr1_label_asym_id 
_pdbx_struct_conn_angle.ptnr1_label_comp_id 
_pdbx_struct_conn_angle.ptnr1_label_seq_id 
_pdbx_struct_conn_angle.ptnr1_auth_atom_id 
_pdbx_struct_conn_angle.ptnr1_auth_asym_id 
_pdbx_struct_conn_angle.ptnr1_auth_comp_id 
_pdbx_struct_conn_angle.ptnr1_auth_seq_id 
_pdbx_struct_conn_angle.ptnr1_PDB_ins_code 
_pdbx_struct_conn_angle.ptnr1_symmetry 
_pdbx_struct_conn_angle.ptnr2_label_atom_id 
_pdbx_struct_conn_angle.ptnr2_label_alt_id 
_pdbx_struct_conn_angle.ptnr2_label_asym_id 
_pdbx_struct_conn_angle.ptnr2_label_comp_id 
_pdbx_struct_conn_angle.ptnr2_label_seq_id 
_pdbx_struct_conn_angle.ptnr2_auth_atom_id 
_pdbx_struct_conn_angle.ptnr2_auth_asym_id 
_pdbx_struct_conn_angle.ptnr2_auth_comp_id 
_pdbx_struct_conn_angle.ptnr2_auth_seq_id 
_pdbx_struct_conn_angle.ptnr2_PDB_ins_code 
_pdbx_struct_conn_angle.ptnr2_symmetry 
_pdbx_struct_conn_angle.ptnr3_label_atom_id 
_pdbx_struct_conn_angle.ptnr3_label_alt_id 
_pdbx_struct_conn_angle.ptnr3_label_asym_id 
_pdbx_struct_conn_angle.ptnr3_label_comp_id 
_pdbx_struct_conn_angle.ptnr3_label_seq_id 
_pdbx_struct_conn_angle.ptnr3_auth_atom_id 
_pdbx_struct_conn_angle.ptnr3_auth_asym_id 
_pdbx_struct_conn_angle.ptnr3_auth_comp_id 
_pdbx_struct_conn_angle.ptnr3_auth_seq_id 
_pdbx_struct_conn_angle.ptnr3_PDB_ins_code 
_pdbx_struct_conn_angle.ptnr3_symmetry 
_pdbx_struct_conn_angle.value 
_pdbx_struct_conn_angle.value_esd 
1 OG1 ? A THR 23 ? A THR 21  ? 1_555 NA ? B NA . ? A NA 101 ? 1_555 O ? C HOH . ? A HOH 225 ? 4_545 133.6 ? 
2 OG1 ? A THR 23 ? A THR 21  ? 1_555 NA ? B NA . ? A NA 101 ? 1_555 O ? C HOH . ? A HOH 235 ? 4_545 121.0 ? 
3 O   ? C HOH .  ? A HOH 225 ? 4_545 NA ? B NA . ? A NA 101 ? 1_555 O ? C HOH . ? A HOH 235 ? 4_545 76.0  ? 
# 
loop_
_struct_sheet.id 
_struct_sheet.type 
_struct_sheet.number_strands 
_struct_sheet.details 
AA1 ? 3 ? 
AA2 ? 2 ? 
# 
loop_
_struct_sheet_order.sheet_id 
_struct_sheet_order.range_id_1 
_struct_sheet_order.range_id_2 
_struct_sheet_order.offset 
_struct_sheet_order.sense 
AA1 1 2 ? anti-parallel 
AA1 2 3 ? anti-parallel 
AA2 1 2 ? anti-parallel 
# 
loop_
_struct_sheet_range.sheet_id 
_struct_sheet_range.id 
_struct_sheet_range.beg_label_comp_id 
_struct_sheet_range.beg_label_asym_id 
_struct_sheet_range.beg_label_seq_id 
_struct_sheet_range.pdbx_beg_PDB_ins_code 
_struct_sheet_range.end_label_comp_id 
_struct_sheet_range.end_label_asym_id 
_struct_sheet_range.end_label_seq_id 
_struct_sheet_range.pdbx_end_PDB_ins_code 
_struct_sheet_range.beg_auth_comp_id 
_struct_sheet_range.beg_auth_asym_id 
_struct_sheet_range.beg_auth_seq_id 
_struct_sheet_range.end_auth_comp_id 
_struct_sheet_range.end_auth_asym_id 
_struct_sheet_range.end_auth_seq_id 
AA1 1 VAL A 46 ? ILE A 48 ? VAL A 44 ILE A 46 
AA1 2 GLY A 52 ? ARG A 59 ? GLY A 50 ARG A 57 
AA1 3 SER A 78 ? ALA A 85 ? SER A 76 ALA A 83 
AA2 1 ARG A 62 ? ARG A 65 ? ARG A 60 ARG A 63 
AA2 2 THR A 72 ? ILE A 75 ? THR A 70 ILE A 73 
# 
loop_
_pdbx_struct_sheet_hbond.sheet_id 
_pdbx_struct_sheet_hbond.range_id_1 
_pdbx_struct_sheet_hbond.range_id_2 
_pdbx_struct_sheet_hbond.range_1_label_atom_id 
_pdbx_struct_sheet_hbond.range_1_label_comp_id 
_pdbx_struct_sheet_hbond.range_1_label_asym_id 
_pdbx_struct_sheet_hbond.range_1_label_seq_id 
_pdbx_struct_sheet_hbond.range_1_PDB_ins_code 
_pdbx_struct_sheet_hbond.range_1_auth_atom_id 
_pdbx_struct_sheet_hbond.range_1_auth_comp_id 
_pdbx_struct_sheet_hbond.range_1_auth_asym_id 
_pdbx_struct_sheet_hbond.range_1_auth_seq_id 
_pdbx_struct_sheet_hbond.range_2_label_atom_id 
_pdbx_struct_sheet_hbond.range_2_label_comp_id 
_pdbx_struct_sheet_hbond.range_2_label_asym_id 
_pdbx_struct_sheet_hbond.range_2_label_seq_id 
_pdbx_struct_sheet_hbond.range_2_PDB_ins_code 
_pdbx_struct_sheet_hbond.range_2_auth_atom_id 
_pdbx_struct_sheet_hbond.range_2_auth_comp_id 
_pdbx_struct_sheet_hbond.range_2_auth_asym_id 
_pdbx_struct_sheet_hbond.range_2_auth_seq_id 
AA1 1 2 N VAL A 46 ? N VAL A 44 O PHE A 54 ? O PHE A 52 
AA1 2 3 N ALA A 55 ? N ALA A 53 O LYS A 82 ? O LYS A 80 
AA2 1 2 N ARG A 62 ? N ARG A 60 O ILE A 75 ? O ILE A 73 
# 
_struct_site.id                   AC1 
_struct_site.pdbx_evidence_code   Software 
_struct_site.pdbx_auth_asym_id    A 
_struct_site.pdbx_auth_comp_id    NA 
_struct_site.pdbx_auth_seq_id     101 
_struct_site.pdbx_auth_ins_code   ? 
_struct_site.pdbx_num_residues    5 
_struct_site.details              'binding site for residue NA A 101' 
# 
loop_
_struct_site_gen.id 
_struct_site_gen.site_id 
_struct_site_gen.pdbx_num_res 
_struct_site_gen.label_comp_id 
_struct_site_gen.label_asym_id 
_struct_site_gen.label_seq_id 
_struct_site_gen.pdbx_auth_ins_code 
_struct_site_gen.auth_comp_id 
_struct_site_gen.auth_asym_id 
_struct_site_gen.auth_seq_id 
_struct_site_gen.label_atom_id 
_struct_site_gen.label_alt_id 
_struct_site_gen.symmetry 
_struct_site_gen.details 
1 AC1 5 SER A 21 ? SER A 19  . ? 1_555 ? 
2 AC1 5 LYS A 22 ? LYS A 20  . ? 1_555 ? 
3 AC1 5 THR A 23 ? THR A 21  . ? 1_555 ? 
4 AC1 5 HOH C .  ? HOH A 225 . ? 4_545 ? 
5 AC1 5 HOH C .  ? HOH A 235 . ? 4_545 ? 
# 
_pdbx_validate_close_contact.id               1 
_pdbx_validate_close_contact.PDB_model_num    1 
_pdbx_validate_close_contact.auth_atom_id_1   NZ 
_pdbx_validate_close_contact.auth_asym_id_1   A 
_pdbx_validate_close_contact.auth_comp_id_1   LYS 
_pdbx_validate_close_contact.auth_seq_id_1    36 
_pdbx_validate_close_contact.PDB_ins_code_1   ? 
_pdbx_validate_close_contact.label_alt_id_1   A 
_pdbx_validate_close_contact.auth_atom_id_2   O 
_pdbx_validate_close_contact.auth_asym_id_2   A 
_pdbx_validate_close_contact.auth_comp_id_2   HOH 
_pdbx_validate_close_contact.auth_seq_id_2    201 
_pdbx_validate_close_contact.PDB_ins_code_2   ? 
_pdbx_validate_close_contact.label_alt_id_2   ? 
_pdbx_validate_close_contact.dist             2.12 
# 
loop_
_pdbx_validate_rmsd_bond.id 
_pdbx_validate_rmsd_bond.PDB_model_num 
_pdbx_validate_rmsd_bond.auth_atom_id_1 
_pdbx_validate_rmsd_bond.auth_asym_id_1 
_pdbx_validate_rmsd_bond.auth_comp_id_1 
_pdbx_validate_rmsd_bond.auth_seq_id_1 
_pdbx_validate_rmsd_bond.PDB_ins_code_1 
_pdbx_validate_rmsd_bond.label_alt_id_1 
_pdbx_validate_rmsd_bond.auth_atom_id_2 
_pdbx_validate_rmsd_bond.auth_asym_id_2 
_pdbx_validate_rmsd_bond.auth_comp_id_2 
_pdbx_validate_rmsd_bond.auth_seq_id_2 
_pdbx_validate_rmsd_bond.PDB_ins_code_2 
_pdbx_validate_rmsd_bond.label_alt_id_2 
_pdbx_validate_rmsd_bond.bond_value 
_pdbx_validate_rmsd_bond.bond_target_value 
_pdbx_validate_rmsd_bond.bond_deviation 
_pdbx_validate_rmsd_bond.bond_standard_deviation 
_pdbx_validate_rmsd_bond.linker_flag 
1 1 N  A SER 66 ? ? CA A SER 66 ? ? 1.217 1.459 -0.242 0.020 N 
2 1 CA A SER 66 ? ? CB A SER 66 ? ? 1.667 1.525 0.142  0.015 N 
# 
loop_
_pdbx_validate_rmsd_angle.id 
_pdbx_validate_rmsd_angle.PDB_model_num 
_pdbx_validate_rmsd_angle.auth_atom_id_1 
_pdbx_validate_rmsd_angle.auth_asym_id_1 
_pdbx_validate_rmsd_angle.auth_comp_id_1 
_pdbx_validate_rmsd_angle.auth_seq_id_1 
_pdbx_validate_rmsd_angle.PDB_ins_code_1 
_pdbx_validate_rmsd_angle.label_alt_id_1 
_pdbx_validate_rmsd_angle.auth_atom_id_2 
_pdbx_validate_rmsd_angle.auth_asym_id_2 
_pdbx_validate_rmsd_angle.auth_comp_id_2 
_pdbx_validate_rmsd_angle.auth_seq_id_2 
_pdbx_validate_rmsd_angle.PDB_ins_code_2 
_pdbx_validate_rmsd_angle.label_alt_id_2 
_pdbx_validate_rmsd_angle.auth_atom_id_3 
_pdbx_validate_rmsd_angle.auth_asym_id_3 
_pdbx_validate_rmsd_angle.auth_comp_id_3 
_pdbx_validate_rmsd_angle.auth_seq_id_3 
_pdbx_validate_rmsd_angle.PDB_ins_code_3 
_pdbx_validate_rmsd_angle.label_alt_id_3 
_pdbx_validate_rmsd_angle.angle_value 
_pdbx_validate_rmsd_angle.angle_target_value 
_pdbx_validate_rmsd_angle.angle_deviation 
_pdbx_validate_rmsd_angle.angle_standard_deviation 
_pdbx_validate_rmsd_angle.linker_flag 
1 1 CB A ASP 32 ? ? CG A ASP 32 ? A OD2 A ASP 32 ? A 112.51 118.30 -5.79  0.90 N 
2 1 CB A SER 66 ? ? CA A SER 66 ? ? C   A SER 66 ? ? 98.43  110.10 -11.67 1.90 N 
# 
_pdbx_validate_torsion.id              1 
_pdbx_validate_torsion.PDB_model_num   1 
_pdbx_validate_torsion.auth_comp_id    PHE 
_pdbx_validate_torsion.auth_asym_id    A 
_pdbx_validate_torsion.auth_seq_id     49 
_pdbx_validate_torsion.PDB_ins_code    ? 
_pdbx_validate_torsion.label_alt_id    ? 
_pdbx_validate_torsion.phi             -123.24 
_pdbx_validate_torsion.psi             -67.43 
# 
_pdbx_validate_main_chain_plane.id                       1 
_pdbx_validate_main_chain_plane.PDB_model_num            1 
_pdbx_validate_main_chain_plane.auth_comp_id             ASN 
_pdbx_validate_main_chain_plane.auth_asym_id             A 
_pdbx_validate_main_chain_plane.auth_seq_id              64 
_pdbx_validate_main_chain_plane.PDB_ins_code             ? 
_pdbx_validate_main_chain_plane.label_alt_id             ? 
_pdbx_validate_main_chain_plane.improper_torsion_angle   10.90 
# 
_pdbx_struct_special_symmetry.id              1 
_pdbx_struct_special_symmetry.PDB_model_num   1 
_pdbx_struct_special_symmetry.auth_asym_id    A 
_pdbx_struct_special_symmetry.auth_comp_id    HOH 
_pdbx_struct_special_symmetry.auth_seq_id     324 
_pdbx_struct_special_symmetry.PDB_ins_code    ? 
_pdbx_struct_special_symmetry.label_asym_id   C 
_pdbx_struct_special_symmetry.label_comp_id   HOH 
_pdbx_struct_special_symmetry.label_seq_id    . 
# 
_phasing.method   MR 
# 
_pdbx_distant_solvent_atoms.id                                1 
_pdbx_distant_solvent_atoms.PDB_model_num                     1 
_pdbx_distant_solvent_atoms.auth_atom_id                      O 
_pdbx_distant_solvent_atoms.label_alt_id                      ? 
_pdbx_distant_solvent_atoms.auth_asym_id                      A 
_pdbx_distant_solvent_atoms.auth_comp_id                      HOH 
_pdbx_distant_solvent_atoms.auth_seq_id                       324 
_pdbx_distant_solvent_atoms.PDB_ins_code                      ? 
_pdbx_distant_solvent_atoms.neighbor_macromolecule_distance   7.75 
_pdbx_distant_solvent_atoms.neighbor_ligand_distance          . 
# 
loop_
_pdbx_unobs_or_zero_occ_residues.id 
_pdbx_unobs_or_zero_occ_residues.PDB_model_num 
_pdbx_unobs_or_zero_occ_residues.polymer_flag 
_pdbx_unobs_or_zero_occ_residues.occupancy_flag 
_pdbx_unobs_or_zero_occ_residues.auth_asym_id 
_pdbx_unobs_or_zero_occ_residues.auth_comp_id 
_pdbx_unobs_or_zero_occ_residues.auth_seq_id 
_pdbx_unobs_or_zero_occ_residues.PDB_ins_code 
_pdbx_unobs_or_zero_occ_residues.label_asym_id 
_pdbx_unobs_or_zero_occ_residues.label_comp_id 
_pdbx_unobs_or_zero_occ_residues.label_seq_id 
1 1 Y 0 A PRO 65 ? A PRO 67 
2 1 Y 1 A ASN 94 ? A ASN 96 
# 
loop_
_chem_comp_atom.comp_id 
_chem_comp_atom.atom_id 
_chem_comp_atom.type_symbol 
_chem_comp_atom.pdbx_aromatic_flag 
_chem_comp_atom.pdbx_stereo_config 
_chem_comp_atom.pdbx_ordinal 
ALA N    N  N N 1   
ALA CA   C  N S 2   
ALA C    C  N N 3   
ALA O    O  N N 4   
ALA CB   C  N N 5   
ALA OXT  O  N N 6   
ALA H    H  N N 7   
ALA H2   H  N N 8   
ALA HA   H  N N 9   
ALA HB1  H  N N 10  
ALA HB2  H  N N 11  
ALA HB3  H  N N 12  
ALA HXT  H  N N 13  
ARG N    N  N N 14  
ARG CA   C  N S 15  
ARG C    C  N N 16  
ARG O    O  N N 17  
ARG CB   C  N N 18  
ARG CG   C  N N 19  
ARG CD   C  N N 20  
ARG NE   N  N N 21  
ARG CZ   C  N N 22  
ARG NH1  N  N N 23  
ARG NH2  N  N N 24  
ARG OXT  O  N N 25  
ARG H    H  N N 26  
ARG H2   H  N N 27  
ARG HA   H  N N 28  
ARG HB2  H  N N 29  
ARG HB3  H  N N 30  
ARG HG2  H  N N 31  
ARG HG3  H  N N 32  
ARG HD2  H  N N 33  
ARG HD3  H  N N 34  
ARG HE   H  N N 35  
ARG HH11 H  N N 36  
ARG HH12 H  N N 37  
ARG HH21 H  N N 38  
ARG HH22 H  N N 39  
ARG HXT  H  N N 40  
ASN N    N  N N 41  
ASN CA   C  N S 42  
ASN C    C  N N 43  
ASN O    O  N N 44  
ASN CB   C  N N 45  
ASN CG   C  N N 46  
ASN OD1  O  N N 47  
ASN ND2  N  N N 48  
ASN OXT  O  N N 49  
ASN H    H  N N 50  
ASN H2   H  N N 51  
ASN HA   H  N N 52  
ASN HB2  H  N N 53  
ASN HB3  H  N N 54  
ASN HD21 H  N N 55  
ASN HD22 H  N N 56  
ASN HXT  H  N N 57  
ASP N    N  N N 58  
ASP CA   C  N S 59  
ASP C    C  N N 60  
ASP O    O  N N 61  
ASP CB   C  N N 62  
ASP CG   C  N N 63  
ASP OD1  O  N N 64  
ASP OD2  O  N N 65  
ASP OXT  O  N N 66  
ASP H    H  N N 67  
ASP H2   H  N N 68  
ASP HA   H  N N 69  
ASP HB2  H  N N 70  
ASP HB3  H  N N 71  
ASP HD2  H  N N 72  
ASP HXT  H  N N 73  
GLN N    N  N N 74  
GLN CA   C  N S 75  
GLN C    C  N N 76  
GLN O    O  N N 77  
GLN CB   C  N N 78  
GLN CG   C  N N 79  
GLN CD   C  N N 80  
GLN OE1  O  N N 81  
GLN NE2  N  N N 82  
GLN OXT  O  N N 83  
GLN H    H  N N 84  
GLN H2   H  N N 85  
GLN HA   H  N N 86  
GLN HB2  H  N N 87  
GLN HB3  H  N N 88  
GLN HG2  H  N N 89  
GLN HG3  H  N N 90  
GLN HE21 H  N N 91  
GLN HE22 H  N N 92  
GLN HXT  H  N N 93  
GLU N    N  N N 94  
GLU CA   C  N S 95  
GLU C    C  N N 96  
GLU O    O  N N 97  
GLU CB   C  N N 98  
GLU CG   C  N N 99  
GLU CD   C  N N 100 
GLU OE1  O  N N 101 
GLU OE2  O  N N 102 
GLU OXT  O  N N 103 
GLU H    H  N N 104 
GLU H2   H  N N 105 
GLU HA   H  N N 106 
GLU HB2  H  N N 107 
GLU HB3  H  N N 108 
GLU HG2  H  N N 109 
GLU HG3  H  N N 110 
GLU HE2  H  N N 111 
GLU HXT  H  N N 112 
GLY N    N  N N 113 
GLY CA   C  N N 114 
GLY C    C  N N 115 
GLY O    O  N N 116 
GLY OXT  O  N N 117 
GLY H    H  N N 118 
GLY H2   H  N N 119 
GLY HA2  H  N N 120 
GLY HA3  H  N N 121 
GLY HXT  H  N N 122 
HIS N    N  N N 123 
HIS CA   C  N S 124 
HIS C    C  N N 125 
HIS O    O  N N 126 
HIS CB   C  N N 127 
HIS CG   C  Y N 128 
HIS ND1  N  Y N 129 
HIS CD2  C  Y N 130 
HIS CE1  C  Y N 131 
HIS NE2  N  Y N 132 
HIS OXT  O  N N 133 
HIS H    H  N N 134 
HIS H2   H  N N 135 
HIS HA   H  N N 136 
HIS HB2  H  N N 137 
HIS HB3  H  N N 138 
HIS HD1  H  N N 139 
HIS HD2  H  N N 140 
HIS HE1  H  N N 141 
HIS HE2  H  N N 142 
HIS HXT  H  N N 143 
HOH O    O  N N 144 
HOH H1   H  N N 145 
HOH H2   H  N N 146 
ILE N    N  N N 147 
ILE CA   C  N S 148 
ILE C    C  N N 149 
ILE O    O  N N 150 
ILE CB   C  N S 151 
ILE CG1  C  N N 152 
ILE CG2  C  N N 153 
ILE CD1  C  N N 154 
ILE OXT  O  N N 155 
ILE H    H  N N 156 
ILE H2   H  N N 157 
ILE HA   H  N N 158 
ILE HB   H  N N 159 
ILE HG12 H  N N 160 
ILE HG13 H  N N 161 
ILE HG21 H  N N 162 
ILE HG22 H  N N 163 
ILE HG23 H  N N 164 
ILE HD11 H  N N 165 
ILE HD12 H  N N 166 
ILE HD13 H  N N 167 
ILE HXT  H  N N 168 
LEU N    N  N N 169 
LEU CA   C  N S 170 
LEU C    C  N N 171 
LEU O    O  N N 172 
LEU CB   C  N N 173 
LEU CG   C  N N 174 
LEU CD1  C  N N 175 
LEU CD2  C  N N 176 
LEU OXT  O  N N 177 
LEU H    H  N N 178 
LEU H2   H  N N 179 
LEU HA   H  N N 180 
LEU HB2  H  N N 181 
LEU HB3  H  N N 182 
LEU HG   H  N N 183 
LEU HD11 H  N N 184 
LEU HD12 H  N N 185 
LEU HD13 H  N N 186 
LEU HD21 H  N N 187 
LEU HD22 H  N N 188 
LEU HD23 H  N N 189 
LEU HXT  H  N N 190 
LYS N    N  N N 191 
LYS CA   C  N S 192 
LYS C    C  N N 193 
LYS O    O  N N 194 
LYS CB   C  N N 195 
LYS CG   C  N N 196 
LYS CD   C  N N 197 
LYS CE   C  N N 198 
LYS NZ   N  N N 199 
LYS OXT  O  N N 200 
LYS H    H  N N 201 
LYS H2   H  N N 202 
LYS HA   H  N N 203 
LYS HB2  H  N N 204 
LYS HB3  H  N N 205 
LYS HG2  H  N N 206 
LYS HG3  H  N N 207 
LYS HD2  H  N N 208 
LYS HD3  H  N N 209 
LYS HE2  H  N N 210 
LYS HE3  H  N N 211 
LYS HZ1  H  N N 212 
LYS HZ2  H  N N 213 
LYS HZ3  H  N N 214 
LYS HXT  H  N N 215 
MET N    N  N N 216 
MET CA   C  N S 217 
MET C    C  N N 218 
MET O    O  N N 219 
MET CB   C  N N 220 
MET CG   C  N N 221 
MET SD   S  N N 222 
MET CE   C  N N 223 
MET OXT  O  N N 224 
MET H    H  N N 225 
MET H2   H  N N 226 
MET HA   H  N N 227 
MET HB2  H  N N 228 
MET HB3  H  N N 229 
MET HG2  H  N N 230 
MET HG3  H  N N 231 
MET HE1  H  N N 232 
MET HE2  H  N N 233 
MET HE3  H  N N 234 
MET HXT  H  N N 235 
NA  NA   NA N N 236 
PHE N    N  N N 237 
PHE CA   C  N S 238 
PHE C    C  N N 239 
PHE O    O  N N 240 
PHE CB   C  N N 241 
PHE CG   C  Y N 242 
PHE CD1  C  Y N 243 
PHE CD2  C  Y N 244 
PHE CE1  C  Y N 245 
PHE CE2  C  Y N 246 
PHE CZ   C  Y N 247 
PHE OXT  O  N N 248 
PHE H    H  N N 249 
PHE H2   H  N N 250 
PHE HA   H  N N 251 
PHE HB2  H  N N 252 
PHE HB3  H  N N 253 
PHE HD1  H  N N 254 
PHE HD2  H  N N 255 
PHE HE1  H  N N 256 
PHE HE2  H  N N 257 
PHE HZ   H  N N 258 
PHE HXT  H  N N 259 
PRO N    N  N N 260 
PRO CA   C  N S 261 
PRO C    C  N N 262 
PRO O    O  N N 263 
PRO CB   C  N N 264 
PRO CG   C  N N 265 
PRO CD   C  N N 266 
PRO OXT  O  N N 267 
PRO H    H  N N 268 
PRO HA   H  N N 269 
PRO HB2  H  N N 270 
PRO HB3  H  N N 271 
PRO HG2  H  N N 272 
PRO HG3  H  N N 273 
PRO HD2  H  N N 274 
PRO HD3  H  N N 275 
PRO HXT  H  N N 276 
SER N    N  N N 277 
SER CA   C  N S 278 
SER C    C  N N 279 
SER O    O  N N 280 
SER CB   C  N N 281 
SER OG   O  N N 282 
SER OXT  O  N N 283 
SER H    H  N N 284 
SER H2   H  N N 285 
SER HA   H  N N 286 
SER HB2  H  N N 287 
SER HB3  H  N N 288 
SER HG   H  N N 289 
SER HXT  H  N N 290 
THR N    N  N N 291 
THR CA   C  N S 292 
THR C    C  N N 293 
THR O    O  N N 294 
THR CB   C  N R 295 
THR OG1  O  N N 296 
THR CG2  C  N N 297 
THR OXT  O  N N 298 
THR H    H  N N 299 
THR H2   H  N N 300 
THR HA   H  N N 301 
THR HB   H  N N 302 
THR HG1  H  N N 303 
THR HG21 H  N N 304 
THR HG22 H  N N 305 
THR HG23 H  N N 306 
THR HXT  H  N N 307 
VAL N    N  N N 308 
VAL CA   C  N S 309 
VAL C    C  N N 310 
VAL O    O  N N 311 
VAL CB   C  N N 312 
VAL CG1  C  N N 313 
VAL CG2  C  N N 314 
VAL OXT  O  N N 315 
VAL H    H  N N 316 
VAL H2   H  N N 317 
VAL HA   H  N N 318 
VAL HB   H  N N 319 
VAL HG11 H  N N 320 
VAL HG12 H  N N 321 
VAL HG13 H  N N 322 
VAL HG21 H  N N 323 
VAL HG22 H  N N 324 
VAL HG23 H  N N 325 
VAL HXT  H  N N 326 
# 
loop_
_chem_comp_bond.comp_id 
_chem_comp_bond.atom_id_1 
_chem_comp_bond.atom_id_2 
_chem_comp_bond.value_order 
_chem_comp_bond.pdbx_aromatic_flag 
_chem_comp_bond.pdbx_stereo_config 
_chem_comp_bond.pdbx_ordinal 
ALA N   CA   sing N N 1   
ALA N   H    sing N N 2   
ALA N   H2   sing N N 3   
ALA CA  C    sing N N 4   
ALA CA  CB   sing N N 5   
ALA CA  HA   sing N N 6   
ALA C   O    doub N N 7   
ALA C   OXT  sing N N 8   
ALA CB  HB1  sing N N 9   
ALA CB  HB2  sing N N 10  
ALA CB  HB3  sing N N 11  
ALA OXT HXT  sing N N 12  
ARG N   CA   sing N N 13  
ARG N   H    sing N N 14  
ARG N   H2   sing N N 15  
ARG CA  C    sing N N 16  
ARG CA  CB   sing N N 17  
ARG CA  HA   sing N N 18  
ARG C   O    doub N N 19  
ARG C   OXT  sing N N 20  
ARG CB  CG   sing N N 21  
ARG CB  HB2  sing N N 22  
ARG CB  HB3  sing N N 23  
ARG CG  CD   sing N N 24  
ARG CG  HG2  sing N N 25  
ARG CG  HG3  sing N N 26  
ARG CD  NE   sing N N 27  
ARG CD  HD2  sing N N 28  
ARG CD  HD3  sing N N 29  
ARG NE  CZ   sing N N 30  
ARG NE  HE   sing N N 31  
ARG CZ  NH1  sing N N 32  
ARG CZ  NH2  doub N N 33  
ARG NH1 HH11 sing N N 34  
ARG NH1 HH12 sing N N 35  
ARG NH2 HH21 sing N N 36  
ARG NH2 HH22 sing N N 37  
ARG OXT HXT  sing N N 38  
ASN N   CA   sing N N 39  
ASN N   H    sing N N 40  
ASN N   H2   sing N N 41  
ASN CA  C    sing N N 42  
ASN CA  CB   sing N N 43  
ASN CA  HA   sing N N 44  
ASN C   O    doub N N 45  
ASN C   OXT  sing N N 46  
ASN CB  CG   sing N N 47  
ASN CB  HB2  sing N N 48  
ASN CB  HB3  sing N N 49  
ASN CG  OD1  doub N N 50  
ASN CG  ND2  sing N N 51  
ASN ND2 HD21 sing N N 52  
ASN ND2 HD22 sing N N 53  
ASN OXT HXT  sing N N 54  
ASP N   CA   sing N N 55  
ASP N   H    sing N N 56  
ASP N   H2   sing N N 57  
ASP CA  C    sing N N 58  
ASP CA  CB   sing N N 59  
ASP CA  HA   sing N N 60  
ASP C   O    doub N N 61  
ASP C   OXT  sing N N 62  
ASP CB  CG   sing N N 63  
ASP CB  HB2  sing N N 64  
ASP CB  HB3  sing N N 65  
ASP CG  OD1  doub N N 66  
ASP CG  OD2  sing N N 67  
ASP OD2 HD2  sing N N 68  
ASP OXT HXT  sing N N 69  
GLN N   CA   sing N N 70  
GLN N   H    sing N N 71  
GLN N   H2   sing N N 72  
GLN CA  C    sing N N 73  
GLN CA  CB   sing N N 74  
GLN CA  HA   sing N N 75  
GLN C   O    doub N N 76  
GLN C   OXT  sing N N 77  
GLN CB  CG   sing N N 78  
GLN CB  HB2  sing N N 79  
GLN CB  HB3  sing N N 80  
GLN CG  CD   sing N N 81  
GLN CG  HG2  sing N N 82  
GLN CG  HG3  sing N N 83  
GLN CD  OE1  doub N N 84  
GLN CD  NE2  sing N N 85  
GLN NE2 HE21 sing N N 86  
GLN NE2 HE22 sing N N 87  
GLN OXT HXT  sing N N 88  
GLU N   CA   sing N N 89  
GLU N   H    sing N N 90  
GLU N   H2   sing N N 91  
GLU CA  C    sing N N 92  
GLU CA  CB   sing N N 93  
GLU CA  HA   sing N N 94  
GLU C   O    doub N N 95  
GLU C   OXT  sing N N 96  
GLU CB  CG   sing N N 97  
GLU CB  HB2  sing N N 98  
GLU CB  HB3  sing N N 99  
GLU CG  CD   sing N N 100 
GLU CG  HG2  sing N N 101 
GLU CG  HG3  sing N N 102 
GLU CD  OE1  doub N N 103 
GLU CD  OE2  sing N N 104 
GLU OE2 HE2  sing N N 105 
GLU OXT HXT  sing N N 106 
GLY N   CA   sing N N 107 
GLY N   H    sing N N 108 
GLY N   H2   sing N N 109 
GLY CA  C    sing N N 110 
GLY CA  HA2  sing N N 111 
GLY CA  HA3  sing N N 112 
GLY C   O    doub N N 113 
GLY C   OXT  sing N N 114 
GLY OXT HXT  sing N N 115 
HIS N   CA   sing N N 116 
HIS N   H    sing N N 117 
HIS N   H2   sing N N 118 
HIS CA  C    sing N N 119 
HIS CA  CB   sing N N 120 
HIS CA  HA   sing N N 121 
HIS C   O    doub N N 122 
HIS C   OXT  sing N N 123 
HIS CB  CG   sing N N 124 
HIS CB  HB2  sing N N 125 
HIS CB  HB3  sing N N 126 
HIS CG  ND1  sing Y N 127 
HIS CG  CD2  doub Y N 128 
HIS ND1 CE1  doub Y N 129 
HIS ND1 HD1  sing N N 130 
HIS CD2 NE2  sing Y N 131 
HIS CD2 HD2  sing N N 132 
HIS CE1 NE2  sing Y N 133 
HIS CE1 HE1  sing N N 134 
HIS NE2 HE2  sing N N 135 
HIS OXT HXT  sing N N 136 
HOH O   H1   sing N N 137 
HOH O   H2   sing N N 138 
ILE N   CA   sing N N 139 
ILE N   H    sing N N 140 
ILE N   H2   sing N N 141 
ILE CA  C    sing N N 142 
ILE CA  CB   sing N N 143 
ILE CA  HA   sing N N 144 
ILE C   O    doub N N 145 
ILE C   OXT  sing N N 146 
ILE CB  CG1  sing N N 147 
ILE CB  CG2  sing N N 148 
ILE CB  HB   sing N N 149 
ILE CG1 CD1  sing N N 150 
ILE CG1 HG12 sing N N 151 
ILE CG1 HG13 sing N N 152 
ILE CG2 HG21 sing N N 153 
ILE CG2 HG22 sing N N 154 
ILE CG2 HG23 sing N N 155 
ILE CD1 HD11 sing N N 156 
ILE CD1 HD12 sing N N 157 
ILE CD1 HD13 sing N N 158 
ILE OXT HXT  sing N N 159 
LEU N   CA   sing N N 160 
LEU N   H    sing N N 161 
LEU N   H2   sing N N 162 
LEU CA  C    sing N N 163 
LEU CA  CB   sing N N 164 
LEU CA  HA   sing N N 165 
LEU C   O    doub N N 166 
LEU C   OXT  sing N N 167 
LEU CB  CG   sing N N 168 
LEU CB  HB2  sing N N 169 
LEU CB  HB3  sing N N 170 
LEU CG  CD1  sing N N 171 
LEU CG  CD2  sing N N 172 
LEU CG  HG   sing N N 173 
LEU CD1 HD11 sing N N 174 
LEU CD1 HD12 sing N N 175 
LEU CD1 HD13 sing N N 176 
LEU CD2 HD21 sing N N 177 
LEU CD2 HD22 sing N N 178 
LEU CD2 HD23 sing N N 179 
LEU OXT HXT  sing N N 180 
LYS N   CA   sing N N 181 
LYS N   H    sing N N 182 
LYS N   H2   sing N N 183 
LYS CA  C    sing N N 184 
LYS CA  CB   sing N N 185 
LYS CA  HA   sing N N 186 
LYS C   O    doub N N 187 
LYS C   OXT  sing N N 188 
LYS CB  CG   sing N N 189 
LYS CB  HB2  sing N N 190 
LYS CB  HB3  sing N N 191 
LYS CG  CD   sing N N 192 
LYS CG  HG2  sing N N 193 
LYS CG  HG3  sing N N 194 
LYS CD  CE   sing N N 195 
LYS CD  HD2  sing N N 196 
LYS CD  HD3  sing N N 197 
LYS CE  NZ   sing N N 198 
LYS CE  HE2  sing N N 199 
LYS CE  HE3  sing N N 200 
LYS NZ  HZ1  sing N N 201 
LYS NZ  HZ2  sing N N 202 
LYS NZ  HZ3  sing N N 203 
LYS OXT HXT  sing N N 204 
MET N   CA   sing N N 205 
MET N   H    sing N N 206 
MET N   H2   sing N N 207 
MET CA  C    sing N N 208 
MET CA  CB   sing N N 209 
MET CA  HA   sing N N 210 
MET C   O    doub N N 211 
MET C   OXT  sing N N 212 
MET CB  CG   sing N N 213 
MET CB  HB2  sing N N 214 
MET CB  HB3  sing N N 215 
MET CG  SD   sing N N 216 
MET CG  HG2  sing N N 217 
MET CG  HG3  sing N N 218 
MET SD  CE   sing N N 219 
MET CE  HE1  sing N N 220 
MET CE  HE2  sing N N 221 
MET CE  HE3  sing N N 222 
MET OXT HXT  sing N N 223 
PHE N   CA   sing N N 224 
PHE N   H    sing N N 225 
PHE N   H2   sing N N 226 
PHE CA  C    sing N N 227 
PHE CA  CB   sing N N 228 
PHE CA  HA   sing N N 229 
PHE C   O    doub N N 230 
PHE C   OXT  sing N N 231 
PHE CB  CG   sing N N 232 
PHE CB  HB2  sing N N 233 
PHE CB  HB3  sing N N 234 
PHE CG  CD1  doub Y N 235 
PHE CG  CD2  sing Y N 236 
PHE CD1 CE1  sing Y N 237 
PHE CD1 HD1  sing N N 238 
PHE CD2 CE2  doub Y N 239 
PHE CD2 HD2  sing N N 240 
PHE CE1 CZ   doub Y N 241 
PHE CE1 HE1  sing N N 242 
PHE CE2 CZ   sing Y N 243 
PHE CE2 HE2  sing N N 244 
PHE CZ  HZ   sing N N 245 
PHE OXT HXT  sing N N 246 
PRO N   CA   sing N N 247 
PRO N   CD   sing N N 248 
PRO N   H    sing N N 249 
PRO CA  C    sing N N 250 
PRO CA  CB   sing N N 251 
PRO CA  HA   sing N N 252 
PRO C   O    doub N N 253 
PRO C   OXT  sing N N 254 
PRO CB  CG   sing N N 255 
PRO CB  HB2  sing N N 256 
PRO CB  HB3  sing N N 257 
PRO CG  CD   sing N N 258 
PRO CG  HG2  sing N N 259 
PRO CG  HG3  sing N N 260 
PRO CD  HD2  sing N N 261 
PRO CD  HD3  sing N N 262 
PRO OXT HXT  sing N N 263 
SER N   CA   sing N N 264 
SER N   H    sing N N 265 
SER N   H2   sing N N 266 
SER CA  C    sing N N 267 
SER CA  CB   sing N N 268 
SER CA  HA   sing N N 269 
SER C   O    doub N N 270 
SER C   OXT  sing N N 271 
SER CB  OG   sing N N 272 
SER CB  HB2  sing N N 273 
SER CB  HB3  sing N N 274 
SER OG  HG   sing N N 275 
SER OXT HXT  sing N N 276 
THR N   CA   sing N N 277 
THR N   H    sing N N 278 
THR N   H2   sing N N 279 
THR CA  C    sing N N 280 
THR CA  CB   sing N N 281 
THR CA  HA   sing N N 282 
THR C   O    doub N N 283 
THR C   OXT  sing N N 284 
THR CB  OG1  sing N N 285 
THR CB  CG2  sing N N 286 
THR CB  HB   sing N N 287 
THR OG1 HG1  sing N N 288 
THR CG2 HG21 sing N N 289 
THR CG2 HG22 sing N N 290 
THR CG2 HG23 sing N N 291 
THR OXT HXT  sing N N 292 
VAL N   CA   sing N N 293 
VAL N   H    sing N N 294 
VAL N   H2   sing N N 295 
VAL CA  C    sing N N 296 
VAL CA  CB   sing N N 297 
VAL CA  HA   sing N N 298 
VAL C   O    doub N N 299 
VAL C   OXT  sing N N 300 
VAL CB  CG1  sing N N 301 
VAL CB  CG2  sing N N 302 
VAL CB  HB   sing N N 303 
VAL CG1 HG11 sing N N 304 
VAL CG1 HG12 sing N N 305 
VAL CG1 HG13 sing N N 306 
VAL CG2 HG21 sing N N 307 
VAL CG2 HG22 sing N N 308 
VAL CG2 HG23 sing N N 309 
VAL OXT HXT  sing N N 310 
# 
_pdbx_audit_support.funding_organization   'Russian Science Foundation' 
_pdbx_audit_support.country                'Russian Federation' 
_pdbx_audit_support.grant_number           15-14-00063 
_pdbx_audit_support.ordinal                1 
# 
_pdbx_initial_refinement_model.id               1 
_pdbx_initial_refinement_model.entity_id_list   ? 
_pdbx_initial_refinement_model.type             'experimental model' 
_pdbx_initial_refinement_model.source_name      PDB 
_pdbx_initial_refinement_model.accession_code   1HUU 
_pdbx_initial_refinement_model.details          ? 
# 
_atom_sites.entry_id                    5L8Z 
_atom_sites.fract_transf_matrix[1][1]   -0.01730811 
_atom_sites.fract_transf_matrix[1][2]   -0.00647930 
_atom_sites.fract_transf_matrix[1][3]   0.00036851 
_atom_sites.fract_transf_matrix[2][1]   -0.00362481 
_atom_sites.fract_transf_matrix[2][2]   0.00831939 
_atom_sites.fract_transf_matrix[2][3]   -0.02397396 
_atom_sites.fract_transf_matrix[3][1]   0.00027396 
_atom_sites.fract_transf_matrix[3][2]   -0.02565330 
_atom_sites.fract_transf_matrix[3][3]   -0.00894357 
_atom_sites.fract_transf_vector[1]      -0.023600 
_atom_sites.fract_transf_vector[2]      0.037927 
_atom_sites.fract_transf_vector[3]      -0.104396 
# 
loop_
_atom_type.symbol 
C  
N  
NA 
O  
S  
# 
loop_
_atom_site.group_PDB 
_atom_site.id 
_atom_site.type_symbol 
_atom_site.label_atom_id 
_atom_site.label_alt_id 
_atom_site.label_comp_id 
_atom_site.label_asym_id 
_atom_site.label_entity_id 
_atom_site.label_seq_id 
_atom_site.pdbx_PDB_ins_code 
_atom_site.Cartn_x 
_atom_site.Cartn_y 
_atom_site.Cartn_z 
_atom_site.occupancy 
_atom_site.B_iso_or_equiv 
_atom_site.pdbx_formal_charge 
_atom_site.auth_seq_id 
_atom_site.auth_comp_id 
_atom_site.auth_asym_id 
_atom_site.auth_atom_id 
_atom_site.pdbx_PDB_model_num 
ATOM   1   N  N   . GLY A 1 1  ? -15.145 -12.541 -2.486  1.00 21.99 ? -1  GLY A N   1 
ATOM   2   C  CA  . GLY A 1 1  ? -15.087 -12.479 -0.989  1.00 16.08 ? -1  GLY A CA  1 
ATOM   3   C  C   . GLY A 1 1  ? -14.259 -11.296 -0.595  1.00 13.70 ? -1  GLY A C   1 
ATOM   4   O  O   . GLY A 1 1  ? -13.749 -10.517 -1.421  1.00 13.81 ? -1  GLY A O   1 
ATOM   5   N  N   . HIS A 1 2  ? -14.190 -11.157 0.714   1.00 13.07 ? 0   HIS A N   1 
ATOM   6   C  CA  . HIS A 1 2  ? -13.548 -9.998  1.308   1.00 13.40 ? 0   HIS A CA  1 
ATOM   7   C  C   . HIS A 1 2  ? -12.833 -10.367 2.550   1.00 12.53 ? 0   HIS A C   1 
ATOM   8   O  O   . HIS A 1 2  ? -13.296 -11.201 3.360   1.00 15.01 ? 0   HIS A O   1 
ATOM   9   C  CB  . HIS A 1 2  ? -14.595 -8.986  1.624   1.00 13.67 ? 0   HIS A CB  1 
ATOM   10  C  CG  . HIS A 1 2  ? -15.135 -8.343  0.415   1.00 15.39 ? 0   HIS A CG  1 
ATOM   11  N  ND1 . HIS A 1 2  ? -14.569 -7.233  -0.142  1.00 15.22 ? 0   HIS A ND1 1 
ATOM   12  C  CD2 . HIS A 1 2  ? -16.217 -8.633  -0.345  1.00 15.63 ? 0   HIS A CD2 1 
ATOM   13  C  CE1 . HIS A 1 2  ? -15.217 -6.881  -1.237  1.00 18.20 ? 0   HIS A CE1 1 
ATOM   14  N  NE2 . HIS A 1 2  ? -16.233 -7.712  -1.369  1.00 16.96 ? 0   HIS A NE2 1 
ATOM   15  N  N   . MET A 1 3  ? -11.649 -9.750  2.774   1.00 11.18 ? 1   MET A N   1 
ATOM   16  C  CA  . MET A 1 3  ? -11.018 -9.871  4.033   1.00 10.17 ? 1   MET A CA  1 
ATOM   17  C  C   . MET A 1 3  ? -10.565 -8.499  4.435   1.00 11.26 ? 1   MET A C   1 
ATOM   18  O  O   . MET A 1 3  ? -9.933  -7.775  3.674   1.00 10.66 ? 1   MET A O   1 
ATOM   19  C  CB  . MET A 1 3  ? -9.782  -10.758 3.963   1.00 10.75 ? 1   MET A CB  1 
ATOM   20  C  CG  . MET A 1 3  ? -9.165  -10.817 5.370   1.00 11.08 ? 1   MET A CG  1 
ATOM   21  S  SD  . MET A 1 3  ? -7.761  -11.919 5.430   1.00 13.63 ? 1   MET A SD  1 
ATOM   22  C  CE  . MET A 1 3  ? -6.552  -11.073 4.438   1.00 12.41 ? 1   MET A CE  1 
ATOM   23  N  N   . SER A 1 4  ? -10.991 -8.045  5.614   1.00 10.57 ? 2   SER A N   1 
ATOM   24  C  CA  . SER A 1 4  ? -10.624 -6.743  6.127   1.00 10.66 ? 2   SER A CA  1 
ATOM   25  C  C   . SER A 1 4  ? -9.373  -6.810  7.027   1.00 11.80 ? 2   SER A C   1 
ATOM   26  O  O   . SER A 1 4  ? -8.899  -7.928  7.418   1.00 11.24 ? 2   SER A O   1 
ATOM   27  C  CB  . SER A 1 4  ? -11.804 -6.243  6.969   1.00 12.08 ? 2   SER A CB  1 
ATOM   28  O  OG  . SER A 1 4  ? -11.789 -7.026  8.166   1.00 13.25 ? 2   SER A OG  1 
ATOM   29  N  N   . LYS A 1 5  ? -8.863  -5.629  7.409   1.00 11.78 ? 3   LYS A N   1 
ATOM   30  C  CA  . LYS A 1 5  ? -7.807  -5.619  8.355   1.00 12.08 ? 3   LYS A CA  1 
ATOM   31  C  C   . LYS A 1 5  ? -8.155  -6.278  9.669   1.00 12.79 ? 3   LYS A C   1 
ATOM   32  O  O   . LYS A 1 5  ? -7.375  -6.955  10.254  1.00 12.36 ? 3   LYS A O   1 
ATOM   33  C  CB  . LYS A 1 5  ? -7.359  -4.184  8.553   1.00 13.68 ? 3   LYS A CB  1 
ATOM   34  C  CG  . LYS A 1 5  ? -6.235  -4.010  9.524   1.00 14.85 ? 3   LYS A CG  1 
ATOM   35  C  CD  . LYS A 1 5  ? -5.769  -2.536  9.555   1.00 19.36 ? 3   LYS A CD  1 
ATOM   36  C  CE  . LYS A 1 5  ? -6.928  -1.661  10.051  1.00 21.20 ? 3   LYS A CE  1 
ATOM   37  N  NZ  . LYS A 1 5  ? -7.379  -2.196  11.377  1.00 28.39 ? 3   LYS A NZ  1 
ATOM   38  N  N   . LYS A 1 6  ? -9.378  -6.064  10.106  1.00 15.33 ? 4   LYS A N   1 
ATOM   39  C  CA  . LYS A 1 6  ? -9.797  -6.653  11.408  1.00 15.42 ? 4   LYS A CA  1 
ATOM   40  C  C   . LYS A 1 6  ? -9.838  -8.141  11.281  1.00 13.95 ? 4   LYS A C   1 
ATOM   41  O  O   . LYS A 1 6  ? -9.456  -8.827  12.164  1.00 12.92 ? 4   LYS A O   1 
ATOM   42  C  CB  . LYS A 1 6  ? -11.204 -6.151  11.830  1.00 18.99 ? 4   LYS A CB  1 
ATOM   43  C  CG  . LYS A 1 6  ? -11.273 -4.770  12.382  1.00 24.85 ? 4   LYS A CG  1 
ATOM   44  C  CD  . LYS A 1 6  ? -12.733 -4.504  12.777  1.00 27.83 ? 4   LYS A CD  1 
ATOM   45  C  CE  . LYS A 1 6  ? -12.953 -3.015  12.974  1.00 29.70 ? 4   LYS A CE  1 
ATOM   46  N  NZ  . LYS A 1 6  ? -12.138 -2.572  14.123  1.00 31.34 ? 4   LYS A NZ  1 
ATOM   47  N  N   . GLU A 1 7  ? -10.226 -8.625  10.131  1.00 11.73 ? 5   GLU A N   1 
ATOM   48  C  CA  . GLU A 1 7  ? -10.269 -10.037 9.915   1.00 12.01 ? 5   GLU A CA  1 
ATOM   49  C  C   . GLU A 1 7  ? -8.857  -10.620 9.836   1.00 11.63 ? 5   GLU A C   1 
ATOM   50  O  O   . GLU A 1 7  ? -8.602  -11.684 10.372  1.00 12.95 ? 5   GLU A O   1 
ATOM   51  C  CB  . GLU A 1 7  ? -11.059 -10.371 8.651   1.00 12.33 ? 5   GLU A CB  1 
ATOM   52  C  CG  . GLU A 1 7  ? -12.562 -10.231 8.922   1.00 14.35 ? 5   GLU A CG  1 
ATOM   53  C  CD  . GLU A 1 7  ? -13.361 -10.257 7.671   1.00 16.41 ? 5   GLU A CD  1 
ATOM   54  O  OE1 . GLU A 1 7  ? -12.938 -9.686  6.634   1.00 16.84 ? 5   GLU A OE1 1 
ATOM   55  O  OE2 . GLU A 1 7  ? -14.437 -10.906 7.671   1.00 19.95 ? 5   GLU A OE2 1 
ATOM   56  N  N   . LEU A 1 8  ? -7.943  -9.891  9.198   1.00 11.71 ? 6   LEU A N   1 
ATOM   57  C  CA  . LEU A 1 8  ? -6.562  -10.289 9.193   1.00 10.88 ? 6   LEU A CA  1 
ATOM   58  C  C   . LEU A 1 8  ? -6.035  -10.333 10.608  1.00 11.62 ? 6   LEU A C   1 
ATOM   59  O  O   . LEU A 1 8  ? -5.354  -11.270 10.992  1.00 11.27 ? 6   LEU A O   1 
ATOM   60  C  CB  . LEU A 1 8  ? -5.807  -9.274  8.343   1.00 11.01 ? 6   LEU A CB  1 
ATOM   61  C  CG  . LEU A 1 8  ? -4.309  -9.471  8.309   1.00 10.95 ? 6   LEU A CG  1 
ATOM   62  C  CD1 . LEU A 1 8  ? -3.927  -10.813 7.721   1.00 11.79 ? 6   LEU A CD1 1 
ATOM   63  C  CD2 . LEU A 1 8  ? -3.794  -8.336  7.437   1.00 11.70 ? 6   LEU A CD2 1 
ATOM   64  N  N   . ALA A 1 9  ? -6.240  -9.268  11.377  1.00 10.78 ? 7   ALA A N   1 
ATOM   65  C  CA  . ALA A 1 9  ? -5.735  -9.249  12.711  1.00 12.25 ? 7   ALA A CA  1 
ATOM   66  C  C   . ALA A 1 9  ? -6.320  -10.412 13.551  1.00 12.06 ? 7   ALA A C   1 
ATOM   67  O  O   . ALA A 1 9  ? -5.611  -10.980 14.339  1.00 12.63 ? 7   ALA A O   1 
ATOM   68  C  CB  . ALA A 1 9  ? -6.081  -7.883  13.327  1.00 13.34 ? 7   ALA A CB  1 
ATOM   69  N  N   . ALA A 1 10 ? -7.626  -10.673 13.318  1.00 12.10 ? 8   ALA A N   1 
ATOM   70  C  CA  . ALA A 1 10 ? -8.251  -11.804 14.030  1.00 12.68 ? 8   ALA A CA  1 
ATOM   71  C  C   . ALA A 1 10 ? -7.583  -13.100 13.648  1.00 11.78 ? 8   ALA A C   1 
ATOM   72  O  O   . ALA A 1 10 ? -7.412  -13.929 14.523  1.00 12.07 ? 8   ALA A O   1 
ATOM   73  C  CB  . ALA A 1 10 ? -9.757  -11.825 13.802  1.00 14.79 ? 8   ALA A CB  1 
ATOM   74  N  N   . GLN A 1 11 ? -7.184  -13.285 12.401  1.00 11.87 ? 9   GLN A N   1 
ATOM   75  C  CA  . GLN A 1 11 ? -6.505  -14.504 12.040  1.00 13.14 ? 9   GLN A CA  1 
ATOM   76  C  C   . GLN A 1 11 ? -5.143  -14.613 12.669  1.00 11.26 ? 9   GLN A C   1 
ATOM   77  O  O   . GLN A 1 11 ? -4.736  -15.655 13.229  1.00 12.12 ? 9   GLN A O   1 
ATOM   78  C  CB  . GLN A 1 11 ? -6.373  -14.613 10.501  1.00 12.95 ? 9   GLN A CB  1 
ATOM   79  C  CG  . GLN A 1 11 ? -5.734  -15.903 10.044  1.00 15.55 ? 9   GLN A CG  1 
ATOM   80  C  CD  . GLN A 1 11 ? -6.711  -17.065 10.030  1.00 17.55 ? 9   GLN A CD  1 
ATOM   81  O  OE1 . GLN A 1 11 ? -7.902  -16.920 10.387  1.00 20.62 ? 9   GLN A OE1 1 
ATOM   82  N  NE2 . GLN A 1 11 ? -6.202  -18.239 9.568   1.00 21.75 ? 9   GLN A NE2 1 
ATOM   83  N  N   . ILE A 1 12 ? -4.435  -13.506 12.717  1.00 10.93 ? 10  ILE A N   1 
ATOM   84  C  CA  . ILE A 1 12 ? -3.177  -13.471 13.434  1.00 10.78 ? 10  ILE A CA  1 
ATOM   85  C  C   . ILE A 1 12 ? -3.382  -13.881 14.902  1.00 11.13 ? 10  ILE A C   1 
ATOM   86  O  O   . ILE A 1 12 ? -2.676  -14.666 15.421  1.00 11.37 ? 10  ILE A O   1 
ATOM   87  C  CB  . ILE A 1 12 ? -2.522  -12.098 13.295  1.00 11.61 ? 10  ILE A CB  1 
ATOM   88  C  CG1 . ILE A 1 12 ? -2.135  -11.891 11.819  1.00 12.75 ? 10  ILE A CG1 1 
ATOM   89  C  CG2 . ILE A 1 12 ? -1.348  -11.942 14.271  1.00 12.20 ? 10  ILE A CG2 1 
ATOM   90  C  CD1 . ILE A 1 12 ? -1.809  -10.456 11.453  1.00 15.30 ? 10  ILE A CD1 1 
ATOM   91  N  N   . ALA A 1 13 ? -4.416  -13.305 15.524  1.00 11.46 ? 11  ALA A N   1 
ATOM   92  C  CA  . ALA A 1 13 ? -4.629  -13.567 16.927  1.00 11.70 ? 11  ALA A CA  1 
ATOM   93  C  C   . ALA A 1 13 ? -4.950  -15.040 17.071  1.00 12.56 ? 11  ALA A C   1 
ATOM   94  O  O   . ALA A 1 13 ? -4.446  -15.659 18.001  1.00 13.17 ? 11  ALA A O   1 
ATOM   95  C  CB  . ALA A 1 13 ? -5.798  -12.743 17.357  1.00 11.83 ? 11  ALA A CB  1 
ATOM   96  N  N   . GLU A 1 14 ? -5.732  -15.588 16.159  1.00 11.57 ? 12  GLU A N   1 
ATOM   97  C  CA  . GLU A 1 14 ? -6.130  -16.996 16.302  1.00 12.03 ? 12  GLU A CA  1 
ATOM   98  C  C   . GLU A 1 14 ? -4.945  -17.939 16.078  1.00 12.13 ? 12  GLU A C   1 
ATOM   99  O  O   . GLU A 1 14 ? -4.869  -18.982 16.660  1.00 11.97 ? 12  GLU A O   1 
ATOM   100 C  CB  . GLU A 1 14 ? -7.195  -17.266 15.281  1.00 15.87 ? 12  GLU A CB  1 
ATOM   101 C  CG  . GLU A 1 14 ? -7.706  -18.700 15.277  1.00 21.76 ? 12  GLU A CG  1 
ATOM   102 C  CD  . GLU A 1 14 ? -8.897  -18.838 14.345  1.00 26.93 ? 12  GLU A CD  1 
ATOM   103 O  OE1 . GLU A 1 14 ? -9.776  -17.940 14.320  1.00 37.30 ? 12  GLU A OE1 1 
ATOM   104 O  OE2 . GLU A 1 14 ? -8.943  -19.864 13.620  1.00 33.21 ? 12  GLU A OE2 1 
ATOM   105 N  N   . LYS A 1 15 ? -4.070  -17.595 15.176  1.00 11.49 ? 13  LYS A N   1 
ATOM   106 C  CA  . LYS A 1 15 ? -2.995  -18.473 14.837  1.00 12.44 ? 13  LYS A CA  1 
ATOM   107 C  C   . LYS A 1 15 ? -1.751  -18.249 15.614  1.00 11.50 ? 13  LYS A C   1 
ATOM   108 O  O   . LYS A 1 15 ? -0.794  -19.011 15.493  1.00 12.58 ? 13  LYS A O   1 
ATOM   109 C  CB  . LYS A 1 15 ? -2.750  -18.299 13.319  1.00 11.96 ? 13  LYS A CB  1 
ATOM   110 C  CG  . LYS A 1 15 ? -3.868  -18.886 12.433  1.00 13.49 ? 13  LYS A CG  1 
ATOM   111 C  CD  . LYS A 1 15 ? -4.192  -20.316 12.876  1.00 13.07 ? 13  LYS A CD  1 
ATOM   112 C  CE  . LYS A 1 15 ? -5.074  -20.889 11.808  1.00 15.91 ? 13  LYS A CE  1 
ATOM   113 N  NZ  . LYS A 1 15 ? -5.623  -22.230 12.189  1.00 16.50 ? 13  LYS A NZ  1 
ATOM   114 N  N   . PHE A 1 16 ? -1.704  -17.203 16.433  1.00 10.98 ? 14  PHE A N   1 
ATOM   115 C  CA  . PHE A 1 16 ? -0.539  -16.964 17.224  1.00 11.74 ? 14  PHE A CA  1 
ATOM   116 C  C   . PHE A 1 16 ? -0.969  -16.663 18.641  1.00 11.41 ? 14  PHE A C   1 
ATOM   117 O  O   . PHE A 1 16 ? -0.410  -15.764 19.279  1.00 11.23 ? 14  PHE A O   1 
ATOM   118 C  CB  . PHE A 1 16 ? 0.270   -15.761 16.677  1.00 12.53 ? 14  PHE A CB  1 
ATOM   119 C  CG  . PHE A 1 16 ? 0.962   -16.090 15.392  1.00 15.19 ? 14  PHE A CG  1 
ATOM   120 C  CD1 . PHE A 1 16 ? 2.237   -16.620 15.387  1.00 18.11 ? 14  PHE A CD1 1 
ATOM   121 C  CD2 . PHE A 1 16 ? 0.266   -15.857 14.222  1.00 16.73 ? 14  PHE A CD2 1 
ATOM   122 C  CE1 . PHE A 1 16 ? 2.846   -16.926 14.173  1.00 21.34 ? 14  PHE A CE1 1 
ATOM   123 C  CE2 . PHE A 1 16 ? 0.859   -16.169 13.010  1.00 18.99 ? 14  PHE A CE2 1 
ATOM   124 C  CZ  . PHE A 1 16 ? 2.147   -16.665 12.989  1.00 21.76 ? 14  PHE A CZ  1 
ATOM   125 N  N   . THR A 1 17 ? -1.909  -17.442 19.156  1.00 11.44 ? 15  THR A N   1 
ATOM   126 C  CA  . THR A 1 17 ? -2.373  -17.165 20.507  1.00 11.18 ? 15  THR A CA  1 
ATOM   127 C  C   . THR A 1 17 ? -1.271  -17.412 21.508  1.00 10.86 ? 15  THR A C   1 
ATOM   128 O  O   . THR A 1 17 ? -1.315  -16.782 22.579  1.00 13.19 ? 15  THR A O   1 
ATOM   129 C  CB  . THR A 1 17 ? -3.515  -18.123 20.815  1.00 12.07 ? 15  THR A CB  1 
ATOM   130 O  OG1 . THR A 1 17 ? -3.048  -19.444 20.579  1.00 16.99 ? 15  THR A OG1 1 
ATOM   131 C  CG2 . THR A 1 17 ? -4.625  -17.976 19.852  1.00 12.05 ? 15  THR A CG2 1 
ATOM   132 N  N   . ASP A 1 18 ? -0.216  -18.162 21.196  1.00 10.95 ? 16  ASP A N   1 
ATOM   133 C  CA  . ASP A 1 18 ? 0.861   -18.343 22.148  1.00 12.26 ? 16  ASP A CA  1 
ATOM   134 C  C   . ASP A 1 18 ? 1.721   -17.089 22.180  1.00 12.40 ? 16  ASP A C   1 
ATOM   135 O  O   . ASP A 1 18 ? 2.492   -16.916 23.089  1.00 14.69 ? 16  ASP A O   1 
ATOM   136 C  CB  . ASP A 1 18 ? 1.679   -19.551 21.723  1.00 14.55 ? 16  ASP A CB  1 
ATOM   137 C  CG  . ASP A 1 18 ? 2.152   -19.439 20.280  1.00 14.26 ? 16  ASP A CG  1 
ATOM   138 O  OD1 . ASP A 1 18 ? 1.331   -19.178 19.367  1.00 14.30 ? 16  ASP A OD1 1 
ATOM   139 O  OD2 . ASP A 1 18 ? 3.417   -19.534 20.075  1.00 17.23 ? 16  ASP A OD2 1 
ATOM   140 N  N   . VAL A 1 19 ? 1.607   -16.253 21.147  1.00 12.00 ? 17  VAL A N   1 
ATOM   141 C  CA  . VAL A 1 19 ? 2.498   -15.107 21.021  1.00 13.64 ? 17  VAL A CA  1 
ATOM   142 C  C   . VAL A 1 19 ? 1.806   -13.895 21.536  1.00 13.09 ? 17  VAL A C   1 
ATOM   143 O  O   . VAL A 1 19 ? 2.467   -13.143 22.293  1.00 14.04 ? 17  VAL A O   1 
ATOM   144 C  CB  . VAL A 1 19 ? 2.844   -14.920 19.548  1.00 12.15 ? 17  VAL A CB  1 
ATOM   145 C  CG1 . VAL A 1 19 ? 3.749   -13.673 19.420  1.00 14.81 ? 17  VAL A CG1 1 
ATOM   146 C  CG2 . VAL A 1 19 ? 3.618   -16.162 19.069  1.00 15.34 ? 17  VAL A CG2 1 
ATOM   147 N  N   . LEU A 1 20 ? 0.564   -13.632 21.189  1.00 12.60 ? 18  LEU A N   1 
ATOM   148 C  CA  . LEU A 1 20 ? -0.008  -12.372 21.511  1.00 12.60 ? 18  LEU A CA  1 
ATOM   149 C  C   . LEU A 1 20 ? -1.471  -12.413 21.604  1.00 12.98 ? 18  LEU A C   1 
ATOM   150 O  O   . LEU A 1 20 ? -2.148  -13.355 21.121  1.00 14.61 ? 18  LEU A O   1 
ATOM   151 C  CB  . LEU A 1 20 ? 0.547   -11.314 20.536  1.00 13.16 ? 18  LEU A CB  1 
ATOM   152 C  CG  . LEU A 1 20 ? -0.122  -11.300 19.161  1.00 13.87 ? 18  LEU A CG  1 
ATOM   153 C  CD1 . LEU A 1 20 ? 0.536   -10.189 18.360  1.00 13.95 ? 18  LEU A CD1 1 
ATOM   154 C  CD2 . LEU A 1 20 ? -0.121  -12.570 18.352  1.00 16.21 ? 18  LEU A CD2 1 
ATOM   155 N  N   . SER A 1 21 ? -2.049  -11.468 22.312  1.00 12.96 ? 19  SER A N   1 
ATOM   156 C  CA  . SER A 1 21 ? -3.457  -11.343 22.463  1.00 11.93 ? 19  SER A CA  1 
ATOM   157 C  C   . SER A 1 21 ? -4.169  -10.768 21.259  1.00 13.06 ? 19  SER A C   1 
ATOM   158 O  O   . SER A 1 21 ? -3.525  -10.269 20.328  1.00 13.18 ? 19  SER A O   1 
ATOM   159 C  CB  . SER A 1 21 ? -3.714  -10.441 23.694  1.00 12.28 ? 19  SER A CB  1 
ATOM   160 O  OG  . SER A 1 21 ? -3.374  -9.133  23.230  1.00 13.92 ? 19  SER A OG  1 
ATOM   161 N  N   . LYS A 1 22 ? -5.460  -10.810 21.250  1.00 11.53 ? 20  LYS A N   1 
ATOM   162 C  CA  . LYS A 1 22 ? -6.262  -10.230 20.188  1.00 11.89 ? 20  LYS A CA  1 
ATOM   163 C  C   . LYS A 1 22 ? -6.010  -8.739  20.106  1.00 11.01 ? 20  LYS A C   1 
ATOM   164 O  O   . LYS A 1 22 ? -5.925  -8.163  19.011  1.00 11.96 ? 20  LYS A O   1 
ATOM   165 C  CB  . LYS A 1 22 ? -7.761  -10.531 20.381  1.00 13.87 ? 20  LYS A CB  1 
ATOM   166 C  CG  A LYS A 1 22 ? -8.084  -11.987 20.184  0.50 15.82 ? 20  LYS A CG  1 
ATOM   167 C  CG  B LYS A 1 22 ? -8.681  -10.229 19.212  0.50 15.85 ? 20  LYS A CG  1 
ATOM   168 C  CD  A LYS A 1 22 ? -9.550  -12.168 20.512  0.50 16.63 ? 20  LYS A CD  1 
ATOM   169 C  CD  B LYS A 1 22 ? -9.888  -11.160 19.027  0.50 16.18 ? 20  LYS A CD  1 
ATOM   170 C  CE  A LYS A 1 22 ? -10.095 -13.604 20.567  0.50 17.60 ? 20  LYS A CE  1 
ATOM   171 C  CE  B LYS A 1 22 ? -9.934  -11.447 17.523  0.50 15.59 ? 20  LYS A CE  1 
ATOM   172 N  NZ  A LYS A 1 22 ? -11.153 -13.901 21.658  0.50 13.40 ? 20  LYS A NZ  1 
ATOM   173 N  NZ  B LYS A 1 22 ? -9.556  -10.275 16.680  0.50 19.20 ? 20  LYS A NZ  1 
ATOM   174 N  N   . THR A 1 23 ? -5.875  -8.101  21.246  1.00 11.55 ? 21  THR A N   1 
ATOM   175 C  CA  . THR A 1 23 ? -5.598  -6.680  21.233  1.00 12.01 ? 21  THR A CA  1 
ATOM   176 C  C   . THR A 1 23 ? -4.224  -6.389  20.642  1.00 11.89 ? 21  THR A C   1 
ATOM   177 O  O   . THR A 1 23 ? -4.098  -5.509  19.792  1.00 12.99 ? 21  THR A O   1 
ATOM   178 C  CB  . THR A 1 23 ? -5.717  -6.119  22.655  1.00 11.91 ? 21  THR A CB  1 
ATOM   179 O  OG1 . THR A 1 23 ? -7.073  -6.291  23.087  1.00 15.99 ? 21  THR A OG1 1 
ATOM   180 C  CG2 . THR A 1 23 ? -5.407  -4.638  22.618  1.00 13.91 ? 21  THR A CG2 1 
ATOM   181 N  N   . HIS A 1 24 ? -3.227  -7.140  21.002  1.00 11.66 ? 22  HIS A N   1 
ATOM   182 C  CA  . HIS A 1 24 ? -1.963  -6.912  20.436  1.00 11.67 ? 22  HIS A CA  1 
ATOM   183 C  C   . HIS A 1 24 ? -1.905  -7.296  18.982  1.00 11.74 ? 22  HIS A C   1 
ATOM   184 O  O   . HIS A 1 24 ? -1.172  -6.666  18.249  1.00 12.37 ? 22  HIS A O   1 
ATOM   185 C  CB  . HIS A 1 24 ? -0.965  -7.658  21.258  1.00 12.23 ? 22  HIS A CB  1 
ATOM   186 C  CG  . HIS A 1 24 ? -0.725  -6.952  22.551  1.00 13.68 ? 22  HIS A CG  1 
ATOM   187 N  ND1 . HIS A 1 24 ? -0.308  -7.616  23.679  1.00 14.94 ? 22  HIS A ND1 1 
ATOM   188 C  CD2 . HIS A 1 24 ? -0.762  -5.632  22.847  1.00 15.70 ? 22  HIS A CD2 1 
ATOM   189 C  CE1 . HIS A 1 24 ? -0.147  -6.730  24.650  1.00 17.18 ? 22  HIS A CE1 1 
ATOM   190 N  NE2 . HIS A 1 24 ? -0.395  -5.525  24.165  1.00 17.12 ? 22  HIS A NE2 1 
ATOM   191 N  N   . ALA A 1 25 ? -2.636  -8.307  18.597  1.00 12.19 ? 23  ALA A N   1 
ATOM   192 C  CA  . ALA A 1 25 ? -2.646  -8.655  17.182  1.00 11.64 ? 23  ALA A CA  1 
ATOM   193 C  C   . ALA A 1 25 ? -3.212  -7.523  16.385  1.00 12.49 ? 23  ALA A C   1 
ATOM   194 O  O   . ALA A 1 25 ? -2.660  -7.206  15.333  1.00 11.94 ? 23  ALA A O   1 
ATOM   195 C  CB  . ALA A 1 25 ? -3.474  -9.879  16.943  1.00 12.08 ? 23  ALA A CB  1 
ATOM   196 N  N   . GLU A 1 26 ? -4.257  -6.876  16.880  1.00 13.52 ? 24  GLU A N   1 
ATOM   197 C  CA  . GLU A 1 26 ? -4.753  -5.738  16.154  1.00 14.60 ? 24  GLU A CA  1 
ATOM   198 C  C   . GLU A 1 26 ? -3.759  -4.618  16.161  1.00 11.98 ? 24  GLU A C   1 
ATOM   199 O  O   . GLU A 1 26 ? -3.598  -4.000  15.167  1.00 11.92 ? 24  GLU A O   1 
ATOM   200 C  CB  . GLU A 1 26 ? -6.047  -5.259  16.754  1.00 18.03 ? 24  GLU A CB  1 
ATOM   201 C  CG  A GLU A 1 26 ? -7.128  -4.940  15.743  0.50 20.22 ? 24  GLU A CG  1 
ATOM   202 C  CG  B GLU A 1 26 ? -6.623  -3.996  16.097  0.50 17.76 ? 24  GLU A CG  1 
ATOM   203 C  CD  A GLU A 1 26 ? -8.471  -5.196  16.378  0.50 20.16 ? 24  GLU A CD  1 
ATOM   204 C  CD  B GLU A 1 26 ? -8.100  -3.870  16.342  0.50 22.13 ? 24  GLU A CD  1 
ATOM   205 O  OE1 A GLU A 1 26 ? -9.288  -5.929  15.773  0.50 19.34 ? 24  GLU A OE1 1 
ATOM   206 O  OE1 B GLU A 1 26 ? -8.474  -3.760  17.545  0.50 25.50 ? 24  GLU A OE1 1 
ATOM   207 O  OE2 A GLU A 1 26 ? -8.645  -4.726  17.525  0.50 24.41 ? 24  GLU A OE2 1 
ATOM   208 O  OE2 B GLU A 1 26 ? -8.832  -3.854  15.318  0.50 22.02 ? 24  GLU A OE2 1 
ATOM   209 N  N   . GLU A 1 27 ? -3.122  -4.346  17.277  1.00 11.70 ? 25  GLU A N   1 
ATOM   210 C  CA  . GLU A 1 27 ? -2.113  -3.284  17.318  1.00 12.38 ? 25  GLU A CA  1 
ATOM   211 C  C   . GLU A 1 27 ? -1.005  -3.557  16.367  1.00 12.03 ? 25  GLU A C   1 
ATOM   212 O  O   . GLU A 1 27 ? -0.554  -2.691  15.624  1.00 13.19 ? 25  GLU A O   1 
ATOM   213 C  CB  . GLU A 1 27 ? -1.524  -3.176  18.695  1.00 14.72 ? 25  GLU A CB  1 
ATOM   214 C  CG  A GLU A 1 27 ? -1.085  -1.803  19.114  0.50 15.46 ? 25  GLU A CG  1 
ATOM   215 C  CG  B GLU A 1 27 ? -2.388  -2.442  19.661  0.50 15.33 ? 25  GLU A CG  1 
ATOM   216 C  CD  A GLU A 1 27 ? -0.751  -1.748  20.582  0.50 18.00 ? 25  GLU A CD  1 
ATOM   217 C  CD  B GLU A 1 27 ? -1.738  -2.083  20.982  0.50 15.24 ? 25  GLU A CD  1 
ATOM   218 O  OE1 A GLU A 1 27 ? -1.156  -2.657  21.332  0.50 16.05 ? 25  GLU A OE1 1 
ATOM   219 O  OE1 B GLU A 1 27 ? -2.241  -2.591  21.951  0.50 19.11 ? 25  GLU A OE1 1 
ATOM   220 O  OE2 A GLU A 1 27 ? -0.120  -0.755  20.985  0.50 18.72 ? 25  GLU A OE2 1 
ATOM   221 O  OE2 B GLU A 1 27 ? -0.813  -1.224  21.086  0.50 18.49 ? 25  GLU A OE2 1 
ATOM   222 N  N   . ILE A 1 28 ? -0.519  -4.758  16.297  1.00 11.11 ? 26  ILE A N   1 
ATOM   223 C  CA  . ILE A 1 28 ? 0.584   -5.032  15.461  1.00 10.74 ? 26  ILE A CA  1 
ATOM   224 C  C   . ILE A 1 28 ? 0.158   -4.995  14.036  1.00 11.94 ? 26  ILE A C   1 
ATOM   225 O  O   . ILE A 1 28 ? 0.919   -4.502  13.169  1.00 11.85 ? 26  ILE A O   1 
ATOM   226 C  CB  . ILE A 1 28 ? 1.176   -6.379  15.843  1.00 12.24 ? 26  ILE A CB  1 
ATOM   227 C  CG1 . ILE A 1 28 ? 1.878   -6.079  17.158  1.00 14.81 ? 26  ILE A CG1 1 
ATOM   228 C  CG2 . ILE A 1 28 ? 2.174   -6.895  14.836  1.00 13.36 ? 26  ILE A CG2 1 
ATOM   229 C  CD1 . ILE A 1 28 ? 2.403   -7.287  17.858  1.00 18.17 ? 26  ILE A CD1 1 
ATOM   230 N  N   . THR A 1 29 ? -1.017  -5.522  13.708  1.00 11.37 ? 27  THR A N   1 
ATOM   231 C  CA  . THR A 1 29 ? -1.474  -5.451  12.334  1.00 11.30 ? 27  THR A CA  1 
ATOM   232 C  C   . THR A 1 29 ? -1.579  -4.004  11.925  1.00 11.31 ? 27  THR A C   1 
ATOM   233 O  O   . THR A 1 29 ? -1.166  -3.659  10.811  1.00 11.98 ? 27  THR A O   1 
ATOM   234 C  CB  . THR A 1 29 ? -2.809  -6.149  12.225  1.00 10.69 ? 27  THR A CB  1 
ATOM   235 O  OG1 . THR A 1 29 ? -2.702  -7.507  12.611  1.00 11.79 ? 27  THR A OG1 1 
ATOM   236 C  CG2 . THR A 1 29 ? -3.341  -6.110  10.783  1.00 13.18 ? 27  THR A CG2 1 
ATOM   237 N  N   . ASN A 1 30 ? -2.114  -3.150  12.783  1.00 11.00 ? 28  ASN A N   1 
ATOM   238 C  CA  . ASN A 1 30 ? -2.193  -1.733  12.424  1.00 12.50 ? 28  ASN A CA  1 
ATOM   239 C  C   . ASN A 1 30 ? -0.799  -1.199  12.262  1.00 12.25 ? 28  ASN A C   1 
ATOM   240 O  O   . ASN A 1 30 ? -0.525  -0.421  11.322  1.00 12.65 ? 28  ASN A O   1 
ATOM   241 C  CB  . ASN A 1 30 ? -2.856  -0.928  13.517  1.00 13.80 ? 28  ASN A CB  1 
ATOM   242 C  CG  . ASN A 1 30 ? -4.355  -1.159  13.595  1.00 16.68 ? 28  ASN A CG  1 
ATOM   243 O  OD1 . ASN A 1 30 ? -4.953  -1.616  12.661  1.00 18.67 ? 28  ASN A OD1 1 
ATOM   244 N  ND2 . ASN A 1 30 ? -4.922  -0.887  14.732  1.00 18.42 ? 28  ASN A ND2 1 
ATOM   245 N  N   . PHE A 1 31 ? 0.140   -1.649  13.089  1.00 10.98 ? 29  PHE A N   1 
ATOM   246 C  CA  . PHE A 1 31 ? 1.492   -1.106  12.973  1.00 10.65 ? 29  PHE A CA  1 
ATOM   247 C  C   . PHE A 1 31 ? 2.137   -1.538  11.672  1.00 10.97 ? 29  PHE A C   1 
ATOM   248 O  O   . PHE A 1 31 ? 2.843   -0.730  11.075  1.00 10.16 ? 29  PHE A O   1 
ATOM   249 C  CB  . PHE A 1 31 ? 2.322   -1.601  14.162  1.00 12.45 ? 29  PHE A CB  1 
ATOM   250 C  CG  . PHE A 1 31 ? 3.679   -1.001  14.189  1.00 12.19 ? 29  PHE A CG  1 
ATOM   251 C  CD1 . PHE A 1 31 ? 4.696   -1.578  13.467  1.00 14.03 ? 29  PHE A CD1 1 
ATOM   252 C  CD2 . PHE A 1 31 ? 3.878   0.154   14.858  1.00 14.26 ? 29  PHE A CD2 1 
ATOM   253 C  CE1 . PHE A 1 31 ? 5.983   -1.036  13.467  1.00 13.00 ? 29  PHE A CE1 1 
ATOM   254 C  CE2 . PHE A 1 31 ? 5.151   0.730   14.877  1.00 15.17 ? 29  PHE A CE2 1 
ATOM   255 C  CZ  . PHE A 1 31 ? 6.188   0.173   14.159  1.00 14.22 ? 29  PHE A CZ  1 
ATOM   256 N  N   . VAL A 1 32 ? 1.913   -2.745  11.197  1.00 10.17 ? 30  VAL A N   1 
ATOM   257 C  CA  . VAL A 1 32 ? 2.464   -3.163  9.953   1.00 9.72  ? 30  VAL A CA  1 
ATOM   258 C  C   . VAL A 1 32 ? 2.169   -2.136  8.872   1.00 10.86 ? 30  VAL A C   1 
ATOM   259 O  O   . VAL A 1 32 ? 3.077   -1.658  8.191   1.00 10.69 ? 30  VAL A O   1 
ATOM   260 C  CB  . VAL A 1 32 ? 1.871   -4.507  9.560   1.00 10.72 ? 30  VAL A CB  1 
ATOM   261 C  CG1 . VAL A 1 32 ? 2.189   -4.789  8.108   1.00 12.26 ? 30  VAL A CG1 1 
ATOM   262 C  CG2 . VAL A 1 32 ? 2.452   -5.594  10.461  1.00 12.84 ? 30  VAL A CG2 1 
ATOM   263 N  N   . PHE A 1 33 ? 0.898   -1.766  8.748   1.00 8.45  ? 31  PHE A N   1 
ATOM   264 C  CA  . PHE A 1 33 ? 0.520   -0.928  7.634   1.00 10.25 ? 31  PHE A CA  1 
ATOM   265 C  C   . PHE A 1 33 ? 0.866   0.503   7.921   1.00 10.07 ? 31  PHE A C   1 
ATOM   266 O  O   . PHE A 1 33 ? 1.267   1.209   7.019   1.00 9.74  ? 31  PHE A O   1 
ATOM   267 C  CB  . PHE A 1 33 ? -0.951  -1.129  7.296   1.00 10.92 ? 31  PHE A CB  1 
ATOM   268 C  CG  . PHE A 1 33 ? -1.196  -2.477  6.829   1.00 12.83 ? 31  PHE A CG  1 
ATOM   269 C  CD1 . PHE A 1 33 ? -0.799  -2.810  5.578   1.00 11.59 ? 31  PHE A CD1 1 
ATOM   270 C  CD2 . PHE A 1 33 ? -1.671  -3.433  7.696   1.00 13.13 ? 31  PHE A CD2 1 
ATOM   271 C  CE1 . PHE A 1 33 ? -0.945  -4.109  5.115   1.00 15.84 ? 31  PHE A CE1 1 
ATOM   272 C  CE2 . PHE A 1 33 ? -1.815  -4.732  7.270   1.00 15.36 ? 31  PHE A CE2 1 
ATOM   273 C  CZ  . PHE A 1 33 ? -1.440  -5.072  5.981   1.00 15.63 ? 31  PHE A CZ  1 
ATOM   274 N  N   . ASP A 1 34 ? 0.851   0.889   9.185   1.00 9.04  ? 32  ASP A N   1 
ATOM   275 C  CA  . ASP A 1 34 ? 1.267   2.244   9.479   1.00 9.91  ? 32  ASP A CA  1 
ATOM   276 C  C   . ASP A 1 34 ? 2.713   2.384   9.170   1.00 9.68  ? 32  ASP A C   1 
ATOM   277 O  O   . ASP A 1 34 ? 3.126   3.425   8.708   1.00 9.42  ? 32  ASP A O   1 
ATOM   278 C  CB  . ASP A 1 34 ? 1.009   2.555   10.965  1.00 12.53 ? 32  ASP A CB  1 
ATOM   279 C  CG  A ASP A 1 34 ? -0.439  2.752   11.288  0.50 12.82 ? 32  ASP A CG  1 
ATOM   280 C  CG  B ASP A 1 34 ? 1.052   4.041   11.244  0.50 14.52 ? 32  ASP A CG  1 
ATOM   281 O  OD1 A ASP A 1 34 ? -1.330  2.849   10.401  0.50 14.37 ? 32  ASP A OD1 1 
ATOM   282 O  OD1 B ASP A 1 34 ? 0.330   4.794   10.565  0.50 15.68 ? 32  ASP A OD1 1 
ATOM   283 O  OD2 A ASP A 1 34 ? -0.648  2.831   12.512  0.50 13.94 ? 32  ASP A OD2 1 
ATOM   284 O  OD2 B ASP A 1 34 ? 1.776   4.471   12.158  0.50 19.35 ? 32  ASP A OD2 1 
ATOM   285 N  N   . HIS A 1 35 ? 3.521   1.379   9.471   1.00 9.96  ? 33  HIS A N   1 
ATOM   286 C  CA  . HIS A 1 35 ? 4.898   1.501   9.278   1.00 9.90  ? 33  HIS A CA  1 
ATOM   287 C  C   . HIS A 1 35 ? 5.227   1.492   7.779   1.00 9.98  ? 33  HIS A C   1 
ATOM   288 O  O   . HIS A 1 35 ? 6.074   2.216   7.355   1.00 10.28 ? 33  HIS A O   1 
ATOM   289 C  CB  . HIS A 1 35 ? 5.656   0.479   10.028  1.00 11.32 ? 33  HIS A CB  1 
ATOM   290 C  CG  . HIS A 1 35 ? 7.056   0.849   10.126  1.00 11.89 ? 33  HIS A CG  1 
ATOM   291 N  ND1 . HIS A 1 35 ? 7.432   1.952   10.863  1.00 15.23 ? 33  HIS A ND1 1 
ATOM   292 C  CD2 . HIS A 1 35 ? 8.182   0.276   9.635   1.00 13.86 ? 33  HIS A CD2 1 
ATOM   293 C  CE1 . HIS A 1 35 ? 8.740   2.037   10.782  1.00 14.53 ? 33  HIS A CE1 1 
ATOM   294 N  NE2 . HIS A 1 35 ? 9.218   1.059   10.047  1.00 15.18 ? 33  HIS A NE2 1 
ATOM   295 N  N   . ILE A 1 36 ? 4.527   0.689   7.007   1.00 9.75  ? 34  ILE A N   1 
ATOM   296 C  CA  . ILE A 1 36 ? 4.681   0.686   5.588   1.00 9.46  ? 34  ILE A CA  1 
ATOM   297 C  C   . ILE A 1 36 ? 4.292   2.070   5.040   1.00 8.89  ? 34  ILE A C   1 
ATOM   298 O  O   . ILE A 1 36 ? 5.011   2.647   4.275   1.00 9.77  ? 34  ILE A O   1 
ATOM   299 C  CB  . ILE A 1 36 ? 3.873   -0.404  4.928   1.00 8.75  ? 34  ILE A CB  1 
ATOM   300 C  CG1 . ILE A 1 36 ? 4.477   -1.758  5.330   1.00 10.14 ? 34  ILE A CG1 1 
ATOM   301 C  CG2 . ILE A 1 36 ? 3.806   -0.206  3.412   1.00 9.55  ? 34  ILE A CG2 1 
ATOM   302 C  CD1 . ILE A 1 36 ? 3.646   -2.942  4.882   1.00 10.61 ? 34  ILE A CD1 1 
ATOM   303 N  N   . LYS A 1 37 ? 3.166   2.625   5.481   1.00 9.07  ? 35  LYS A N   1 
ATOM   304 C  CA  . LYS A 1 37 ? 2.859   3.953   5.085   1.00 9.43  ? 35  LYS A CA  1 
ATOM   305 C  C   . LYS A 1 37 ? 3.933   4.921   5.485   1.00 9.34  ? 35  LYS A C   1 
ATOM   306 O  O   . LYS A 1 37 ? 4.239   5.791   4.665   1.00 10.92 ? 35  LYS A O   1 
ATOM   307 C  CB  . LYS A 1 37 ? 1.568   4.339   5.737   1.00 10.85 ? 35  LYS A CB  1 
ATOM   308 C  CG  . LYS A 1 37 ? 0.364   3.638   5.146   1.00 14.36 ? 35  LYS A CG  1 
ATOM   309 C  CD  . LYS A 1 37 ? -0.980  4.249   5.462   1.00 16.23 ? 35  LYS A CD  1 
ATOM   310 C  CE  A LYS A 1 37 ? -1.324  4.112   6.911   0.50 14.81 ? 35  LYS A CE  1 
ATOM   311 C  CE  B LYS A 1 37 ? -0.902  5.719   5.767   0.50 16.63 ? 35  LYS A CE  1 
ATOM   312 N  NZ  A LYS A 1 37 ? -2.529  4.955   7.158   0.50 15.30 ? 35  LYS A NZ  1 
ATOM   313 N  NZ  B LYS A 1 37 ? -0.500  5.726   7.197   0.50 17.71 ? 35  LYS A NZ  1 
ATOM   314 N  N   . LYS A 1 38 ? 4.436   4.843   6.691   1.00 9.88  ? 36  LYS A N   1 
ATOM   315 C  CA  . LYS A 1 38 ? 5.478   5.801   7.090   1.00 11.05 ? 36  LYS A CA  1 
ATOM   316 C  C   . LYS A 1 38 ? 6.641   5.676   6.155   1.00 10.15 ? 36  LYS A C   1 
ATOM   317 O  O   . LYS A 1 38 ? 7.210   6.716   5.736   1.00 11.25 ? 36  LYS A O   1 
ATOM   318 C  CB  . LYS A 1 38 ? 5.844   5.557   8.559   1.00 12.94 ? 36  LYS A CB  1 
ATOM   319 C  CG  A LYS A 1 38 ? 4.744   6.245   9.392   0.50 13.18 ? 36  LYS A CG  1 
ATOM   320 C  CG  B LYS A 1 38 ? 6.999   6.340   9.169   0.50 14.25 ? 36  LYS A CG  1 
ATOM   321 C  CD  A LYS A 1 38 ? 5.028   6.130   10.888  0.50 14.54 ? 36  LYS A CD  1 
ATOM   322 C  CD  B LYS A 1 38 ? 7.276   5.875   10.598  0.50 14.49 ? 36  LYS A CD  1 
ATOM   323 C  CE  A LYS A 1 38 ? 3.997   7.025   11.616  0.00 20.85 ? 36  LYS A CE  1 
ATOM   324 C  CE  B LYS A 1 38 ? 8.333   6.796   11.196  0.50 18.13 ? 36  LYS A CE  1 
ATOM   325 N  NZ  A LYS A 1 38 ? 2.692   6.922   10.937  0.00 22.50 ? 36  LYS A NZ  1 
ATOM   326 N  NZ  B LYS A 1 38 ? 7.660   7.811   12.038  0.50 20.03 ? 36  LYS A NZ  1 
ATOM   327 N  N   . ALA A 1 39 ? 7.049   4.488   5.812   1.00 10.21 ? 37  ALA A N   1 
ATOM   328 C  CA  . ALA A 1 39 ? 8.134   4.317   4.878   1.00 10.48 ? 37  ALA A CA  1 
ATOM   329 C  C   . ALA A 1 39 ? 7.842   4.894   3.518   1.00 11.10 ? 37  ALA A C   1 
ATOM   330 O  O   . ALA A 1 39 ? 8.706   5.602   2.998   1.00 9.94  ? 37  ALA A O   1 
ATOM   331 C  CB  . ALA A 1 39 ? 8.453   2.846   4.759   1.00 10.50 ? 37  ALA A CB  1 
ATOM   332 N  N   . LEU A 1 40 ? 6.625   4.727   2.979   1.00 9.37  ? 38  LEU A N   1 
ATOM   333 C  CA  . LEU A 1 40 ? 6.322   5.356   1.704   1.00 9.76  ? 38  LEU A CA  1 
ATOM   334 C  C   . LEU A 1 40 ? 6.317   6.835   1.813   1.00 10.57 ? 38  LEU A C   1 
ATOM   335 O  O   . LEU A 1 40 ? 6.827   7.522   0.932   1.00 11.57 ? 38  LEU A O   1 
ATOM   336 C  CB  . LEU A 1 40 ? 4.946   4.850   1.283   1.00 10.04 ? 38  LEU A CB  1 
ATOM   337 C  CG  . LEU A 1 40 ? 4.922   3.368   0.934   1.00 10.26 ? 38  LEU A CG  1 
ATOM   338 C  CD1 . LEU A 1 40 ? 3.502   2.919   0.880   1.00 10.40 ? 38  LEU A CD1 1 
ATOM   339 C  CD2 . LEU A 1 40 ? 5.681   3.066   -0.377  1.00 10.51 ? 38  LEU A CD2 1 
ATOM   340 N  N   . VAL A 1 41 ? 5.793   7.353   2.913   1.00 10.20 ? 39  VAL A N   1 
ATOM   341 C  CA  . VAL A 1 41 ? 5.776   8.804   3.117   1.00 12.34 ? 39  VAL A CA  1 
ATOM   342 C  C   . VAL A 1 41 ? 7.186   9.325   3.176   1.00 12.85 ? 39  VAL A C   1 
ATOM   343 O  O   . VAL A 1 41 ? 7.471   10.443  2.732   1.00 13.89 ? 39  VAL A O   1 
ATOM   344 C  CB  . VAL A 1 41 ? 4.952   9.133   4.383   1.00 12.15 ? 39  VAL A CB  1 
ATOM   345 C  CG1 . VAL A 1 41 ? 5.170   10.614  4.808   1.00 14.66 ? 39  VAL A CG1 1 
ATOM   346 C  CG2 . VAL A 1 41 ? 3.475   8.870   4.138   1.00 12.83 ? 39  VAL A CG2 1 
ATOM   347 N  N   . ALA A 1 42 ? 8.109   8.548   3.710   1.00 11.05 ? 40  ALA A N   1 
ATOM   348 C  CA  . ALA A 1 42 ? 9.508   8.912   3.736   1.00 11.61 ? 40  ALA A CA  1 
ATOM   349 C  C   . ALA A 1 42 ? 10.213  8.733   2.433   1.00 12.78 ? 40  ALA A C   1 
ATOM   350 O  O   . ALA A 1 42 ? 11.434  8.899   2.363   1.00 14.82 ? 40  ALA A O   1 
ATOM   351 C  CB  . ALA A 1 42 ? 10.175  8.131   4.840   1.00 12.27 ? 40  ALA A CB  1 
ATOM   352 N  N   . GLY A 1 43 ? 9.482   8.278   1.432   1.00 11.64 ? 41  GLY A N   1 
ATOM   353 C  CA  . GLY A 1 43 ? 10.019  8.108   0.058   1.00 12.99 ? 41  GLY A CA  1 
ATOM   354 C  C   . GLY A 1 43 ? 10.665  6.789   -0.161  1.00 14.91 ? 41  GLY A C   1 
ATOM   355 O  O   . GLY A 1 43 ? 11.342  6.591   -1.203  1.00 17.03 ? 41  GLY A O   1 
ATOM   356 N  N   . LYS A 1 44 ? 10.501  5.844   0.778   1.00 11.86 ? 42  LYS A N   1 
ATOM   357 C  CA  . LYS A 1 44 ? 11.130  4.561   0.585   1.00 10.76 ? 42  LYS A CA  1 
ATOM   358 C  C   . LYS A 1 44 ? 10.292  3.623   -0.246  1.00 10.72 ? 42  LYS A C   1 
ATOM   359 O  O   . LYS A 1 44 ? 9.085   3.670   -0.162  1.00 13.67 ? 42  LYS A O   1 
ATOM   360 C  CB  . LYS A 1 44 ? 11.352  3.889   1.910   1.00 11.76 ? 42  LYS A CB  1 
ATOM   361 C  CG  . LYS A 1 44 ? 12.323  4.756   2.724   1.00 14.25 ? 42  LYS A CG  1 
ATOM   362 C  CD  . LYS A 1 44 ? 12.488  4.060   4.041   1.00 16.80 ? 42  LYS A CD  1 
ATOM   363 C  CE  . LYS A 1 44 ? 13.414  4.845   4.971   1.00 23.84 ? 42  LYS A CE  1 
ATOM   364 N  NZ  . LYS A 1 44 ? 13.428  4.144   6.294   1.00 26.61 ? 42  LYS A NZ  1 
ATOM   365 N  N   . GLU A 1 45 ? 10.908  2.762   -1.013  1.00 10.00 ? 43  GLU A N   1 
ATOM   366 C  CA  . GLU A 1 45 ? 10.203  1.677   -1.612  1.00 11.52 ? 43  GLU A CA  1 
ATOM   367 C  C   . GLU A 1 45 ? 10.136  0.591   -0.541  1.00 10.70 ? 43  GLU A C   1 
ATOM   368 O  O   . GLU A 1 45 ? 11.129  0.278   0.146   1.00 11.17 ? 43  GLU A O   1 
ATOM   369 C  CB  . GLU A 1 45 ? 10.997  1.170   -2.800  1.00 13.23 ? 43  GLU A CB  1 
ATOM   370 C  CG  A GLU A 1 45 ? 10.417  -0.103  -3.410  0.50 13.80 ? 43  GLU A CG  1 
ATOM   371 C  CG  B GLU A 1 45 ? 10.996  2.132   -3.994  0.50 15.10 ? 43  GLU A CG  1 
ATOM   372 C  CD  A GLU A 1 45 ? 11.222  -0.667  -4.557  0.50 17.61 ? 43  GLU A CD  1 
ATOM   373 C  CD  B GLU A 1 45 ? 11.200  1.459   -5.356  0.50 16.87 ? 43  GLU A CD  1 
ATOM   374 O  OE1 A GLU A 1 45 ? 10.630  -0.850  -5.626  0.50 20.09 ? 43  GLU A OE1 1 
ATOM   375 O  OE1 B GLU A 1 45 ? 11.267  0.223   -5.373  0.50 18.31 ? 43  GLU A OE1 1 
ATOM   376 O  OE2 A GLU A 1 45 ? 12.402  -1.028  -4.399  0.50 20.97 ? 43  GLU A OE2 1 
ATOM   377 O  OE2 B GLU A 1 45 ? 11.232  2.172   -6.393  0.50 20.35 ? 43  GLU A OE2 1 
ATOM   378 N  N   . VAL A 1 46 ? 8.998   -0.052  -0.440  1.00 9.39  ? 44  VAL A N   1 
ATOM   379 C  CA  . VAL A 1 46 ? 8.859   -1.086  0.536   1.00 9.14  ? 44  VAL A CA  1 
ATOM   380 C  C   . VAL A 1 46 ? 8.764   -2.393  -0.198  1.00 10.64 ? 44  VAL A C   1 
ATOM   381 O  O   . VAL A 1 46 ? 7.849   -2.619  -0.957  1.00 10.64 ? 44  VAL A O   1 
ATOM   382 C  CB  . VAL A 1 46 ? 7.572   -0.832  1.332   1.00 8.75  ? 44  VAL A CB  1 
ATOM   383 C  CG1 . VAL A 1 46 ? 7.422   -1.949  2.352   1.00 10.59 ? 44  VAL A CG1 1 
ATOM   384 C  CG2 . VAL A 1 46 ? 7.723   0.459   2.104   1.00 11.10 ? 44  VAL A CG2 1 
ATOM   385 N  N   . SER A 1 47 ? 9.723   -3.267  0.017   1.00 9.24  ? 45  SER A N   1 
ATOM   386 C  CA  . SER A 1 47 ? 9.744   -4.537  -0.670  1.00 11.53 ? 45  SER A CA  1 
ATOM   387 C  C   . SER A 1 47 ? 9.428   -5.589  0.307   1.00 11.42 ? 45  SER A C   1 
ATOM   388 O  O   . SER A 1 47 ? 10.019  -5.657  1.397   1.00 14.10 ? 45  SER A O   1 
ATOM   389 C  CB  . SER A 1 47 ? 11.162  -4.756  -1.274  1.00 12.10 ? 45  SER A CB  1 
ATOM   390 O  OG  . SER A 1 47 ? 11.420  -3.804  -2.316  1.00 15.35 ? 45  SER A OG  1 
ATOM   391 N  N   . ILE A 1 48 ? 8.442   -6.415  -0.010  1.00 10.37 ? 46  ILE A N   1 
ATOM   392 C  CA  . ILE A 1 48 ? 8.057   -7.456  0.879   1.00 11.26 ? 46  ILE A CA  1 
ATOM   393 C  C   . ILE A 1 48 ? 8.260   -8.764  0.119   1.00 12.85 ? 46  ILE A C   1 
ATOM   394 O  O   . ILE A 1 48 ? 7.496   -9.111  -0.811  1.00 11.79 ? 46  ILE A O   1 
ATOM   395 C  CB  . ILE A 1 48 ? 6.576   -7.311  1.268   1.00 12.13 ? 46  ILE A CB  1 
ATOM   396 C  CG1 . ILE A 1 48 ? 6.247   -5.975  1.920   1.00 12.87 ? 46  ILE A CG1 1 
ATOM   397 C  CG2 . ILE A 1 48 ? 6.119   -8.445  2.152   1.00 12.88 ? 46  ILE A CG2 1 
ATOM   398 C  CD1 . ILE A 1 48 ? 6.957   -5.719  3.260   1.00 13.31 ? 46  ILE A CD1 1 
ATOM   399 N  N   . ALA A 1 49 ? 9.337   -9.436  0.531   1.00 12.53 ? 47  ALA A N   1 
ATOM   400 C  CA  . ALA A 1 49 ? 9.683   -10.690 -0.180  1.00 13.66 ? 47  ALA A CA  1 
ATOM   401 C  C   . ALA A 1 49 ? 8.508   -11.652 -0.167  1.00 13.73 ? 47  ALA A C   1 
ATOM   402 O  O   . ALA A 1 49 ? 7.865   -11.856 0.854   1.00 15.06 ? 47  ALA A O   1 
ATOM   403 C  CB  . ALA A 1 49 ? 10.804  -11.366 0.563   1.00 14.15 ? 47  ALA A CB  1 
ATOM   404 N  N   . GLY A 1 50 ? 8.275   -12.211 -1.312  1.00 13.80 ? 48  GLY A N   1 
ATOM   405 C  CA  . GLY A 1 50 ? 7.204   -13.178 -1.488  1.00 13.97 ? 48  GLY A CA  1 
ATOM   406 C  C   . GLY A 1 50 ? 5.876   -12.562 -1.747  1.00 15.17 ? 48  GLY A C   1 
ATOM   407 O  O   . GLY A 1 50 ? 4.924   -13.221 -2.082  1.00 16.61 ? 48  GLY A O   1 
ATOM   408 N  N   . PHE A 1 51 ? 5.840   -11.249 -1.668  1.00 12.10 ? 49  PHE A N   1 
ATOM   409 C  CA  . PHE A 1 51 ? 4.544   -10.569 -1.758  1.00 10.99 ? 49  PHE A CA  1 
ATOM   410 C  C   . PHE A 1 51 ? 4.559   -9.565  -2.889  1.00 10.36 ? 49  PHE A C   1 
ATOM   411 O  O   . PHE A 1 51 ? 3.896   -9.678  -3.904  1.00 12.06 ? 49  PHE A O   1 
ATOM   412 C  CB  . PHE A 1 51 ? 4.209   -9.889  -0.447  1.00 11.97 ? 49  PHE A CB  1 
ATOM   413 C  CG  . PHE A 1 51 ? 2.825   -9.339  -0.396  1.00 11.20 ? 49  PHE A CG  1 
ATOM   414 C  CD1 . PHE A 1 51 ? 1.689   -10.156 -0.453  1.00 11.17 ? 49  PHE A CD1 1 
ATOM   415 C  CD2 . PHE A 1 51 ? 2.657   -7.972  -0.448  1.00 12.30 ? 49  PHE A CD2 1 
ATOM   416 C  CE1 . PHE A 1 51 ? 0.406   -9.604  -0.398  1.00 11.76 ? 49  PHE A CE1 1 
ATOM   417 C  CE2 . PHE A 1 51 ? 1.382   -7.421  -0.402  1.00 12.89 ? 49  PHE A CE2 1 
ATOM   418 C  CZ  . PHE A 1 51 ? 0.269   -8.230  -0.379  1.00 13.01 ? 49  PHE A CZ  1 
ATOM   419 N  N   . GLY A 1 52 ? 5.368   -8.517  -2.707  1.00 10.13 ? 50  GLY A N   1 
ATOM   420 C  CA  . GLY A 1 52 ? 5.546   -7.544  -3.741  1.00 10.78 ? 50  GLY A CA  1 
ATOM   421 C  C   . GLY A 1 52 ? 6.157   -6.293  -3.192  1.00 8.78  ? 50  GLY A C   1 
ATOM   422 O  O   . GLY A 1 52 ? 6.606   -6.271  -2.081  1.00 11.16 ? 50  GLY A O   1 
ATOM   423 N  N   . LYS A 1 53 ? 6.101   -5.252  -4.000  1.00 8.91  ? 51  LYS A N   1 
ATOM   424 C  CA  . LYS A 1 53 ? 6.771   -4.015  -3.673  1.00 9.87  ? 51  LYS A CA  1 
ATOM   425 C  C   . LYS A 1 53 ? 5.803   -2.865  -3.741  1.00 9.71  ? 51  LYS A C   1 
ATOM   426 O  O   . LYS A 1 53 ? 5.028   -2.769  -4.679  1.00 10.56 ? 51  LYS A O   1 
ATOM   427 C  CB  . LYS A 1 53 ? 7.938   -3.793  -4.644  1.00 12.68 ? 51  LYS A CB  1 
ATOM   428 C  CG  . LYS A 1 53 ? 9.040   -4.844  -4.546  1.00 15.35 ? 51  LYS A CG  1 
ATOM   429 C  CD  . LYS A 1 53 ? 10.223  -4.429  -5.395  1.00 20.10 ? 51  LYS A CD  1 
ATOM   430 C  CE  . LYS A 1 53 ? 11.226  -5.569  -5.365  1.00 25.12 ? 51  LYS A CE  1 
ATOM   431 N  NZ  . LYS A 1 53 ? 12.352  -5.290  -6.320  1.00 34.12 ? 51  LYS A NZ  1 
ATOM   432 N  N   . PHE A 1 54 ? 5.958   -1.934  -2.832  1.00 9.63  ? 52  PHE A N   1 
ATOM   433 C  CA  . PHE A 1 54 ? 5.212   -0.670  -2.869  1.00 9.62  ? 52  PHE A CA  1 
ATOM   434 C  C   . PHE A 1 54 ? 6.182   0.413   -3.130  1.00 10.53 ? 52  PHE A C   1 
ATOM   435 O  O   . PHE A 1 54 ? 7.202   0.510   -2.541  1.00 10.63 ? 52  PHE A O   1 
ATOM   436 C  CB  . PHE A 1 54 ? 4.537   -0.401  -1.520  1.00 9.49  ? 52  PHE A CB  1 
ATOM   437 C  CG  . PHE A 1 54 ? 3.616   -1.507  -1.066  1.00 9.03  ? 52  PHE A CG  1 
ATOM   438 C  CD1 . PHE A 1 54 ? 4.114   -2.582  -0.377  1.00 10.10 ? 52  PHE A CD1 1 
ATOM   439 C  CD2 . PHE A 1 54 ? 2.215   -1.401  -1.280  1.00 9.22  ? 52  PHE A CD2 1 
ATOM   440 C  CE1 . PHE A 1 54 ? 3.239   -3.586  0.015   1.00 11.55 ? 52  PHE A CE1 1 
ATOM   441 C  CE2 . PHE A 1 54 ? 1.392   -2.381  -0.857  1.00 9.13  ? 52  PHE A CE2 1 
ATOM   442 C  CZ  . PHE A 1 54 ? 1.851   -3.439  -0.180  1.00 9.96  ? 52  PHE A CZ  1 
ATOM   443 N  N   . ALA A 1 55 ? 5.796   1.315   -3.988  1.00 12.27 ? 53  ALA A N   1 
ATOM   444 C  CA  . ALA A 1 55 ? 6.600   2.509   -4.301  1.00 13.41 ? 53  ALA A CA  1 
ATOM   445 C  C   . ALA A 1 55 ? 5.648   3.684   -4.411  1.00 13.08 ? 53  ALA A C   1 
ATOM   446 O  O   . ALA A 1 55 ? 4.563   3.569   -4.957  1.00 13.19 ? 53  ALA A O   1 
ATOM   447 C  CB  . ALA A 1 55 ? 7.365   2.279   -5.618  1.00 15.52 ? 53  ALA A CB  1 
ATOM   448 N  N   . VAL A 1 56 ? 6.181   4.820   -4.004  1.00 12.11 ? 54  VAL A N   1 
ATOM   449 C  CA  . VAL A 1 56 ? 5.498   6.065   -4.240  1.00 13.29 ? 54  VAL A CA  1 
ATOM   450 C  C   . VAL A 1 56 ? 5.707   6.415   -5.685  1.00 13.74 ? 54  VAL A C   1 
ATOM   451 O  O   . VAL A 1 56 ? 6.763   6.296   -6.218  1.00 16.20 ? 54  VAL A O   1 
ATOM   452 C  CB  . VAL A 1 56 ? 6.095   7.170   -3.381  1.00 12.98 ? 54  VAL A CB  1 
ATOM   453 C  CG1 . VAL A 1 56 ? 5.315   8.473   -3.683  1.00 15.03 ? 54  VAL A CG1 1 
ATOM   454 C  CG2 . VAL A 1 56 ? 5.923   6.804   -1.926  1.00 15.81 ? 54  VAL A CG2 1 
ATOM   455 N  N   . THR A 1 57 ? 4.593   6.867   -6.255  1.00 14.09 ? 55  THR A N   1 
ATOM   456 C  CA  . THR A 1 57 ? 4.538   7.253   -7.628  1.00 15.34 ? 55  THR A CA  1 
ATOM   457 C  C   . THR A 1 57 ? 4.100   8.701   -7.595  1.00 14.52 ? 55  THR A C   1 
ATOM   458 O  O   . THR A 1 57 ? 3.545   9.211   -6.575  1.00 16.88 ? 55  THR A O   1 
ATOM   459 C  CB  . THR A 1 57 ? 3.396   6.525   -8.377  1.00 16.58 ? 55  THR A CB  1 
ATOM   460 O  OG1 . THR A 1 57 ? 2.142   6.689   -7.665  1.00 17.92 ? 55  THR A OG1 1 
ATOM   461 C  CG2 . THR A 1 57 ? 3.753   5.076   -8.451  1.00 19.31 ? 55  THR A CG2 1 
ATOM   462 N  N   . GLU A 1 58 ? 4.462   9.398   -8.662  1.00 16.20 ? 56  GLU A N   1 
ATOM   463 C  CA  . GLU A 1 58 ? 3.964   10.782  -8.780  1.00 15.78 ? 56  GLU A CA  1 
ATOM   464 C  C   . GLU A 1 58 ? 3.408   10.935  -10.175 1.00 14.64 ? 56  GLU A C   1 
ATOM   465 O  O   . GLU A 1 58 ? 4.104   10.730  -11.125 1.00 19.40 ? 56  GLU A O   1 
ATOM   466 C  CB  . GLU A 1 58 ? 5.107   11.778  -8.504  1.00 18.22 ? 56  GLU A CB  1 
ATOM   467 C  CG  . GLU A 1 58 ? 4.637   13.234  -8.649  1.00 21.59 ? 56  GLU A CG  1 
ATOM   468 C  CD  . GLU A 1 58 ? 5.614   14.238  -8.054  1.00 24.23 ? 56  GLU A CD  1 
ATOM   469 O  OE1 . GLU A 1 58 ? 6.713   14.313  -8.541  1.00 26.78 ? 56  GLU A OE1 1 
ATOM   470 O  OE2 . GLU A 1 58 ? 5.218   14.963  -7.128  1.00 29.11 ? 56  GLU A OE2 1 
ATOM   471 N  N   . ARG A 1 59 ? 2.127   11.303  -10.245 1.00 14.61 ? 57  ARG A N   1 
ATOM   472 C  CA  . ARG A 1 59 ? 1.526   11.743  -11.499 1.00 13.79 ? 57  ARG A CA  1 
ATOM   473 C  C   . ARG A 1 59 ? 2.217   13.064  -11.780 1.00 13.51 ? 57  ARG A C   1 
ATOM   474 O  O   . ARG A 1 59 ? 2.133   13.987  -10.972 1.00 14.29 ? 57  ARG A O   1 
ATOM   475 C  CB  . ARG A 1 59 ? 0.028   11.973  -11.267 1.00 15.84 ? 57  ARG A CB  1 
ATOM   476 C  CG  . ARG A 1 59 ? -0.695  12.738  -12.380 1.00 15.59 ? 57  ARG A CG  1 
ATOM   477 C  CD  . ARG A 1 59 ? -0.772  11.951  -13.674 1.00 16.18 ? 57  ARG A CD  1 
ATOM   478 N  NE  . ARG A 1 59 ? -1.553  10.742  -13.452 1.00 14.49 ? 57  ARG A NE  1 
ATOM   479 C  CZ  . ARG A 1 59 ? -2.859  10.671  -13.574 1.00 17.07 ? 57  ARG A CZ  1 
ATOM   480 N  NH1 . ARG A 1 59 ? -3.533  11.722  -13.992 1.00 18.40 ? 57  ARG A NH1 1 
ATOM   481 N  NH2 . ARG A 1 59 ? -3.467  9.524   -13.343 1.00 16.89 ? 57  ARG A NH2 1 
ATOM   482 N  N   . ALA A 1 60 ? 2.954   13.112  -12.880 1.00 12.98 ? 58  ALA A N   1 
ATOM   483 C  CA  . ALA A 1 60 ? 3.762   14.273  -13.145 1.00 11.91 ? 58  ALA A CA  1 
ATOM   484 C  C   . ALA A 1 60 ? 2.868   15.440  -13.428 1.00 12.82 ? 58  ALA A C   1 
ATOM   485 O  O   . ALA A 1 60 ? 1.807   15.308  -13.982 1.00 13.06 ? 58  ALA A O   1 
ATOM   486 C  CB  . ALA A 1 60 ? 4.627   14.041  -14.368 1.00 12.71 ? 58  ALA A CB  1 
ATOM   487 N  N   . ALA A 1 61 ? 3.353   16.614  -13.059 1.00 12.64 ? 59  ALA A N   1 
ATOM   488 C  CA  . ALA A 1 61 ? 2.712   17.819  -13.550 1.00 12.68 ? 59  ALA A CA  1 
ATOM   489 C  C   . ALA A 1 61 ? 2.801   17.831  -15.022 1.00 14.68 ? 59  ALA A C   1 
ATOM   490 O  O   . ALA A 1 61 ? 3.715   17.274  -15.590 1.00 14.42 ? 59  ALA A O   1 
ATOM   491 C  CB  . ALA A 1 61 ? 3.444   19.006  -13.000 1.00 12.30 ? 59  ALA A CB  1 
ATOM   492 N  N   . ARG A 1 62 ? 1.853   18.485  -15.695 1.00 16.80 ? 60  ARG A N   1 
ATOM   493 C  CA  . ARG A 1 62 ? 2.032   18.653  -17.127 1.00 18.27 ? 60  ARG A CA  1 
ATOM   494 C  C   . ARG A 1 62 ? 1.191   19.792  -17.570 1.00 21.12 ? 60  ARG A C   1 
ATOM   495 O  O   . ARG A 1 62 ? 0.240   20.160  -16.858 1.00 22.65 ? 60  ARG A O   1 
ATOM   496 C  CB  . ARG A 1 62 ? 1.682   17.385  -17.960 1.00 22.33 ? 60  ARG A CB  1 
ATOM   497 C  CG  . ARG A 1 62 ? 0.326   16.818  -17.714 1.00 22.70 ? 60  ARG A CG  1 
ATOM   498 C  CD  . ARG A 1 62 ? -0.026  15.730  -18.689 1.00 19.21 ? 60  ARG A CD  1 
ATOM   499 N  NE  A ARG A 1 62 ? -0.183  14.455  -17.949 0.50 19.93 ? 60  ARG A NE  1 
ATOM   500 N  NE  B ARG A 1 62 ? -1.456  15.641  -18.790 0.50 16.59 ? 60  ARG A NE  1 
ATOM   501 C  CZ  A ARG A 1 62 ? -1.337  13.790  -17.787 0.50 19.68 ? 60  ARG A CZ  1 
ATOM   502 C  CZ  B ARG A 1 62 ? -2.222  15.051  -17.907 0.50 15.62 ? 60  ARG A CZ  1 
ATOM   503 N  NH1 A ARG A 1 62 ? -2.483  14.272  -18.289 0.50 20.69 ? 60  ARG A NH1 1 
ATOM   504 N  NH1 B ARG A 1 62 ? -1.672  14.422  -16.841 0.50 13.99 ? 60  ARG A NH1 1 
ATOM   505 N  NH2 A ARG A 1 62 ? -1.368  12.635  -17.118 0.50 17.93 ? 60  ARG A NH2 1 
ATOM   506 N  NH2 B ARG A 1 62 ? -3.529  15.067  -18.077 0.50 16.21 ? 60  ARG A NH2 1 
ATOM   507 N  N   . ASP A 1 63 ? 1.567   20.287  -18.735 1.00 25.20 ? 61  ASP A N   1 
ATOM   508 C  CA  . ASP A 1 63 ? 0.789   21.357  -19.403 1.00 27.78 ? 61  ASP A CA  1 
ATOM   509 C  C   . ASP A 1 63 ? -0.596  20.876  -19.769 1.00 27.45 ? 61  ASP A C   1 
ATOM   510 O  O   . ASP A 1 63 ? -0.758  19.840  -20.412 1.00 28.55 ? 61  ASP A O   1 
ATOM   511 C  CB  . ASP A 1 63 ? 1.552   21.804  -20.625 1.00 29.09 ? 61  ASP A CB  1 
ATOM   512 C  CG  . ASP A 1 63 ? 2.813   22.575  -20.254 1.00 31.94 ? 61  ASP A CG  1 
ATOM   513 O  OD1 . ASP A 1 63 ? 2.941   22.935  -19.076 1.00 33.62 ? 61  ASP A OD1 1 
ATOM   514 O  OD2 . ASP A 1 63 ? 3.634   22.866  -21.139 1.00 37.07 ? 61  ASP A OD2 1 
ATOM   515 N  N   . GLY A 1 64 ? -1.596  21.665  -19.360 1.00 28.19 ? 62  GLY A N   1 
ATOM   516 C  CA  . GLY A 1 64 ? -2.964  21.574  -19.881 1.00 34.26 ? 62  GLY A CA  1 
ATOM   517 C  C   . GLY A 1 64 ? -3.290  22.911  -20.541 1.00 33.61 ? 62  GLY A C   1 
ATOM   518 O  O   . GLY A 1 64 ? -2.422  23.790  -20.753 1.00 32.24 ? 62  GLY A O   1 
ATOM   519 N  N   . ARG A 1 65 ? -4.556  23.057  -20.867 1.00 35.31 ? 63  ARG A N   1 
ATOM   520 C  CA  . ARG A 1 65 ? -5.055  24.321  -21.364 1.00 33.53 ? 63  ARG A CA  1 
ATOM   521 C  C   . ARG A 1 65 ? -6.243  24.636  -20.536 1.00 31.97 ? 63  ARG A C   1 
ATOM   522 O  O   . ARG A 1 65 ? -7.068  23.748  -20.249 1.00 36.04 ? 63  ARG A O   1 
ATOM   523 C  CB  . ARG A 1 65 ? -5.441  24.205  -22.831 1.00 35.09 ? 63  ARG A CB  1 
ATOM   524 N  N   . ASN A 1 66 ? -6.345  25.900  -20.133 1.00 34.09 ? 64  ASN A N   1 
ATOM   525 C  CA  . ASN A 1 66 ? -7.674  26.429  -19.812 1.00 39.32 ? 64  ASN A CA  1 
ATOM   526 C  C   . ASN A 1 66 ? -8.588  26.324  -21.044 1.00 38.10 ? 64  ASN A C   1 
ATOM   527 O  O   . ASN A 1 66 ? -8.171  26.646  -22.166 1.00 33.68 ? 64  ASN A O   1 
ATOM   528 C  CB  . ASN A 1 66 ? -7.617  27.873  -19.328 1.00 40.56 ? 64  ASN A CB  1 
ATOM   529 C  CG  . ASN A 1 66 ? -8.952  28.340  -18.789 1.00 42.46 ? 64  ASN A CG  1 
ATOM   530 O  OD1 . ASN A 1 66 ? -10.004 28.203  -19.447 1.00 44.93 ? 64  ASN A OD1 1 
ATOM   531 N  ND2 . ASN A 1 66 ? -8.934  28.867  -17.587 1.00 44.03 ? 64  ASN A ND2 1 
ATOM   532 N  N   . PRO A 1 67 ? -9.655  25.498  -20.938 0.00 48.75 ? 65  PRO A N   1 
ATOM   533 C  CA  . PRO A 1 67 ? -10.510 25.172  -22.073 0.00 51.86 ? 65  PRO A CA  1 
ATOM   534 C  C   . PRO A 1 67 ? -11.296 26.289  -22.698 0.00 53.53 ? 65  PRO A C   1 
ATOM   535 O  O   . PRO A 1 67 ? -11.668 26.270  -23.872 0.00 60.59 ? 65  PRO A O   1 
ATOM   536 C  CB  . PRO A 1 67 ? -11.469 24.041  -21.522 0.00 50.77 ? 65  PRO A CB  1 
ATOM   537 C  CG  . PRO A 1 67 ? -11.560 24.324  -20.056 0.00 49.49 ? 65  PRO A CG  1 
ATOM   538 C  CD  . PRO A 1 67 ? -10.246 24.934  -19.638 0.00 47.83 ? 65  PRO A CD  1 
ATOM   539 N  N   . SER A 1 68 ? -11.531 27.311  -21.881 0.00 49.87 ? 66  SER A N   1 
ATOM   540 C  CA  . SER A 1 68 ? -12.105 28.313  -22.265 1.00 37.11 ? 66  SER A CA  1 
ATOM   541 C  C   . SER A 1 68 ? -11.257 29.450  -22.860 1.00 39.13 ? 66  SER A C   1 
ATOM   542 O  O   . SER A 1 68 ? -11.679 30.191  -23.757 1.00 36.00 ? 66  SER A O   1 
ATOM   543 C  CB  . SER A 1 68 ? -12.866 29.181  -21.061 0.00 44.77 ? 66  SER A CB  1 
ATOM   544 N  N   . THR A 1 69 ? -10.032 29.568  -22.369 1.00 42.10 ? 67  THR A N   1 
ATOM   545 C  CA  . THR A 1 69 ? -9.235  30.732  -22.680 1.00 39.05 ? 67  THR A CA  1 
ATOM   546 C  C   . THR A 1 69 ? -8.056  30.349  -23.571 1.00 45.08 ? 67  THR A C   1 
ATOM   547 O  O   . THR A 1 69 ? -7.428  31.228  -24.179 1.00 48.78 ? 67  THR A O   1 
ATOM   548 C  CB  . THR A 1 69 ? -8.716  31.392  -21.404 1.00 37.20 ? 67  THR A CB  1 
ATOM   549 O  OG1 . THR A 1 69 ? -7.684  30.573  -20.834 1.00 36.38 ? 67  THR A OG1 1 
ATOM   550 C  CG2 . THR A 1 69 ? -9.838  31.612  -20.363 1.00 37.99 ? 67  THR A CG2 1 
ATOM   551 N  N   . GLY A 1 70 ? -7.773  29.047  -23.647 1.00 42.72 ? 68  GLY A N   1 
ATOM   552 C  CA  . GLY A 1 70 ? -6.576  28.527  -24.312 1.00 43.43 ? 68  GLY A CA  1 
ATOM   553 C  C   . GLY A 1 70 ? -5.296  29.081  -23.688 1.00 44.07 ? 68  GLY A C   1 
ATOM   554 O  O   . GLY A 1 70 ? -4.235  29.070  -24.319 1.00 46.26 ? 68  GLY A O   1 
ATOM   555 N  N   . GLU A 1 71 ? -5.407  29.613  -22.469 1.00 38.20 ? 69  GLU A N   1 
ATOM   556 C  CA  . GLU A 1 71 ? -4.230  29.895  -21.664 1.00 39.34 ? 69  GLU A CA  1 
ATOM   557 C  C   . GLU A 1 71 ? -3.647  28.546  -21.198 1.00 35.62 ? 69  GLU A C   1 
ATOM   558 O  O   . GLU A 1 71 ? -4.365  27.579  -20.888 1.00 36.48 ? 69  GLU A O   1 
ATOM   559 C  CB  . GLU A 1 71 ? -4.536  30.843  -20.465 1.00 39.26 ? 69  GLU A CB  1 
ATOM   560 C  CG  . GLU A 1 71 ? -4.921  32.293  -20.815 1.00 36.08 ? 69  GLU A CG  1 
ATOM   561 C  CD  . GLU A 1 71 ? -5.682  32.994  -19.687 1.00 37.25 ? 69  GLU A CD  1 
ATOM   562 O  OE1 . GLU A 1 71 ? -6.698  32.443  -19.190 1.00 37.73 ? 69  GLU A OE1 1 
ATOM   563 O  OE2 . GLU A 1 71 ? -5.261  34.094  -19.274 1.00 38.16 ? 69  GLU A OE2 1 
ATOM   564 N  N   . THR A 1 72 ? -2.328  28.495  -21.267 1.00 39.21 ? 70  THR A N   1 
ATOM   565 C  CA  . THR A 1 72 ? -1.513  27.438  -20.690 1.00 34.96 ? 70  THR A CA  1 
ATOM   566 C  C   . THR A 1 72 ? -1.740  27.439  -19.162 1.00 33.96 ? 70  THR A C   1 
ATOM   567 O  O   . THR A 1 72 ? -1.726  28.519  -18.493 1.00 32.94 ? 70  THR A O   1 
ATOM   568 C  CB  . THR A 1 72 ? -0.014  27.654  -21.038 1.00 37.93 ? 70  THR A CB  1 
ATOM   569 N  N   . ILE A 1 73 ? -2.009  26.231  -18.667 1.00 30.10 ? 71  ILE A N   1 
ATOM   570 C  CA  . ILE A 1 73 ? -2.191  25.917  -17.242 1.00 26.44 ? 71  ILE A CA  1 
ATOM   571 C  C   A ILE A 1 73 ? -1.042  24.945  -16.931 0.50 25.76 ? 71  ILE A C   1 
ATOM   572 C  C   B ILE A 1 73 ? -1.396  24.667  -16.900 0.50 25.45 ? 71  ILE A C   1 
ATOM   573 O  O   A ILE A 1 73 ? -0.242  24.620  -17.812 0.50 24.21 ? 71  ILE A O   1 
ATOM   574 O  O   B ILE A 1 73 ? -1.282  23.766  -17.724 0.50 20.26 ? 71  ILE A O   1 
ATOM   575 C  CB  . ILE A 1 73 ? -3.618  25.437  -16.957 1.00 30.34 ? 71  ILE A CB  1 
ATOM   576 N  N   . LYS A 1 74 ? -0.918  24.589  -15.657 1.00 22.26 ? 72  LYS A N   1 
ATOM   577 C  CA  . LYS A 1 74 ? -0.181  23.423  -15.223 1.00 21.79 ? 72  LYS A CA  1 
ATOM   578 C  C   . LYS A 1 74 ? -1.181  22.519  -14.555 1.00 24.97 ? 72  LYS A C   1 
ATOM   579 O  O   . LYS A 1 74 ? -1.976  22.940  -13.687 1.00 28.35 ? 72  LYS A O   1 
ATOM   580 C  CB  . LYS A 1 74 ? 0.913   23.827  -14.229 1.00 20.78 ? 72  LYS A CB  1 
ATOM   581 C  CG  A LYS A 1 74 ? 1.935   22.725  -13.978 0.50 19.04 ? 72  LYS A CG  1 
ATOM   582 C  CG  B LYS A 1 74 ? 2.303   23.972  -14.839 0.50 23.20 ? 72  LYS A CG  1 
ATOM   583 C  CD  A LYS A 1 74 ? 2.575   22.184  -15.265 0.50 22.18 ? 72  LYS A CD  1 
ATOM   584 C  CD  B LYS A 1 74 ? 2.983   22.618  -15.095 0.50 25.85 ? 72  LYS A CD  1 
ATOM   585 C  CE  A LYS A 1 74 ? 3.658   23.107  -15.805 0.50 18.72 ? 72  LYS A CE  1 
ATOM   586 C  CE  B LYS A 1 74 ? 4.499   22.550  -14.871 0.50 25.82 ? 72  LYS A CE  1 
ATOM   587 N  NZ  A LYS A 1 74 ? 4.354   22.593  -17.012 0.50 19.50 ? 72  LYS A NZ  1 
ATOM   588 N  NZ  B LYS A 1 74 ? 4.968   21.920  -13.588 0.50 24.00 ? 72  LYS A NZ  1 
ATOM   589 N  N   . ILE A 1 75 ? -1.230  21.266  -15.001 1.00 20.83 ? 73  ILE A N   1 
ATOM   590 C  CA  . ILE A 1 75 ? -1.981  20.269  -14.270 1.00 23.00 ? 73  ILE A CA  1 
ATOM   591 C  C   . ILE A 1 75 ? -1.048  19.750  -13.173 1.00 19.46 ? 73  ILE A C   1 
ATOM   592 O  O   . ILE A 1 75 ? 0.146   19.439  -13.445 1.00 16.62 ? 73  ILE A O   1 
ATOM   593 C  CB  . ILE A 1 75 ? -2.434  19.119  -15.194 1.00 24.45 ? 73  ILE A CB  1 
ATOM   594 C  CG1 . ILE A 1 75 ? -2.979  19.670  -16.519 1.00 24.57 ? 73  ILE A CG1 1 
ATOM   595 C  CG2 . ILE A 1 75 ? -3.424  18.251  -14.470 1.00 25.49 ? 73  ILE A CG2 1 
ATOM   596 C  CD1 . ILE A 1 75 ? -3.485  18.551  -17.435 1.00 26.02 ? 73  ILE A CD1 1 
ATOM   597 N  N   . PRO A 1 76 ? -1.500  19.769  -11.917 1.00 21.03 ? 74  PRO A N   1 
ATOM   598 C  CA  . PRO A 1 76 ? -0.560  19.615  -10.830 1.00 18.80 ? 74  PRO A CA  1 
ATOM   599 C  C   . PRO A 1 76 ? -0.090  18.141  -10.697 1.00 16.87 ? 74  PRO A C   1 
ATOM   600 O  O   . PRO A 1 76 ? -0.777  17.217  -11.089 1.00 18.35 ? 74  PRO A O   1 
ATOM   601 C  CB  . PRO A 1 76 ? -1.379  20.007  -9.569  1.00 21.53 ? 74  PRO A CB  1 
ATOM   602 C  CG  . PRO A 1 76 ? -2.805  19.696  -9.939  1.00 23.87 ? 74  PRO A CG  1 
ATOM   603 C  CD  . PRO A 1 76 ? -2.834  20.176  -11.398 1.00 20.57 ? 74  PRO A CD  1 
ATOM   604 N  N   . ALA A 1 77 ? 1.094   18.017  -10.132 1.00 15.94 ? 75  ALA A N   1 
ATOM   605 C  CA  . ALA A 1 77 ? 1.623   16.701  -9.787  1.00 17.20 ? 75  ALA A CA  1 
ATOM   606 C  C   . ALA A 1 77 ? 0.867   16.183  -8.570  1.00 19.40 ? 75  ALA A C   1 
ATOM   607 O  O   . ALA A 1 77 ? 0.332   16.941  -7.745  1.00 19.92 ? 75  ALA A O   1 
ATOM   608 C  CB  . ALA A 1 77 ? 3.127   16.784  -9.525  1.00 17.28 ? 75  ALA A CB  1 
ATOM   609 N  N   . SER A 1 78 ? 0.771   14.856  -8.427  1.00 18.39 ? 76  SER A N   1 
ATOM   610 C  CA  . SER A 1 78 ? 0.215   14.312  -7.200  1.00 20.25 ? 76  SER A CA  1 
ATOM   611 C  C   . SER A 1 78 ? 0.898   12.968  -7.019  1.00 20.03 ? 76  SER A C   1 
ATOM   612 O  O   . SER A 1 78 ? 1.419   12.380  -8.015  1.00 21.24 ? 76  SER A O   1 
ATOM   613 C  CB  . SER A 1 78 ? -1.289  14.173  -7.249  1.00 21.90 ? 76  SER A CB  1 
ATOM   614 O  OG  . SER A 1 78 ? -1.681  13.460  -8.370  1.00 24.17 ? 76  SER A OG  1 
ATOM   615 N  N   . LYS A 1 79 ? 0.974   12.550  -5.769  1.00 17.18 ? 77  LYS A N   1 
ATOM   616 C  CA  . LYS A 1 79 ? 1.643   11.329  -5.424  1.00 18.18 ? 77  LYS A CA  1 
ATOM   617 C  C   . LYS A 1 79 ? 0.607   10.278  -5.095  1.00 15.91 ? 77  LYS A C   1 
ATOM   618 O  O   . LYS A 1 79 ? -0.497  10.528  -4.597  1.00 16.07 ? 77  LYS A O   1 
ATOM   619 C  CB  . LYS A 1 79 ? 2.539   11.536  -4.242  1.00 16.85 ? 77  LYS A CB  1 
ATOM   620 C  CG  . LYS A 1 79 ? 3.654   12.478  -4.566  1.00 18.52 ? 77  LYS A CG  1 
ATOM   621 C  CD  . LYS A 1 79 ? 4.733   12.484  -3.488  1.00 20.77 ? 77  LYS A CD  1 
ATOM   622 C  CE  . LYS A 1 79 ? 5.794   13.553  -3.801  1.00 22.35 ? 77  LYS A CE  1 
ATOM   623 N  NZ  . LYS A 1 79 ? 6.736   13.176  -4.903  1.00 28.54 ? 77  LYS A NZ  1 
ATOM   624 N  N   . SER A 1 80 ? 1.021   9.062   -5.371  1.00 16.96 ? 78  SER A N   1 
ATOM   625 C  CA  . SER A 1 80 ? 0.199   7.925   -4.929  1.00 18.32 ? 78  SER A CA  1 
ATOM   626 C  C   . SER A 1 80 ? 1.198   6.841   -4.571  1.00 15.65 ? 78  SER A C   1 
ATOM   627 O  O   . SER A 1 80 ? 2.352   7.130   -4.348  1.00 17.92 ? 78  SER A O   1 
ATOM   628 C  CB  . SER A 1 80 ? -0.792  7.532   -5.968  1.00 18.68 ? 78  SER A CB  1 
ATOM   629 O  OG  . SER A 1 80 ? -1.667  6.560   -5.399  1.00 22.80 ? 78  SER A OG  1 
ATOM   630 N  N   . ALA A 1 81 ? 0.715   5.645   -4.347  1.00 14.11 ? 79  ALA A N   1 
ATOM   631 C  CA  . ALA A 1 81 ? 1.596   4.530   -4.068  1.00 14.46 ? 79  ALA A CA  1 
ATOM   632 C  C   . ALA A 1 81 ? 1.134   3.397   -4.974  1.00 15.16 ? 79  ALA A C   1 
ATOM   633 O  O   . ALA A 1 81 ? -0.060  3.217   -5.224  1.00 15.70 ? 79  ALA A O   1 
ATOM   634 C  CB  . ALA A 1 81 ? 1.427   4.142   -2.593  1.00 17.04 ? 79  ALA A CB  1 
ATOM   635 N  N   . LYS A 1 82 ? 2.094   2.680   -5.513  1.00 13.30 ? 80  LYS A N   1 
ATOM   636 C  CA  . LYS A 1 82 ? 1.772   1.614   -6.452  1.00 13.49 ? 80  LYS A CA  1 
ATOM   637 C  C   . LYS A 1 82 ? 2.344   0.327   -5.876  1.00 13.49 ? 80  LYS A C   1 
ATOM   638 O  O   . LYS A 1 82 ? 3.428   0.323   -5.229  1.00 17.73 ? 80  LYS A O   1 
ATOM   639 C  CB  . LYS A 1 82 ? 2.358   1.964   -7.814  1.00 16.98 ? 80  LYS A CB  1 
ATOM   640 C  CG  . LYS A 1 82 ? 3.806   1.602   -7.864  1.00 23.21 ? 80  LYS A CG  1 
ATOM   641 C  CD  . LYS A 1 82 ? 4.351   1.755   -9.252  1.00 26.63 ? 80  LYS A CD  1 
ATOM   642 C  CE  . LYS A 1 82 ? 5.861   1.876   -9.230  1.00 28.42 ? 80  LYS A CE  1 
ATOM   643 N  NZ  . LYS A 1 82 ? 6.373   1.768   -10.619 1.00 33.00 ? 80  LYS A NZ  1 
ATOM   644 N  N   . PHE A 1 83 ? 1.666   -0.756  -6.085  1.00 11.80 ? 81  PHE A N   1 
ATOM   645 C  CA  . PHE A 1 83 ? 2.165   -2.035  -5.681  1.00 11.47 ? 81  PHE A CA  1 
ATOM   646 C  C   . PHE A 1 83 ? 2.438   -2.831  -6.935  1.00 12.15 ? 81  PHE A C   1 
ATOM   647 O  O   . PHE A 1 83 ? 1.702   -2.769  -7.942  1.00 13.88 ? 81  PHE A O   1 
ATOM   648 C  CB  . PHE A 1 83 ? 1.031   -2.745  -4.930  1.00 10.45 ? 81  PHE A CB  1 
ATOM   649 C  CG  . PHE A 1 83 ? 1.319   -4.143  -4.591  1.00 10.45 ? 81  PHE A CG  1 
ATOM   650 C  CD1 . PHE A 1 83 ? 2.273   -4.461  -3.623  1.00 10.05 ? 81  PHE A CD1 1 
ATOM   651 C  CD2 . PHE A 1 83 ? 0.576   -5.179  -5.167  1.00 10.45 ? 81  PHE A CD2 1 
ATOM   652 C  CE1 . PHE A 1 83 ? 2.501   -5.725  -3.266  1.00 10.79 ? 81  PHE A CE1 1 
ATOM   653 C  CE2 . PHE A 1 83 ? 0.808   -6.466  -4.760  1.00 10.78 ? 81  PHE A CE2 1 
ATOM   654 C  CZ  . PHE A 1 83 ? 1.786   -6.760  -3.847  1.00 11.20 ? 81  PHE A CZ  1 
ATOM   655 N  N   . LYS A 1 84 ? 3.546   -3.529  -6.931  1.00 10.64 ? 82  LYS A N   1 
ATOM   656 C  CA  . LYS A 1 84 ? 3.810   -4.480  -7.986  1.00 13.41 ? 82  LYS A CA  1 
ATOM   657 C  C   . LYS A 1 84 ? 3.914   -5.826  -7.330  1.00 11.99 ? 82  LYS A C   1 
ATOM   658 O  O   . LYS A 1 84 ? 4.754   -6.084  -6.465  1.00 12.05 ? 82  LYS A O   1 
ATOM   659 C  CB  . LYS A 1 84 ? 5.122   -4.143  -8.613  1.00 13.51 ? 82  LYS A CB  1 
ATOM   660 C  CG  . LYS A 1 84 ? 5.424   -5.029  -9.816  1.00 19.44 ? 82  LYS A CG  1 
ATOM   661 C  CD  . LYS A 1 84 ? 6.645   -4.483  -10.575 1.00 24.63 ? 82  LYS A CD  1 
ATOM   662 C  CE  . LYS A 1 84 ? 6.724   -5.021  -12.004 1.00 26.43 ? 82  LYS A CE  1 
ATOM   663 N  NZ  . LYS A 1 84 ? 6.134   -6.362  -12.196 1.00 27.46 ? 82  LYS A NZ  1 
ATOM   664 N  N   . ALA A 1 85 ? 3.021   -6.724  -7.769  1.00 12.69 ? 83  ALA A N   1 
ATOM   665 C  CA  . ALA A 1 85 ? 2.961   -8.012  -7.184  1.00 13.51 ? 83  ALA A CA  1 
ATOM   666 C  C   . ALA A 1 85 ? 4.244   -8.767  -7.495  1.00 14.25 ? 83  ALA A C   1 
ATOM   667 O  O   . ALA A 1 85 ? 4.775   -8.657  -8.643  1.00 15.55 ? 83  ALA A O   1 
ATOM   668 C  CB  . ALA A 1 85 ? 1.747   -8.746  -7.778  1.00 15.44 ? 83  ALA A CB  1 
ATOM   669 N  N   . GLY A 1 86 ? 4.760   -9.475  -6.508  1.00 14.33 ? 84  GLY A N   1 
ATOM   670 C  CA  . GLY A 1 86 ? 5.994   -10.227 -6.718  1.00 14.61 ? 84  GLY A CA  1 
ATOM   671 C  C   . GLY A 1 86 ? 5.704   -11.492 -7.494  1.00 16.18 ? 84  GLY A C   1 
ATOM   672 O  O   . GLY A 1 86 ? 4.584   -11.923 -7.670  1.00 15.39 ? 84  GLY A O   1 
ATOM   673 N  N   . LYS A 1 87 ? 6.799   -12.115 -7.896  1.00 17.25 ? 85  LYS A N   1 
ATOM   674 C  CA  . LYS A 1 87 ? 6.720   -13.336 -8.723  1.00 16.61 ? 85  LYS A CA  1 
ATOM   675 C  C   . LYS A 1 87 ? 5.966   -14.406 -7.992  1.00 14.67 ? 85  LYS A C   1 
ATOM   676 O  O   . LYS A 1 87 ? 5.163   -15.100 -8.606  1.00 14.88 ? 85  LYS A O   1 
ATOM   677 C  CB  . LYS A 1 87 ? 8.124   -13.829 -9.120  1.00 18.41 ? 85  LYS A CB  1 
ATOM   678 N  N   . GLN A 1 88 ? 6.185   -14.585 -6.710  1.00 15.26 ? 86  GLN A N   1 
ATOM   679 C  CA  . GLN A 1 88 ? 5.554   -15.681 -6.011  1.00 16.10 ? 86  GLN A CA  1 
ATOM   680 C  C   . GLN A 1 88 ? 4.016   -15.458 -5.947  1.00 14.68 ? 86  GLN A C   1 
ATOM   681 O  O   . GLN A 1 88 ? 3.253   -16.398 -6.125  1.00 14.60 ? 86  GLN A O   1 
ATOM   682 C  CB  . GLN A 1 88 ? 6.119   -15.977 -4.584  1.00 17.94 ? 86  GLN A CB  1 
ATOM   683 C  CG  A GLN A 1 88 ? 7.647   -16.164 -4.494  0.50 18.88 ? 86  GLN A CG  1 
ATOM   684 C  CG  B GLN A 1 88 ? 6.957   -17.261 -4.512  0.50 21.81 ? 86  GLN A CG  1 
ATOM   685 C  CD  A GLN A 1 88 ? 8.452   -14.867 -4.372  0.50 21.20 ? 86  GLN A CD  1 
ATOM   686 C  CD  B GLN A 1 88 ? 6.245   -18.492 -5.083  0.50 22.63 ? 86  GLN A CD  1 
ATOM   687 O  OE1 A GLN A 1 88 ? 8.093   -13.795 -4.876  0.50 22.55 ? 86  GLN A OE1 1 
ATOM   688 O  OE1 B GLN A 1 88 ? 6.804   -19.187 -5.920  0.50 26.79 ? 86  GLN A OE1 1 
ATOM   689 N  NE2 A GLN A 1 88 ? 9.577   -14.968 -3.673  0.50 22.02 ? 86  GLN A NE2 1 
ATOM   690 N  NE2 B GLN A 1 88 ? 5.013   -18.770 -4.632  0.50 24.93 ? 86  GLN A NE2 1 
ATOM   691 N  N   . LEU A 1 89 ? 3.617   -14.217 -5.686  1.00 14.08 ? 87  LEU A N   1 
ATOM   692 C  CA  . LEU A 1 89 ? 2.208   -13.950 -5.677  1.00 12.75 ? 87  LEU A CA  1 
ATOM   693 C  C   . LEU A 1 89 ? 1.601   -14.185 -7.055  1.00 12.47 ? 87  LEU A C   1 
ATOM   694 O  O   . LEU A 1 89 ? 0.549   -14.800 -7.173  1.00 12.03 ? 87  LEU A O   1 
ATOM   695 C  CB  . LEU A 1 89 ? 2.005   -12.520 -5.226  1.00 11.64 ? 87  LEU A CB  1 
ATOM   696 C  CG  . LEU A 1 89 ? 0.544   -12.054 -5.220  1.00 12.96 ? 87  LEU A CG  1 
ATOM   697 C  CD1 . LEU A 1 89 ? -0.343  -13.025 -4.400  1.00 12.95 ? 87  LEU A CD1 1 
ATOM   698 C  CD2 . LEU A 1 89 ? 0.648   -10.663 -4.576  1.00 13.17 ? 87  LEU A CD2 1 
ATOM   699 N  N   . LYS A 1 90 ? 2.300   -13.749 -8.085  1.00 11.78 ? 88  LYS A N   1 
ATOM   700 C  CA  . LYS A 1 90 ? 1.809   -13.995 -9.424  1.00 14.25 ? 88  LYS A CA  1 
ATOM   701 C  C   . LYS A 1 90 ? 1.723   -15.459 -9.725  1.00 13.98 ? 88  LYS A C   1 
ATOM   702 O  O   . LYS A 1 90 ? 0.681   -15.938 -10.187 1.00 14.74 ? 88  LYS A O   1 
ATOM   703 C  CB  . LYS A 1 90 ? 2.648   -13.307 -10.425 1.00 17.12 ? 88  LYS A CB  1 
ATOM   704 C  CG  . LYS A 1 90 ? 2.240   -11.859 -10.499 1.00 22.75 ? 88  LYS A CG  1 
ATOM   705 C  CD  . LYS A 1 90 ? 3.185   -11.252 -11.472 1.00 27.48 ? 88  LYS A CD  1 
ATOM   706 C  CE  . LYS A 1 90 ? 2.726   -9.888  -11.905 1.00 30.15 ? 88  LYS A CE  1 
ATOM   707 N  NZ  . LYS A 1 90 ? 3.988   -9.389  -12.515 1.00 33.27 ? 88  LYS A NZ  1 
ATOM   708 N  N   . THR A 1 91 ? 2.734   -16.222 -9.283  1.00 14.28 ? 89  THR A N   1 
ATOM   709 C  CA  . THR A 1 91 ? 2.665   -17.661 -9.481  1.00 15.33 ? 89  THR A CA  1 
ATOM   710 C  C   . THR A 1 91 ? 1.451   -18.212 -8.755  1.00 15.59 ? 89  THR A C   1 
ATOM   711 O  O   . THR A 1 91 ? 0.674   -18.994 -9.348  1.00 16.69 ? 89  THR A O   1 
ATOM   712 C  CB  . THR A 1 91 ? 3.946   -18.258 -8.915  1.00 17.17 ? 89  THR A CB  1 
ATOM   713 O  OG1 . THR A 1 91 ? 5.024   -17.844 -9.737  1.00 17.92 ? 89  THR A OG1 1 
ATOM   714 C  CG2 . THR A 1 91 ? 3.885   -19.800 -8.852  1.00 16.94 ? 89  THR A CG2 1 
ATOM   715 N  N   . ASP A 1 92 ? 1.264   -17.838 -7.495  1.00 15.86 ? 90  ASP A N   1 
ATOM   716 C  CA  . ASP A 1 92 ? 0.184   -18.420 -6.668  1.00 16.28 ? 90  ASP A CA  1 
ATOM   717 C  C   . ASP A 1 92 ? -1.176  -18.088 -7.281  1.00 15.79 ? 90  ASP A C   1 
ATOM   718 O  O   . ASP A 1 92 ? -2.075  -18.892 -7.221  1.00 17.09 ? 90  ASP A O   1 
ATOM   719 C  CB  . ASP A 1 92 ? 0.213   -17.863 -5.270  1.00 20.90 ? 90  ASP A CB  1 
ATOM   720 C  CG  . ASP A 1 92 ? 1.414   -18.386 -4.429  1.00 23.58 ? 90  ASP A CG  1 
ATOM   721 O  OD1 . ASP A 1 92 ? 2.077   -19.313 -4.885  1.00 25.64 ? 90  ASP A OD1 1 
ATOM   722 O  OD2 . ASP A 1 92 ? 1.670   -17.763 -3.413  1.00 32.44 ? 90  ASP A OD2 1 
ATOM   723 N  N   . LEU A 1 93 ? -1.300  -16.928 -7.913  1.00 16.06 ? 91  LEU A N   1 
ATOM   724 C  CA  . LEU A 1 93 ? -2.577  -16.556 -8.470  1.00 15.72 ? 91  LEU A CA  1 
ATOM   725 C  C   . LEU A 1 93 ? -2.856  -17.231 -9.767  1.00 17.20 ? 91  LEU A C   1 
ATOM   726 O  O   . LEU A 1 93 ? -3.981  -17.200 -10.198 1.00 17.12 ? 91  LEU A O   1 
ATOM   727 C  CB  . LEU A 1 93 ? -2.626  -15.055 -8.738  1.00 14.04 ? 91  LEU A CB  1 
ATOM   728 C  CG  . LEU A 1 93 ? -2.645  -14.342 -7.414  1.00 14.15 ? 91  LEU A CG  1 
ATOM   729 C  CD1 . LEU A 1 93 ? -2.373  -12.900 -7.725  1.00 14.96 ? 91  LEU A CD1 1 
ATOM   730 C  CD2 . LEU A 1 93 ? -3.968  -14.523 -6.690  1.00 15.46 ? 91  LEU A CD2 1 
ATOM   731 N  N   . ASN A 1 94 ? -1.842  -17.781 -10.399 1.00 15.36 ? 92  ASN A N   1 
ATOM   732 C  CA  . ASN A 1 94 ? -2.016  -18.409 -11.687 1.00 17.82 ? 92  ASN A CA  1 
ATOM   733 C  C   . ASN A 1 94 ? -1.952  -19.938 -11.676 1.00 21.89 ? 92  ASN A C   1 
ATOM   734 O  O   . ASN A 1 94 ? -1.920  -20.559 -12.708 1.00 28.16 ? 92  ASN A O   1 
ATOM   735 C  CB  . ASN A 1 94 ? -1.069  -17.781 -12.659 1.00 16.49 ? 92  ASN A CB  1 
ATOM   736 C  CG  . ASN A 1 94 ? -1.520  -16.411 -13.011 1.00 18.36 ? 92  ASN A CG  1 
ATOM   737 O  OD1 . ASN A 1 94 ? -2.438  -16.227 -13.787 1.00 21.09 ? 92  ASN A OD1 1 
ATOM   738 N  ND2 . ASN A 1 94 ? -0.874  -15.410 -12.395 1.00 16.30 ? 92  ASN A ND2 1 
ATOM   739 N  N   . ASN A 1 95 ? -2.033  -20.486 -10.480 1.00 25.76 ? 93  ASN A N   1 
ATOM   740 C  CA  . ASN A 1 95 ? -1.969  -21.948 -10.268 1.00 30.13 ? 93  ASN A CA  1 
ATOM   741 C  C   . ASN A 1 95 ? -3.326  -22.638 -10.368 1.00 35.01 ? 93  ASN A C   1 
ATOM   742 O  O   . ASN A 1 95 ? -4.324  -22.143 -9.836  1.00 40.50 ? 93  ASN A O   1 
ATOM   743 C  CB  . ASN A 1 95 ? -1.318  -22.262 -8.902  1.00 33.69 ? 93  ASN A CB  1 
HETATM 744 NA NA  . NA  B 2 .  ? -7.027  -8.985  23.909  1.00 17.06 ? 101 NA  A NA  1 
HETATM 745 O  O   . HOH C 3 .  ? 2.102   5.905   9.168   1.00 30.00 ? 201 HOH A O   1 
HETATM 746 O  O   . HOH C 3 .  ? -8.180  -4.365  13.307  0.50 20.96 ? 202 HOH A O   1 
HETATM 747 O  O   . HOH C 3 .  ? 1.068   13.762  -16.000 1.00 17.28 ? 203 HOH A O   1 
HETATM 748 O  O   . HOH C 3 .  ? -0.747  -2.380  23.902  0.50 18.57 ? 204 HOH A O   1 
HETATM 749 O  O   . HOH C 3 .  ? 0.147   0.705   19.004  1.00 29.42 ? 205 HOH A O   1 
HETATM 750 O  O   . HOH C 3 .  ? -1.739  23.396  -11.249 1.00 31.58 ? 206 HOH A O   1 
HETATM 751 O  O   . HOH C 3 .  ? -7.228  -9.300  16.817  1.00 24.91 ? 207 HOH A O   1 
HETATM 752 O  O   . HOH C 3 .  ? 6.852   14.176  -11.063 1.00 31.04 ? 208 HOH A O   1 
HETATM 753 O  O   . HOH C 3 .  ? -9.619  -8.283  14.894  1.00 24.71 ? 209 HOH A O   1 
HETATM 754 O  O   . HOH C 3 .  ? 13.158  -1.710  -6.727  1.00 29.35 ? 210 HOH A O   1 
HETATM 755 O  O   . HOH C 3 .  ? 8.599   -1.106  -7.132  1.00 27.05 ? 211 HOH A O   1 
HETATM 756 O  O   . HOH C 3 .  ? 0.564   1.703   14.451  1.00 22.39 ? 212 HOH A O   1 
HETATM 757 O  O   . HOH C 3 .  ? 9.851   3.465   -8.106  1.00 32.15 ? 213 HOH A O   1 
HETATM 758 O  O   . HOH C 3 .  ? 5.271   -19.374 21.823  1.00 32.34 ? 214 HOH A O   1 
HETATM 759 O  O   . HOH C 3 .  ? -8.952  -13.970 16.570  1.00 26.03 ? 215 HOH A O   1 
HETATM 760 O  O   . HOH C 3 .  ? -2.882  0.824   10.148  1.00 22.18 ? 216 HOH A O   1 
HETATM 761 O  O   . HOH C 3 .  ? -0.183  -10.184 23.981  1.00 18.80 ? 217 HOH A O   1 
HETATM 762 O  O   . HOH C 3 .  ? -10.746 27.833  -16.053 1.00 38.57 ? 218 HOH A O   1 
HETATM 763 O  O   . HOH C 3 .  ? -9.052  -14.593 23.037  1.00 31.83 ? 219 HOH A O   1 
HETATM 764 O  O   . HOH C 3 .  ? -12.761 -15.956 21.541  1.00 29.68 ? 220 HOH A O   1 
HETATM 765 O  O   . HOH C 3 .  ? -5.611  -4.115  13.076  1.00 24.91 ? 221 HOH A O   1 
HETATM 766 O  O   . HOH C 3 .  ? 3.094   15.968  -5.969  1.00 35.60 ? 222 HOH A O   1 
HETATM 767 O  O   . HOH C 3 .  ? -4.506  -14.174 20.328  1.00 16.93 ? 223 HOH A O   1 
HETATM 768 O  O   . HOH C 3 .  ? -6.436  -20.573 18.032  1.00 20.33 ? 224 HOH A O   1 
HETATM 769 O  O   . HOH C 3 .  ? -16.765 -9.832  7.110   1.00 34.12 ? 225 HOH A O   1 
HETATM 770 O  O   . HOH C 3 .  ? 5.112   -19.308 -11.914 0.50 17.36 ? 226 HOH A O   1 
HETATM 771 O  O   . HOH C 3 .  ? -2.905  14.498  -14.523 1.00 19.25 ? 227 HOH A O   1 
HETATM 772 O  O   . HOH C 3 .  ? -11.712 -4.981  16.136  1.00 35.84 ? 228 HOH A O   1 
HETATM 773 O  O   . HOH C 3 .  ? 7.195   -17.550 -8.281  1.00 25.71 ? 229 HOH A O   1 
HETATM 774 O  O   . HOH C 3 .  ? -8.478  -4.696  24.653  1.00 19.04 ? 230 HOH A O   1 
HETATM 775 O  O   . HOH C 3 .  ? -15.139 -12.589 9.586   1.00 31.79 ? 231 HOH A O   1 
HETATM 776 O  O   . HOH C 3 .  ? -3.480  -16.269 24.015  1.00 31.60 ? 232 HOH A O   1 
HETATM 777 O  O   . HOH C 3 .  ? 12.989  10.412  3.892   1.00 22.48 ? 233 HOH A O   1 
HETATM 778 O  O   . HOH C 3 .  ? -7.547  -3.817  20.032  1.00 30.66 ? 234 HOH A O   1 
HETATM 779 O  O   . HOH C 3 .  ? -14.446 -8.156  5.062   1.00 16.34 ? 235 HOH A O   1 
HETATM 780 O  O   . HOH C 3 .  ? 12.598  -1.782  -1.048  1.00 11.81 ? 236 HOH A O   1 
HETATM 781 O  O   . HOH C 3 .  ? 7.031   20.427  -14.378 1.00 31.24 ? 237 HOH A O   1 
HETATM 782 O  O   . HOH C 3 .  ? -4.631  -19.574 -7.638  1.00 29.72 ? 238 HOH A O   1 
HETATM 783 O  O   . HOH C 3 .  ? -15.161 -11.794 5.240   1.00 30.76 ? 239 HOH A O   1 
HETATM 784 O  O   . HOH C 3 .  ? -11.481 -11.414 22.626  1.00 15.49 ? 240 HOH A O   1 
HETATM 785 O  O   . HOH C 3 .  ? -0.744  16.116  -13.714 1.00 16.38 ? 241 HOH A O   1 
HETATM 786 O  O   . HOH C 3 .  ? 0.226   4.816   -8.011  1.00 17.22 ? 242 HOH A O   1 
HETATM 787 O  O   . HOH C 3 .  ? 2.367   -1.670  -10.319 1.00 37.56 ? 243 HOH A O   1 
HETATM 788 O  O   . HOH C 3 .  ? -2.510  15.336  -10.200 1.00 31.52 ? 244 HOH A O   1 
HETATM 789 O  O   . HOH C 3 .  ? -0.184  -3.784  26.237  1.00 30.27 ? 245 HOH A O   1 
HETATM 790 O  O   . HOH C 3 .  ? 5.043   -13.509 23.086  1.00 18.76 ? 246 HOH A O   1 
HETATM 791 O  O   . HOH C 3 .  ? -2.730  3.050   -5.727  0.50 18.06 ? 247 HOH A O   1 
HETATM 792 O  O   . HOH C 3 .  ? 8.653   4.745   -2.854  1.00 20.03 ? 248 HOH A O   1 
HETATM 793 O  O   . HOH C 3 .  ? 13.625  7.915   1.059   1.00 23.59 ? 249 HOH A O   1 
HETATM 794 O  O   . HOH C 3 .  ? -0.517  -0.030  16.281  1.00 18.43 ? 250 HOH A O   1 
HETATM 795 O  O   . HOH C 3 .  ? -2.323  17.485  -20.625 1.00 34.83 ? 251 HOH A O   1 
HETATM 796 O  O   . HOH C 3 .  ? -14.594 -9.780  -3.923  1.00 32.53 ? 252 HOH A O   1 
HETATM 797 O  O   . HOH C 3 .  ? -3.467  -7.561  25.476  1.00 20.90 ? 253 HOH A O   1 
HETATM 798 O  O   . HOH C 3 .  ? -2.662  -20.039 17.928  1.00 11.68 ? 254 HOH A O   1 
HETATM 799 O  O   . HOH C 3 .  ? 7.496   4.640   -8.282  1.00 25.68 ? 255 HOH A O   1 
HETATM 800 O  O   . HOH C 3 .  ? -3.210  2.612   13.481  1.00 27.22 ? 256 HOH A O   1 
HETATM 801 O  O   . HOH C 3 .  ? 4.176   -15.541 24.774  1.00 28.73 ? 257 HOH A O   1 
HETATM 802 O  O   . HOH C 3 .  ? -7.075  -21.882 14.502  1.00 32.07 ? 258 HOH A O   1 
HETATM 803 O  O   . HOH C 3 .  ? 2.313   25.633  -18.082 1.00 40.35 ? 259 HOH A O   1 
HETATM 804 O  O   . HOH C 3 .  ? -1.593  26.586  -13.868 1.00 22.83 ? 260 HOH A O   1 
HETATM 805 O  O   . HOH C 3 .  ? 7.475   9.069   7.165   1.00 16.25 ? 261 HOH A O   1 
HETATM 806 O  O   . HOH C 3 .  ? 5.281   -12.746 1.310   1.00 21.53 ? 262 HOH A O   1 
HETATM 807 O  O   . HOH C 3 .  ? -14.322 -6.781  9.266   1.00 18.86 ? 263 HOH A O   1 
HETATM 808 O  O   . HOH C 3 .  ? -1.069  -2.779  -8.111  1.00 17.09 ? 264 HOH A O   1 
HETATM 809 O  O   . HOH C 3 .  ? 1.213   -20.073 -11.851 1.00 30.83 ? 265 HOH A O   1 
HETATM 810 O  O   . HOH C 3 .  ? -10.645 -13.565 10.549  1.00 24.84 ? 266 HOH A O   1 
HETATM 811 O  O   . HOH C 3 .  ? -0.788  -14.443 24.032  1.00 25.99 ? 267 HOH A O   1 
HETATM 812 O  O   . HOH C 3 .  ? 6.511   11.747  -12.167 1.00 25.15 ? 268 HOH A O   1 
HETATM 813 O  O   . HOH C 3 .  ? 5.954   16.786  -11.982 1.00 21.47 ? 269 HOH A O   1 
HETATM 814 O  O   . HOH C 3 .  ? 10.941  4.696   7.509   1.00 31.72 ? 270 HOH A O   1 
HETATM 815 O  O   . HOH C 3 .  ? 5.795   3.365   12.687  1.00 22.64 ? 271 HOH A O   1 
HETATM 816 O  O   . HOH C 3 .  ? 6.725   9.944   -0.531  1.00 19.88 ? 272 HOH A O   1 
HETATM 817 O  O   . HOH C 3 .  ? -12.072 -13.192 4.967   1.00 33.23 ? 273 HOH A O   1 
HETATM 818 O  O   . HOH C 3 .  ? 6.394   8.254   -10.400 1.00 21.41 ? 274 HOH A O   1 
HETATM 819 O  O   . HOH C 3 .  ? 7.411   -6.892  -7.093  1.00 19.46 ? 275 HOH A O   1 
HETATM 820 O  O   . HOH C 3 .  ? 5.626   -15.090 -11.424 1.00 31.75 ? 276 HOH A O   1 
HETATM 821 O  O   . HOH C 3 .  ? 11.979  1.423   9.412   1.00 27.22 ? 277 HOH A O   1 
HETATM 822 O  O   . HOH C 3 .  ? -11.809 -11.632 17.809  0.50 23.41 ? 278 HOH A O   1 
HETATM 823 O  O   . HOH C 3 .  ? -17.359 -14.354 -2.609  1.00 34.00 ? 279 HOH A O   1 
HETATM 824 O  O   . HOH C 3 .  ? -5.468  -2.989  19.587  1.00 32.27 ? 280 HOH A O   1 
HETATM 825 O  O   . HOH C 3 .  ? 7.183   -9.003  -10.190 1.00 33.62 ? 281 HOH A O   1 
HETATM 826 O  O   . HOH C 3 .  ? 6.525   17.665  -15.035 1.00 32.64 ? 282 HOH A O   1 
HETATM 827 O  O   . HOH C 3 .  ? -1.732  -20.860 -5.129  1.00 34.38 ? 283 HOH A O   1 
HETATM 828 O  O   . HOH C 3 .  ? -7.812  -1.133  14.736  1.00 23.68 ? 284 HOH A O   1 
HETATM 829 O  O   . HOH C 3 .  ? -6.287  -17.375 -8.373  1.00 29.82 ? 285 HOH A O   1 
HETATM 830 O  O   . HOH C 3 .  ? -3.727  -19.661 8.688   1.00 19.57 ? 286 HOH A O   1 
HETATM 831 O  O   . HOH C 3 .  ? 2.409   20.676  -9.750  1.00 22.84 ? 287 HOH A O   1 
HETATM 832 O  O   . HOH C 3 .  ? 9.374   -10.766 -7.164  1.00 26.65 ? 288 HOH A O   1 
HETATM 833 O  O   . HOH C 3 .  ? -6.892  -12.218 23.492  1.00 25.36 ? 289 HOH A O   1 
HETATM 834 O  O   . HOH C 3 .  ? 11.808  -8.096  1.626   1.00 15.65 ? 290 HOH A O   1 
HETATM 835 O  O   . HOH C 3 .  ? -5.053  33.072  -24.486 1.00 44.08 ? 291 HOH A O   1 
HETATM 836 O  O   . HOH C 3 .  ? 5.928   -0.905  -6.892  1.00 20.09 ? 292 HOH A O   1 
HETATM 837 O  O   . HOH C 3 .  ? -11.077 -3.664  9.359   1.00 20.91 ? 293 HOH A O   1 
HETATM 838 O  O   . HOH C 3 .  ? 5.078   21.156  -10.582 1.00 20.21 ? 294 HOH A O   1 
HETATM 839 O  O   . HOH C 3 .  ? -3.202  0.435   16.990  1.00 23.98 ? 295 HOH A O   1 
HETATM 840 O  O   . HOH C 3 .  ? 3.404   18.552  -20.585 1.00 28.32 ? 296 HOH A O   1 
HETATM 841 O  O   . HOH C 3 .  ? 1.642   -13.515 25.325  1.00 31.70 ? 297 HOH A O   1 
HETATM 842 O  O   . HOH C 3 .  ? -0.863  -17.869 -1.501  1.00 30.13 ? 298 HOH A O   1 
HETATM 843 O  O   . HOH C 3 .  ? 1.913   -5.869  -10.664 0.50 20.98 ? 299 HOH A O   1 
HETATM 844 O  O   . HOH C 3 .  ? 7.263   -0.274  -13.211 1.00 33.77 ? 300 HOH A O   1 
HETATM 845 O  O   . HOH C 3 .  ? 1.146   29.028  -16.487 1.00 40.28 ? 301 HOH A O   1 
HETATM 846 O  O   . HOH C 3 .  ? -4.302  14.575  -11.984 1.00 34.45 ? 302 HOH A O   1 
HETATM 847 O  O   . HOH C 3 .  ? -12.808 -10.170 12.704  1.00 24.22 ? 303 HOH A O   1 
HETATM 848 O  O   . HOH C 3 .  ? -13.885 -4.157  9.161   1.00 27.70 ? 304 HOH A O   1 
HETATM 849 O  O   . HOH C 3 .  ? 12.679  -4.701  -9.997  1.00 32.18 ? 305 HOH A O   1 
HETATM 850 O  O   . HOH C 3 .  ? -8.631  -16.036 18.548  1.00 32.77 ? 306 HOH A O   1 
HETATM 851 O  O   . HOH C 3 .  ? -14.486 -15.804 -0.479  1.00 32.34 ? 307 HOH A O   1 
HETATM 852 O  O   . HOH C 3 .  ? -5.366  -15.158 22.598  1.00 30.79 ? 308 HOH A O   1 
HETATM 853 O  O   . HOH C 3 .  ? -4.101  16.714  -8.339  1.00 32.19 ? 309 HOH A O   1 
HETATM 854 O  O   . HOH C 3 .  ? 8.551   -8.711  -5.218  1.00 23.92 ? 310 HOH A O   1 
HETATM 855 O  O   . HOH C 3 .  ? -17.068 -14.993 0.165   1.00 32.79 ? 311 HOH A O   1 
HETATM 856 O  O   . HOH C 3 .  ? -7.276  -15.234 20.970  1.00 40.93 ? 312 HOH A O   1 
HETATM 857 O  O   . HOH C 3 .  ? 8.561   10.253  -2.560  1.00 26.36 ? 313 HOH A O   1 
HETATM 858 O  O   . HOH C 3 .  ? 7.248   5.863   -10.655 1.00 29.86 ? 314 HOH A O   1 
HETATM 859 O  O   . HOH C 3 .  ? 8.986   -5.790  -8.841  1.00 33.97 ? 315 HOH A O   1 
HETATM 860 O  O   . HOH C 3 .  ? -1.049  -11.039 26.505  1.00 26.47 ? 316 HOH A O   1 
HETATM 861 O  O   . HOH C 3 .  ? -3.412  36.340  -22.542 1.00 38.08 ? 317 HOH A O   1 
HETATM 862 O  O   . HOH C 3 .  ? -14.429 -8.237  11.534  1.00 24.06 ? 318 HOH A O   1 
HETATM 863 O  O   . HOH C 3 .  ? 6.523   18.445  -10.188 1.00 30.01 ? 319 HOH A O   1 
HETATM 864 O  O   . HOH C 3 .  ? 2.344   -18.480 -13.575 1.00 40.69 ? 320 HOH A O   1 
HETATM 865 O  O   . HOH C 3 .  ? 5.269   9.887   8.436   1.00 31.62 ? 321 HOH A O   1 
HETATM 866 O  O   . HOH C 3 .  ? -6.655  19.032  -20.134 1.00 40.48 ? 322 HOH A O   1 
HETATM 867 O  O   . HOH C 3 .  ? 9.218   19.393  -10.760 1.00 31.48 ? 323 HOH A O   1 
HETATM 868 O  O   . HOH C 3 .  ? -7.693  17.288  -5.337  0.50 41.02 ? 324 HOH A O   1 
# 
